data_3IY4
# 
_entry.id   3IY4 
# 
_audit_conform.dict_name       mmcif_pdbx.dic 
_audit_conform.dict_version    5.399 
_audit_conform.dict_location   http://mmcif.pdb.org/dictionaries/ascii/mmcif_pdbx.dic 
# 
loop_
_database_2.database_id 
_database_2.database_code 
_database_2.pdbx_database_accession 
_database_2.pdbx_DOI 
PDB   3IY4         pdb_00003iy4 10.2210/pdb3iy4/pdb 
RCSB  RCSB160010   ?            ?                   
WWPDB D_1000160010 ?            ?                   
# 
loop_
_pdbx_audit_revision_history.ordinal 
_pdbx_audit_revision_history.data_content_type 
_pdbx_audit_revision_history.major_revision 
_pdbx_audit_revision_history.minor_revision 
_pdbx_audit_revision_history.revision_date 
1 'Structure model' 1 0 2009-05-12 
2 'Structure model' 1 1 2011-07-13 
3 'Structure model' 1 2 2018-07-18 
4 'Structure model' 1 3 2024-11-27 
# 
_pdbx_audit_revision_details.ordinal             1 
_pdbx_audit_revision_details.revision_ordinal    1 
_pdbx_audit_revision_details.data_content_type   'Structure model' 
_pdbx_audit_revision_details.provider            repository 
_pdbx_audit_revision_details.type                'Initial release' 
_pdbx_audit_revision_details.description         ? 
_pdbx_audit_revision_details.details             ? 
# 
loop_
_pdbx_audit_revision_group.ordinal 
_pdbx_audit_revision_group.revision_ordinal 
_pdbx_audit_revision_group.data_content_type 
_pdbx_audit_revision_group.group 
1 2 'Structure model' 'Version format compliance' 
2 3 'Structure model' 'Data collection'           
3 4 'Structure model' 'Data collection'           
4 4 'Structure model' 'Database references'       
5 4 'Structure model' 'Structure summary'         
# 
loop_
_pdbx_audit_revision_category.ordinal 
_pdbx_audit_revision_category.revision_ordinal 
_pdbx_audit_revision_category.data_content_type 
_pdbx_audit_revision_category.category 
1 3 'Structure model' em_software               
2 4 'Structure model' chem_comp_atom            
3 4 'Structure model' chem_comp_bond            
4 4 'Structure model' database_2                
5 4 'Structure model' pdbx_entry_details        
6 4 'Structure model' pdbx_modification_feature 
# 
loop_
_pdbx_audit_revision_item.ordinal 
_pdbx_audit_revision_item.revision_ordinal 
_pdbx_audit_revision_item.data_content_type 
_pdbx_audit_revision_item.item 
1 3 'Structure model' '_em_software.image_processing_id'    
2 4 'Structure model' '_database_2.pdbx_DOI'                
3 4 'Structure model' '_database_2.pdbx_database_accession' 
# 
_database_PDB_caveat.id     1 
_database_PDB_caveat.text   'Chirality errors at CA centers of ARG 63 of chain A and PHE 212 of chain B' 
# 
_pdbx_database_status.status_code                     REL 
_pdbx_database_status.entry_id                        3IY4 
_pdbx_database_status.recvd_initial_deposition_date   2009-04-09 
_pdbx_database_status.deposit_site                    RCSB 
_pdbx_database_status.process_site                    RCSB 
_pdbx_database_status.status_code_sf                  ? 
_pdbx_database_status.status_code_mr                  ? 
_pdbx_database_status.SG_entry                        ? 
_pdbx_database_status.pdb_format_compatible           Y 
_pdbx_database_status.status_code_cs                  ? 
_pdbx_database_status.methods_development_category    ? 
_pdbx_database_status.status_code_nmr_data            ? 
# 
_pdbx_database_related.db_name        EMDB 
_pdbx_database_related.db_id          EMD-5109 
_pdbx_database_related.content_type   'associated EM volume' 
_pdbx_database_related.details        'the cryoEM reconstruction of the virus-Fab 15 complex' 
# 
loop_
_audit_author.name 
_audit_author.pdbx_ordinal 
'Hafenstein, S.' 1 
'Bowman, V.D.'   2 
'Sun, T.'        3 
'Nelson, C.D.'   4 
'Palermo, L.M.'  5 
'Chipman, P.R.'  6 
'Battisti, A.J.' 7 
'Parrish, C.R.'  8 
'Rossmann, M.G.' 9 
# 
_citation.id                        primary 
_citation.title                     'Structural comparison of different antibodies interacting with parvovirus capsids' 
_citation.journal_abbrev            J.Virol. 
_citation.journal_volume            83 
_citation.page_first                5556 
_citation.page_last                 5566 
_citation.year                      2009 
_citation.journal_id_ASTM           JOVIAM 
_citation.country                   US 
_citation.journal_id_ISSN           0022-538X 
_citation.journal_id_CSD            0825 
_citation.book_publisher            ? 
_citation.pdbx_database_id_PubMed   19321620 
_citation.pdbx_database_id_DOI      10.1128/JVI.02532-08 
# 
loop_
_citation_author.citation_id 
_citation_author.name 
_citation_author.ordinal 
_citation_author.identifier_ORCID 
primary 'Hafenstein, S.' 1 ? 
primary 'Bowman, V.D.'   2 ? 
primary 'Sun, T.'        3 ? 
primary 'Nelson, C.D.'   4 ? 
primary 'Palermo, L.M.'  5 ? 
primary 'Chipman, P.R.'  6 ? 
primary 'Battisti, A.J.' 7 ? 
primary 'Parrish, C.R.'  8 ? 
primary 'Rossmann, M.G.' 9 ? 
# 
loop_
_entity.id 
_entity.type 
_entity.src_method 
_entity.pdbx_description 
_entity.formula_weight 
_entity.pdbx_number_of_molecules 
_entity.pdbx_ec 
_entity.pdbx_mutation 
_entity.pdbx_fragment 
_entity.details 
1 polymer nat 'fragment of neutralizing antibody 15 (light chain)' 11970.164 1 ? ? 'fragment of neutralizing antibody 15' ? 
2 polymer nat 'fragment of neutralizing antibody 15 (heavy chain)' 12367.916 1 ? ? ?                                      ? 
# 
loop_
_entity_poly.entity_id 
_entity_poly.type 
_entity_poly.nstd_linkage 
_entity_poly.nstd_monomer 
_entity_poly.pdbx_seq_one_letter_code 
_entity_poly.pdbx_seq_one_letter_code_can 
_entity_poly.pdbx_strand_id 
_entity_poly.pdbx_target_identifier 
1 'polypeptide(L)' no no 
;LMTQIPASLAVSLGQRATISCKASQSVDYEGDSYMNWYQQKPGQPPKLLIYAASNLESGIPARFSGSGSGTDFTLNIHPV
EEEDAATYYCQQSNGDPYTFGGGTKLDTKRA
;
;LMTQIPASLAVSLGQRATISCKASQSVDYEGDSYMNWYQQKPGQPPKLLIYAASNLESGIPARFSGSGSGTDFTLNIHPV
EEEDAATYYCQQSNGDPYTFGGGTKLDTKRA
;
A ? 
2 'polypeptide(L)' no no 
;SGPELKKPGETVKISCKASGYTFTNYGMNWVKQAPGEGLKWMGWINTSSGKATYADDFKGRFAFSLKPSASTAYLQINNL
KNEDMATYFCARLGYRSYFDFWGQGTTLTVS
;
;SGPELKKPGETVKISCKASGYTFTNYGMNWVKQAPGEGLKWMGWINTSSGKATYADDFKGRFAFSLKPSASTAYLQINNL
KNEDMATYFCARLGYRSYFDFWGQGTTLTVS
;
B ? 
# 
loop_
_entity_poly_seq.entity_id 
_entity_poly_seq.num 
_entity_poly_seq.mon_id 
_entity_poly_seq.hetero 
1 1   LEU n 
1 2   MET n 
1 3   THR n 
1 4   GLN n 
1 5   ILE n 
1 6   PRO n 
1 7   ALA n 
1 8   SER n 
1 9   LEU n 
1 10  ALA n 
1 11  VAL n 
1 12  SER n 
1 13  LEU n 
1 14  GLY n 
1 15  GLN n 
1 16  ARG n 
1 17  ALA n 
1 18  THR n 
1 19  ILE n 
1 20  SER n 
1 21  CYS n 
1 22  LYS n 
1 23  ALA n 
1 24  SER n 
1 25  GLN n 
1 26  SER n 
1 27  VAL n 
1 28  ASP n 
1 29  TYR n 
1 30  GLU n 
1 31  GLY n 
1 32  ASP n 
1 33  SER n 
1 34  TYR n 
1 35  MET n 
1 36  ASN n 
1 37  TRP n 
1 38  TYR n 
1 39  GLN n 
1 40  GLN n 
1 41  LYS n 
1 42  PRO n 
1 43  GLY n 
1 44  GLN n 
1 45  PRO n 
1 46  PRO n 
1 47  LYS n 
1 48  LEU n 
1 49  LEU n 
1 50  ILE n 
1 51  TYR n 
1 52  ALA n 
1 53  ALA n 
1 54  SER n 
1 55  ASN n 
1 56  LEU n 
1 57  GLU n 
1 58  SER n 
1 59  GLY n 
1 60  ILE n 
1 61  PRO n 
1 62  ALA n 
1 63  ARG n 
1 64  PHE n 
1 65  SER n 
1 66  GLY n 
1 67  SER n 
1 68  GLY n 
1 69  SER n 
1 70  GLY n 
1 71  THR n 
1 72  ASP n 
1 73  PHE n 
1 74  THR n 
1 75  LEU n 
1 76  ASN n 
1 77  ILE n 
1 78  HIS n 
1 79  PRO n 
1 80  VAL n 
1 81  GLU n 
1 82  GLU n 
1 83  GLU n 
1 84  ASP n 
1 85  ALA n 
1 86  ALA n 
1 87  THR n 
1 88  TYR n 
1 89  TYR n 
1 90  CYS n 
1 91  GLN n 
1 92  GLN n 
1 93  SER n 
1 94  ASN n 
1 95  GLY n 
1 96  ASP n 
1 97  PRO n 
1 98  TYR n 
1 99  THR n 
1 100 PHE n 
1 101 GLY n 
1 102 GLY n 
1 103 GLY n 
1 104 THR n 
1 105 LYS n 
1 106 LEU n 
1 107 ASP n 
1 108 THR n 
1 109 LYS n 
1 110 ARG n 
1 111 ALA n 
2 1   SER n 
2 2   GLY n 
2 3   PRO n 
2 4   GLU n 
2 5   LEU n 
2 6   LYS n 
2 7   LYS n 
2 8   PRO n 
2 9   GLY n 
2 10  GLU n 
2 11  THR n 
2 12  VAL n 
2 13  LYS n 
2 14  ILE n 
2 15  SER n 
2 16  CYS n 
2 17  LYS n 
2 18  ALA n 
2 19  SER n 
2 20  GLY n 
2 21  TYR n 
2 22  THR n 
2 23  PHE n 
2 24  THR n 
2 25  ASN n 
2 26  TYR n 
2 27  GLY n 
2 28  MET n 
2 29  ASN n 
2 30  TRP n 
2 31  VAL n 
2 32  LYS n 
2 33  GLN n 
2 34  ALA n 
2 35  PRO n 
2 36  GLY n 
2 37  GLU n 
2 38  GLY n 
2 39  LEU n 
2 40  LYS n 
2 41  TRP n 
2 42  MET n 
2 43  GLY n 
2 44  TRP n 
2 45  ILE n 
2 46  ASN n 
2 47  THR n 
2 48  SER n 
2 49  SER n 
2 50  GLY n 
2 51  LYS n 
2 52  ALA n 
2 53  THR n 
2 54  TYR n 
2 55  ALA n 
2 56  ASP n 
2 57  ASP n 
2 58  PHE n 
2 59  LYS n 
2 60  GLY n 
2 61  ARG n 
2 62  PHE n 
2 63  ALA n 
2 64  PHE n 
2 65  SER n 
2 66  LEU n 
2 67  LYS n 
2 68  PRO n 
2 69  SER n 
2 70  ALA n 
2 71  SER n 
2 72  THR n 
2 73  ALA n 
2 74  TYR n 
2 75  LEU n 
2 76  GLN n 
2 77  ILE n 
2 78  ASN n 
2 79  ASN n 
2 80  LEU n 
2 81  LYS n 
2 82  ASN n 
2 83  GLU n 
2 84  ASP n 
2 85  MET n 
2 86  ALA n 
2 87  THR n 
2 88  TYR n 
2 89  PHE n 
2 90  CYS n 
2 91  ALA n 
2 92  ARG n 
2 93  LEU n 
2 94  GLY n 
2 95  TYR n 
2 96  ARG n 
2 97  SER n 
2 98  TYR n 
2 99  PHE n 
2 100 ASP n 
2 101 PHE n 
2 102 TRP n 
2 103 GLY n 
2 104 GLN n 
2 105 GLY n 
2 106 THR n 
2 107 THR n 
2 108 LEU n 
2 109 THR n 
2 110 VAL n 
2 111 SER n 
# 
loop_
_entity_src_nat.entity_id 
_entity_src_nat.pdbx_src_id 
_entity_src_nat.pdbx_alt_source_flag 
_entity_src_nat.pdbx_beg_seq_num 
_entity_src_nat.pdbx_end_seq_num 
_entity_src_nat.common_name 
_entity_src_nat.pdbx_organism_scientific 
_entity_src_nat.pdbx_ncbi_taxonomy_id 
_entity_src_nat.genus 
_entity_src_nat.species 
_entity_src_nat.strain 
_entity_src_nat.tissue 
_entity_src_nat.tissue_fraction 
_entity_src_nat.pdbx_secretion 
_entity_src_nat.pdbx_fragment 
_entity_src_nat.pdbx_variant 
_entity_src_nat.pdbx_cell_line 
_entity_src_nat.pdbx_atcc 
_entity_src_nat.pdbx_cellular_location 
_entity_src_nat.pdbx_organ 
_entity_src_nat.pdbx_organelle 
_entity_src_nat.pdbx_cell 
_entity_src_nat.pdbx_plasmid_name 
_entity_src_nat.pdbx_plasmid_details 
_entity_src_nat.details 
1 1 sample ? ? ? 'Mus musculus' 10090 ? ? ? ? ? ? ? ? ? ? ? ? ? ? ? ? ? 
2 1 sample ? ? ? 'Mus musculus' 10090 ? ? ? ? ? ? ? ? ? ? ? ? ? ? ? ? ? 
# 
loop_
_chem_comp.id 
_chem_comp.type 
_chem_comp.mon_nstd_flag 
_chem_comp.name 
_chem_comp.pdbx_synonyms 
_chem_comp.formula 
_chem_comp.formula_weight 
ALA 'L-peptide linking' y ALANINE         ? 'C3 H7 N O2'     89.093  
ARG 'L-peptide linking' y ARGININE        ? 'C6 H15 N4 O2 1' 175.209 
ASN 'L-peptide linking' y ASPARAGINE      ? 'C4 H8 N2 O3'    132.118 
ASP 'L-peptide linking' y 'ASPARTIC ACID' ? 'C4 H7 N O4'     133.103 
CYS 'L-peptide linking' y CYSTEINE        ? 'C3 H7 N O2 S'   121.158 
GLN 'L-peptide linking' y GLUTAMINE       ? 'C5 H10 N2 O3'   146.144 
GLU 'L-peptide linking' y 'GLUTAMIC ACID' ? 'C5 H9 N O4'     147.129 
GLY 'peptide linking'   y GLYCINE         ? 'C2 H5 N O2'     75.067  
HIS 'L-peptide linking' y HISTIDINE       ? 'C6 H10 N3 O2 1' 156.162 
ILE 'L-peptide linking' y ISOLEUCINE      ? 'C6 H13 N O2'    131.173 
LEU 'L-peptide linking' y LEUCINE         ? 'C6 H13 N O2'    131.173 
LYS 'L-peptide linking' y LYSINE          ? 'C6 H15 N2 O2 1' 147.195 
MET 'L-peptide linking' y METHIONINE      ? 'C5 H11 N O2 S'  149.211 
PHE 'L-peptide linking' y PHENYLALANINE   ? 'C9 H11 N O2'    165.189 
PRO 'L-peptide linking' y PROLINE         ? 'C5 H9 N O2'     115.130 
SER 'L-peptide linking' y SERINE          ? 'C3 H7 N O3'     105.093 
THR 'L-peptide linking' y THREONINE       ? 'C4 H9 N O3'     119.119 
TRP 'L-peptide linking' y TRYPTOPHAN      ? 'C11 H12 N2 O2'  204.225 
TYR 'L-peptide linking' y TYROSINE        ? 'C9 H11 N O3'    181.189 
VAL 'L-peptide linking' y VALINE          ? 'C5 H11 N O2'    117.146 
# 
loop_
_pdbx_poly_seq_scheme.asym_id 
_pdbx_poly_seq_scheme.entity_id 
_pdbx_poly_seq_scheme.seq_id 
_pdbx_poly_seq_scheme.mon_id 
_pdbx_poly_seq_scheme.ndb_seq_num 
_pdbx_poly_seq_scheme.pdb_seq_num 
_pdbx_poly_seq_scheme.auth_seq_num 
_pdbx_poly_seq_scheme.pdb_mon_id 
_pdbx_poly_seq_scheme.auth_mon_id 
_pdbx_poly_seq_scheme.pdb_strand_id 
_pdbx_poly_seq_scheme.pdb_ins_code 
_pdbx_poly_seq_scheme.hetero 
A 1 1   LEU 1   1   1   LEU LEU A . n 
A 1 2   MET 2   2   2   MET MET A . n 
A 1 3   THR 3   3   3   THR THR A . n 
A 1 4   GLN 4   4   4   GLN GLN A . n 
A 1 5   ILE 5   5   5   ILE ILE A . n 
A 1 6   PRO 6   6   6   PRO PRO A . n 
A 1 7   ALA 7   7   7   ALA ALA A . n 
A 1 8   SER 8   8   8   SER SER A . n 
A 1 9   LEU 9   9   9   LEU LEU A . n 
A 1 10  ALA 10  10  10  ALA ALA A . n 
A 1 11  VAL 11  11  11  VAL VAL A . n 
A 1 12  SER 12  12  12  SER SER A . n 
A 1 13  LEU 13  13  13  LEU LEU A . n 
A 1 14  GLY 14  14  14  GLY GLY A . n 
A 1 15  GLN 15  15  15  GLN GLN A . n 
A 1 16  ARG 16  16  16  ARG ARG A . n 
A 1 17  ALA 17  17  17  ALA ALA A . n 
A 1 18  THR 18  18  18  THR THR A . n 
A 1 19  ILE 19  19  19  ILE ILE A . n 
A 1 20  SER 20  20  20  SER SER A . n 
A 1 21  CYS 21  21  21  CYS CYS A . n 
A 1 22  LYS 22  22  22  LYS LYS A . n 
A 1 23  ALA 23  23  23  ALA ALA A . n 
A 1 24  SER 24  24  24  SER SER A . n 
A 1 25  GLN 25  25  25  GLN GLN A . n 
A 1 26  SER 26  26  26  SER SER A . n 
A 1 27  VAL 27  27  27  VAL VAL A . n 
A 1 28  ASP 28  28  28  ASP ASP A . n 
A 1 29  TYR 29  29  29  TYR TYR A . n 
A 1 30  GLU 30  30  30  GLU GLU A . n 
A 1 31  GLY 31  31  31  GLY GLY A . n 
A 1 32  ASP 32  32  32  ASP ASP A . n 
A 1 33  SER 33  33  33  SER SER A . n 
A 1 34  TYR 34  34  34  TYR TYR A . n 
A 1 35  MET 35  35  35  MET MET A . n 
A 1 36  ASN 36  36  36  ASN ASN A . n 
A 1 37  TRP 37  37  37  TRP TRP A . n 
A 1 38  TYR 38  38  38  TYR TYR A . n 
A 1 39  GLN 39  39  39  GLN GLN A . n 
A 1 40  GLN 40  40  40  GLN GLN A . n 
A 1 41  LYS 41  41  41  LYS LYS A . n 
A 1 42  PRO 42  42  42  PRO PRO A . n 
A 1 43  GLY 43  43  43  GLY GLY A . n 
A 1 44  GLN 44  44  44  GLN GLN A . n 
A 1 45  PRO 45  45  45  PRO PRO A . n 
A 1 46  PRO 46  46  46  PRO PRO A . n 
A 1 47  LYS 47  47  47  LYS LYS A . n 
A 1 48  LEU 48  48  48  LEU LEU A . n 
A 1 49  LEU 49  49  49  LEU LEU A . n 
A 1 50  ILE 50  50  50  ILE ILE A . n 
A 1 51  TYR 51  51  51  TYR TYR A . n 
A 1 52  ALA 52  52  52  ALA ALA A . n 
A 1 53  ALA 53  53  53  ALA ALA A . n 
A 1 54  SER 54  54  54  SER SER A . n 
A 1 55  ASN 55  55  55  ASN ASN A . n 
A 1 56  LEU 56  56  56  LEU LEU A . n 
A 1 57  GLU 57  57  57  GLU GLU A . n 
A 1 58  SER 58  58  58  SER SER A . n 
A 1 59  GLY 59  59  59  GLY GLY A . n 
A 1 60  ILE 60  60  60  ILE ILE A . n 
A 1 61  PRO 61  61  61  PRO PRO A . n 
A 1 62  ALA 62  62  62  ALA ALA A . n 
A 1 63  ARG 63  63  63  ARG ARG A . n 
A 1 64  PHE 64  64  64  PHE PHE A . n 
A 1 65  SER 65  65  65  SER SER A . n 
A 1 66  GLY 66  66  66  GLY GLY A . n 
A 1 67  SER 67  67  67  SER SER A . n 
A 1 68  GLY 68  68  68  GLY GLY A . n 
A 1 69  SER 69  69  69  SER SER A . n 
A 1 70  GLY 70  70  70  GLY GLY A . n 
A 1 71  THR 71  71  71  THR THR A . n 
A 1 72  ASP 72  72  72  ASP ASP A . n 
A 1 73  PHE 73  73  73  PHE PHE A . n 
A 1 74  THR 74  74  74  THR THR A . n 
A 1 75  LEU 75  75  75  LEU LEU A . n 
A 1 76  ASN 76  76  76  ASN ASN A . n 
A 1 77  ILE 77  77  77  ILE ILE A . n 
A 1 78  HIS 78  78  78  HIS HIS A . n 
A 1 79  PRO 79  79  79  PRO PRO A . n 
A 1 80  VAL 80  80  80  VAL VAL A . n 
A 1 81  GLU 81  81  81  GLU GLU A . n 
A 1 82  GLU 82  82  82  GLU GLU A . n 
A 1 83  GLU 83  83  83  GLU GLU A . n 
A 1 84  ASP 84  84  84  ASP ASP A . n 
A 1 85  ALA 85  85  85  ALA ALA A . n 
A 1 86  ALA 86  86  86  ALA ALA A . n 
A 1 87  THR 87  87  87  THR THR A . n 
A 1 88  TYR 88  88  88  TYR TYR A . n 
A 1 89  TYR 89  89  89  TYR TYR A . n 
A 1 90  CYS 90  90  90  CYS CYS A . n 
A 1 91  GLN 91  91  91  GLN GLN A . n 
A 1 92  GLN 92  92  92  GLN GLN A . n 
A 1 93  SER 93  93  93  SER SER A . n 
A 1 94  ASN 94  94  94  ASN ASN A . n 
A 1 95  GLY 95  95  95  GLY GLY A . n 
A 1 96  ASP 96  96  96  ASP ASP A . n 
A 1 97  PRO 97  97  97  PRO PRO A . n 
A 1 98  TYR 98  98  98  TYR TYR A . n 
A 1 99  THR 99  99  99  THR THR A . n 
A 1 100 PHE 100 100 100 PHE PHE A . n 
A 1 101 GLY 101 101 101 GLY GLY A . n 
A 1 102 GLY 102 102 102 GLY GLY A . n 
A 1 103 GLY 103 103 103 GLY GLY A . n 
A 1 104 THR 104 104 104 THR THR A . n 
A 1 105 LYS 105 105 105 LYS LYS A . n 
A 1 106 LEU 106 106 106 LEU LEU A . n 
A 1 107 ASP 107 107 107 ASP ASP A . n 
A 1 108 THR 108 108 108 THR THR A . n 
A 1 109 LYS 109 109 109 LYS LYS A . n 
A 1 110 ARG 110 110 110 ARG ARG A . n 
A 1 111 ALA 111 111 111 ALA ALA A . n 
B 2 1   SER 1   112 112 SER SER B . n 
B 2 2   GLY 2   113 113 GLY GLY B . n 
B 2 3   PRO 3   114 114 PRO PRO B . n 
B 2 4   GLU 4   115 115 GLU GLU B . n 
B 2 5   LEU 5   116 116 LEU LEU B . n 
B 2 6   LYS 6   117 117 LYS LYS B . n 
B 2 7   LYS 7   118 118 LYS LYS B . n 
B 2 8   PRO 8   119 119 PRO PRO B . n 
B 2 9   GLY 9   120 120 GLY GLY B . n 
B 2 10  GLU 10  121 121 GLU GLU B . n 
B 2 11  THR 11  122 122 THR THR B . n 
B 2 12  VAL 12  123 123 VAL VAL B . n 
B 2 13  LYS 13  124 124 LYS LYS B . n 
B 2 14  ILE 14  125 125 ILE ILE B . n 
B 2 15  SER 15  126 126 SER SER B . n 
B 2 16  CYS 16  127 127 CYS CYS B . n 
B 2 17  LYS 17  128 128 LYS LYS B . n 
B 2 18  ALA 18  129 129 ALA ALA B . n 
B 2 19  SER 19  130 130 SER SER B . n 
B 2 20  GLY 20  131 131 GLY GLY B . n 
B 2 21  TYR 21  132 132 TYR TYR B . n 
B 2 22  THR 22  133 133 THR THR B . n 
B 2 23  PHE 23  134 134 PHE PHE B . n 
B 2 24  THR 24  135 135 THR THR B . n 
B 2 25  ASN 25  136 136 ASN ASN B . n 
B 2 26  TYR 26  137 137 TYR TYR B . n 
B 2 27  GLY 27  138 138 GLY GLY B . n 
B 2 28  MET 28  139 139 MET MET B . n 
B 2 29  ASN 29  140 140 ASN ASN B . n 
B 2 30  TRP 30  141 141 TRP TRP B . n 
B 2 31  VAL 31  142 142 VAL VAL B . n 
B 2 32  LYS 32  143 143 LYS LYS B . n 
B 2 33  GLN 33  144 144 GLN GLN B . n 
B 2 34  ALA 34  145 145 ALA ALA B . n 
B 2 35  PRO 35  146 146 PRO PRO B . n 
B 2 36  GLY 36  147 147 GLY GLY B . n 
B 2 37  GLU 37  148 148 GLU GLU B . n 
B 2 38  GLY 38  149 149 GLY GLY B . n 
B 2 39  LEU 39  150 150 LEU LEU B . n 
B 2 40  LYS 40  151 151 LYS LYS B . n 
B 2 41  TRP 41  152 152 TRP TRP B . n 
B 2 42  MET 42  153 153 MET MET B . n 
B 2 43  GLY 43  154 154 GLY GLY B . n 
B 2 44  TRP 44  155 155 TRP TRP B . n 
B 2 45  ILE 45  156 156 ILE ILE B . n 
B 2 46  ASN 46  157 157 ASN ASN B . n 
B 2 47  THR 47  158 158 THR THR B . n 
B 2 48  SER 48  159 159 SER SER B . n 
B 2 49  SER 49  160 160 SER SER B . n 
B 2 50  GLY 50  161 161 GLY GLY B . n 
B 2 51  LYS 51  162 162 LYS LYS B . n 
B 2 52  ALA 52  163 163 ALA ALA B . n 
B 2 53  THR 53  164 164 THR THR B . n 
B 2 54  TYR 54  165 165 TYR TYR B . n 
B 2 55  ALA 55  166 166 ALA ALA B . n 
B 2 56  ASP 56  167 167 ASP ASP B . n 
B 2 57  ASP 57  168 168 ASP ASP B . n 
B 2 58  PHE 58  169 169 PHE PHE B . n 
B 2 59  LYS 59  170 170 LYS LYS B . n 
B 2 60  GLY 60  171 171 GLY GLY B . n 
B 2 61  ARG 61  172 172 ARG ARG B . n 
B 2 62  PHE 62  173 173 PHE PHE B . n 
B 2 63  ALA 63  174 174 ALA ALA B . n 
B 2 64  PHE 64  175 175 PHE PHE B . n 
B 2 65  SER 65  176 176 SER SER B . n 
B 2 66  LEU 66  177 177 LEU LEU B . n 
B 2 67  LYS 67  178 178 LYS LYS B . n 
B 2 68  PRO 68  179 179 PRO PRO B . n 
B 2 69  SER 69  180 180 SER SER B . n 
B 2 70  ALA 70  181 181 ALA ALA B . n 
B 2 71  SER 71  182 182 SER SER B . n 
B 2 72  THR 72  183 183 THR THR B . n 
B 2 73  ALA 73  184 184 ALA ALA B . n 
B 2 74  TYR 74  185 185 TYR TYR B . n 
B 2 75  LEU 75  186 186 LEU LEU B . n 
B 2 76  GLN 76  187 187 GLN GLN B . n 
B 2 77  ILE 77  188 188 ILE ILE B . n 
B 2 78  ASN 78  189 189 ASN ASN B . n 
B 2 79  ASN 79  190 190 ASN ASN B . n 
B 2 80  LEU 80  191 191 LEU LEU B . n 
B 2 81  LYS 81  192 192 LYS LYS B . n 
B 2 82  ASN 82  193 193 ASN ASN B . n 
B 2 83  GLU 83  194 194 GLU GLU B . n 
B 2 84  ASP 84  195 195 ASP ASP B . n 
B 2 85  MET 85  196 196 MET MET B . n 
B 2 86  ALA 86  197 197 ALA ALA B . n 
B 2 87  THR 87  198 198 THR THR B . n 
B 2 88  TYR 88  199 199 TYR TYR B . n 
B 2 89  PHE 89  200 200 PHE PHE B . n 
B 2 90  CYS 90  201 201 CYS CYS B . n 
B 2 91  ALA 91  202 202 ALA ALA B . n 
B 2 92  ARG 92  203 203 ARG ARG B . n 
B 2 93  LEU 93  204 204 LEU LEU B . n 
B 2 94  GLY 94  205 205 GLY GLY B . n 
B 2 95  TYR 95  206 206 TYR TYR B . n 
B 2 96  ARG 96  207 207 ARG ARG B . n 
B 2 97  SER 97  208 208 SER SER B . n 
B 2 98  TYR 98  209 209 TYR TYR B . n 
B 2 99  PHE 99  210 210 PHE PHE B . n 
B 2 100 ASP 100 211 211 ASP ASP B . n 
B 2 101 PHE 101 212 212 PHE PHE B . n 
B 2 102 TRP 102 213 213 TRP TRP B . n 
B 2 103 GLY 103 214 214 GLY GLY B . n 
B 2 104 GLN 104 215 215 GLN GLN B . n 
B 2 105 GLY 105 216 216 GLY GLY B . n 
B 2 106 THR 106 217 217 THR THR B . n 
B 2 107 THR 107 218 218 THR THR B . n 
B 2 108 LEU 108 219 219 LEU LEU B . n 
B 2 109 THR 109 220 220 THR THR B . n 
B 2 110 VAL 110 221 221 VAL VAL B . n 
B 2 111 SER 111 222 222 SER SER B . n 
# 
_cell.entry_id           3IY4 
_cell.length_a           1.000 
_cell.length_b           1.000 
_cell.length_c           1.000 
_cell.angle_alpha        90.00 
_cell.angle_beta         90.00 
_cell.angle_gamma        90.00 
_cell.Z_PDB              1 
_cell.pdbx_unique_axis   ? 
_cell.length_a_esd       ? 
_cell.length_b_esd       ? 
_cell.length_c_esd       ? 
_cell.angle_alpha_esd    ? 
_cell.angle_beta_esd     ? 
_cell.angle_gamma_esd    ? 
# 
_symmetry.entry_id                         3IY4 
_symmetry.space_group_name_H-M             'P 1' 
_symmetry.pdbx_full_space_group_name_H-M   ? 
_symmetry.cell_setting                     ? 
_symmetry.Int_Tables_number                1 
_symmetry.space_group_name_Hall            ? 
# 
_exptl.entry_id          3IY4 
_exptl.method            'ELECTRON MICROSCOPY' 
_exptl.crystals_number   ? 
# 
_exptl_crystal.id                    1 
_exptl_crystal.density_meas          ? 
_exptl_crystal.density_Matthews      ? 
_exptl_crystal.density_percent_sol   ? 
_exptl_crystal.description           ? 
# 
_diffrn.id                     1 
_diffrn.ambient_temp           ? 
_diffrn.ambient_temp_details   ? 
_diffrn.crystal_id             1 
# 
_diffrn_radiation.diffrn_id                        1 
_diffrn_radiation.wavelength_id                    1 
_diffrn_radiation.pdbx_monochromatic_or_laue_m_l   M 
_diffrn_radiation.monochromator                    ? 
_diffrn_radiation.pdbx_diffrn_protocol             'SINGLE WAVELENGTH' 
_diffrn_radiation.pdbx_scattering_type             ? 
# 
_diffrn_radiation_wavelength.id           1 
_diffrn_radiation_wavelength.wavelength   . 
_diffrn_radiation_wavelength.wt           1.0 
# 
_refine_hist.pdbx_refine_id                   'ELECTRON MICROSCOPY' 
_refine_hist.cycle_id                         LAST 
_refine_hist.pdbx_number_atoms_protein        1713 
_refine_hist.pdbx_number_atoms_nucleic_acid   0 
_refine_hist.pdbx_number_atoms_ligand         0 
_refine_hist.number_atoms_solvent             0 
_refine_hist.number_atoms_total               1713 
_refine_hist.d_res_high                       . 
_refine_hist.d_res_low                        . 
# 
_struct.entry_id                  3IY4 
_struct.title                     
'Variable domains of the computer generated model (WAM) of Fab 15 fitted into the cryoEM reconstruction of the virus-Fab 15 complex' 
_struct.pdbx_model_details        ? 
_struct.pdbx_CASP_flag            ? 
_struct.pdbx_model_type_details   ? 
# 
_struct_keywords.entry_id        3IY4 
_struct_keywords.pdbx_keywords   'IMMUNE SYSTEM' 
_struct_keywords.text            'cryoEM, neutralizing antibody, parvovirus, canine, feline, fab footprint, IMMUNE SYSTEM' 
# 
loop_
_struct_asym.id 
_struct_asym.pdbx_blank_PDB_chainid_flag 
_struct_asym.pdbx_modified 
_struct_asym.entity_id 
_struct_asym.details 
A N N 1 ? 
B N N 2 ? 
# 
loop_
_struct_ref.id 
_struct_ref.db_name 
_struct_ref.db_code 
_struct_ref.pdbx_db_accession 
_struct_ref.entity_id 
_struct_ref.pdbx_align_begin 
_struct_ref.pdbx_seq_one_letter_code 
_struct_ref.pdbx_db_isoform 
1 PDB 3IY4 3IY4 1 ? ? ? 
2 PDB 3IY4 3IY4 2 ? ? ? 
# 
loop_
_struct_ref_seq.align_id 
_struct_ref_seq.ref_id 
_struct_ref_seq.pdbx_PDB_id_code 
_struct_ref_seq.pdbx_strand_id 
_struct_ref_seq.seq_align_beg 
_struct_ref_seq.pdbx_seq_align_beg_ins_code 
_struct_ref_seq.seq_align_end 
_struct_ref_seq.pdbx_seq_align_end_ins_code 
_struct_ref_seq.pdbx_db_accession 
_struct_ref_seq.db_align_beg 
_struct_ref_seq.pdbx_db_align_beg_ins_code 
_struct_ref_seq.db_align_end 
_struct_ref_seq.pdbx_db_align_end_ins_code 
_struct_ref_seq.pdbx_auth_seq_align_beg 
_struct_ref_seq.pdbx_auth_seq_align_end 
1 1 3IY4 A 1 ? 111 ? 3IY4 1   ? 111 ? 1   111 
2 2 3IY4 B 1 ? 111 ? 3IY4 112 ? 222 ? 112 222 
# 
_pdbx_struct_assembly.id                   1 
_pdbx_struct_assembly.details              author_defined_assembly 
_pdbx_struct_assembly.method_details       ? 
_pdbx_struct_assembly.oligomeric_details   dimeric 
_pdbx_struct_assembly.oligomeric_count     2 
# 
_pdbx_struct_assembly_gen.assembly_id       1 
_pdbx_struct_assembly_gen.oper_expression   1 
_pdbx_struct_assembly_gen.asym_id_list      A,B 
# 
_pdbx_struct_oper_list.id                   1 
_pdbx_struct_oper_list.type                 'identity operation' 
_pdbx_struct_oper_list.name                 1_555 
_pdbx_struct_oper_list.symmetry_operation   x,y,z 
_pdbx_struct_oper_list.matrix[1][1]         1.0000000000 
_pdbx_struct_oper_list.matrix[1][2]         0.0000000000 
_pdbx_struct_oper_list.matrix[1][3]         0.0000000000 
_pdbx_struct_oper_list.vector[1]            0.0000000000 
_pdbx_struct_oper_list.matrix[2][1]         0.0000000000 
_pdbx_struct_oper_list.matrix[2][2]         1.0000000000 
_pdbx_struct_oper_list.matrix[2][3]         0.0000000000 
_pdbx_struct_oper_list.vector[2]            0.0000000000 
_pdbx_struct_oper_list.matrix[3][1]         0.0000000000 
_pdbx_struct_oper_list.matrix[3][2]         0.0000000000 
_pdbx_struct_oper_list.matrix[3][3]         1.0000000000 
_pdbx_struct_oper_list.vector[3]            0.0000000000 
# 
_struct_biol.id        1 
_struct_biol.details   ? 
# 
loop_
_struct_conf.conf_type_id 
_struct_conf.id 
_struct_conf.pdbx_PDB_helix_id 
_struct_conf.beg_label_comp_id 
_struct_conf.beg_label_asym_id 
_struct_conf.beg_label_seq_id 
_struct_conf.pdbx_beg_PDB_ins_code 
_struct_conf.end_label_comp_id 
_struct_conf.end_label_asym_id 
_struct_conf.end_label_seq_id 
_struct_conf.pdbx_end_PDB_ins_code 
_struct_conf.beg_auth_comp_id 
_struct_conf.beg_auth_asym_id 
_struct_conf.beg_auth_seq_id 
_struct_conf.end_auth_comp_id 
_struct_conf.end_auth_asym_id 
_struct_conf.end_auth_seq_id 
_struct_conf.pdbx_PDB_helix_class 
_struct_conf.details 
_struct_conf.pdbx_PDB_helix_length 
HELX_P HELX_P1 1 GLU A 81 ? ALA A 85 ? GLU A 81  ALA A 85  5 ? 5 
HELX_P HELX_P2 2 ASP B 56 ? LYS B 59 ? ASP B 167 LYS B 170 5 ? 4 
HELX_P HELX_P3 3 LYS B 81 ? MET B 85 ? LYS B 192 MET B 196 5 ? 5 
# 
_struct_conf_type.id          HELX_P 
_struct_conf_type.criteria    ? 
_struct_conf_type.reference   ? 
# 
loop_
_struct_conn.id 
_struct_conn.conn_type_id 
_struct_conn.pdbx_leaving_atom_flag 
_struct_conn.pdbx_PDB_id 
_struct_conn.ptnr1_label_asym_id 
_struct_conn.ptnr1_label_comp_id 
_struct_conn.ptnr1_label_seq_id 
_struct_conn.ptnr1_label_atom_id 
_struct_conn.pdbx_ptnr1_label_alt_id 
_struct_conn.pdbx_ptnr1_PDB_ins_code 
_struct_conn.pdbx_ptnr1_standard_comp_id 
_struct_conn.ptnr1_symmetry 
_struct_conn.ptnr2_label_asym_id 
_struct_conn.ptnr2_label_comp_id 
_struct_conn.ptnr2_label_seq_id 
_struct_conn.ptnr2_label_atom_id 
_struct_conn.pdbx_ptnr2_label_alt_id 
_struct_conn.pdbx_ptnr2_PDB_ins_code 
_struct_conn.ptnr1_auth_asym_id 
_struct_conn.ptnr1_auth_comp_id 
_struct_conn.ptnr1_auth_seq_id 
_struct_conn.ptnr2_auth_asym_id 
_struct_conn.ptnr2_auth_comp_id 
_struct_conn.ptnr2_auth_seq_id 
_struct_conn.ptnr2_symmetry 
_struct_conn.pdbx_ptnr3_label_atom_id 
_struct_conn.pdbx_ptnr3_label_seq_id 
_struct_conn.pdbx_ptnr3_label_comp_id 
_struct_conn.pdbx_ptnr3_label_asym_id 
_struct_conn.pdbx_ptnr3_label_alt_id 
_struct_conn.pdbx_ptnr3_PDB_ins_code 
_struct_conn.details 
_struct_conn.pdbx_dist_value 
_struct_conn.pdbx_value_order 
_struct_conn.pdbx_role 
disulf1 disulf ? ? A CYS 21 SG ? ? ? 1_555 A CYS 90 SG ? ? A CYS 21  A CYS 90  1_555 ? ? ? ? ? ? ? 2.522 ? ? 
disulf2 disulf ? ? B CYS 16 SG ? ? ? 1_555 B CYS 90 SG ? ? B CYS 127 B CYS 201 1_555 ? ? ? ? ? ? ? 2.512 ? ? 
# 
_struct_conn_type.id          disulf 
_struct_conn_type.criteria    ? 
_struct_conn_type.reference   ? 
# 
loop_
_pdbx_modification_feature.ordinal 
_pdbx_modification_feature.label_comp_id 
_pdbx_modification_feature.label_asym_id 
_pdbx_modification_feature.label_seq_id 
_pdbx_modification_feature.label_alt_id 
_pdbx_modification_feature.modified_residue_label_comp_id 
_pdbx_modification_feature.modified_residue_label_asym_id 
_pdbx_modification_feature.modified_residue_label_seq_id 
_pdbx_modification_feature.modified_residue_label_alt_id 
_pdbx_modification_feature.auth_comp_id 
_pdbx_modification_feature.auth_asym_id 
_pdbx_modification_feature.auth_seq_id 
_pdbx_modification_feature.PDB_ins_code 
_pdbx_modification_feature.symmetry 
_pdbx_modification_feature.modified_residue_auth_comp_id 
_pdbx_modification_feature.modified_residue_auth_asym_id 
_pdbx_modification_feature.modified_residue_auth_seq_id 
_pdbx_modification_feature.modified_residue_PDB_ins_code 
_pdbx_modification_feature.modified_residue_symmetry 
_pdbx_modification_feature.comp_id_linking_atom 
_pdbx_modification_feature.modified_residue_id_linking_atom 
_pdbx_modification_feature.modified_residue_id 
_pdbx_modification_feature.ref_pcm_id 
_pdbx_modification_feature.ref_comp_id 
_pdbx_modification_feature.type 
_pdbx_modification_feature.category 
1 CYS A 21 ? CYS A 90 ? CYS A 21  ? 1_555 CYS A 90  ? 1_555 SG SG . . . None 'Disulfide bridge' 
2 CYS B 16 ? CYS B 90 ? CYS B 127 ? 1_555 CYS B 201 ? 1_555 SG SG . . . None 'Disulfide bridge' 
# 
loop_
_struct_mon_prot_cis.pdbx_id 
_struct_mon_prot_cis.label_comp_id 
_struct_mon_prot_cis.label_seq_id 
_struct_mon_prot_cis.label_asym_id 
_struct_mon_prot_cis.label_alt_id 
_struct_mon_prot_cis.pdbx_PDB_ins_code 
_struct_mon_prot_cis.auth_comp_id 
_struct_mon_prot_cis.auth_seq_id 
_struct_mon_prot_cis.auth_asym_id 
_struct_mon_prot_cis.pdbx_label_comp_id_2 
_struct_mon_prot_cis.pdbx_label_seq_id_2 
_struct_mon_prot_cis.pdbx_label_asym_id_2 
_struct_mon_prot_cis.pdbx_PDB_ins_code_2 
_struct_mon_prot_cis.pdbx_auth_comp_id_2 
_struct_mon_prot_cis.pdbx_auth_seq_id_2 
_struct_mon_prot_cis.pdbx_auth_asym_id_2 
_struct_mon_prot_cis.pdbx_PDB_model_num 
_struct_mon_prot_cis.pdbx_omega_angle 
1 ILE 5   A . ? ILE 5   A PRO 6   A ? PRO 6   A 1 2.60  
2 ASP 96  A . ? ASP 96  A PRO 97  A ? PRO 97  A 1 1.84  
3 PHE 101 B . ? PHE 212 B TRP 102 B ? TRP 213 B 1 25.90 
# 
loop_
_struct_sheet.id 
_struct_sheet.type 
_struct_sheet.number_strands 
_struct_sheet.details 
A ? 4 ? 
B ? 6 ? 
C ? 4 ? 
D ? 2 ? 
E ? 6 ? 
F ? 4 ? 
G ? 3 ? 
# 
loop_
_struct_sheet_order.sheet_id 
_struct_sheet_order.range_id_1 
_struct_sheet_order.range_id_2 
_struct_sheet_order.offset 
_struct_sheet_order.sense 
A 1 2 ? anti-parallel 
A 2 3 ? anti-parallel 
A 3 4 ? anti-parallel 
B 1 2 ? parallel      
B 2 3 ? anti-parallel 
B 3 4 ? anti-parallel 
B 4 5 ? anti-parallel 
B 5 6 ? anti-parallel 
C 1 2 ? parallel      
C 2 3 ? anti-parallel 
C 3 4 ? anti-parallel 
D 1 2 ? anti-parallel 
E 1 2 ? parallel      
E 2 3 ? anti-parallel 
E 3 4 ? anti-parallel 
E 4 5 ? anti-parallel 
E 5 6 ? anti-parallel 
F 1 2 ? parallel      
F 2 3 ? anti-parallel 
F 3 4 ? anti-parallel 
G 1 2 ? anti-parallel 
G 2 3 ? anti-parallel 
# 
loop_
_struct_sheet_range.sheet_id 
_struct_sheet_range.id 
_struct_sheet_range.beg_label_comp_id 
_struct_sheet_range.beg_label_asym_id 
_struct_sheet_range.beg_label_seq_id 
_struct_sheet_range.pdbx_beg_PDB_ins_code 
_struct_sheet_range.end_label_comp_id 
_struct_sheet_range.end_label_asym_id 
_struct_sheet_range.end_label_seq_id 
_struct_sheet_range.pdbx_end_PDB_ins_code 
_struct_sheet_range.beg_auth_comp_id 
_struct_sheet_range.beg_auth_asym_id 
_struct_sheet_range.beg_auth_seq_id 
_struct_sheet_range.end_auth_comp_id 
_struct_sheet_range.end_auth_asym_id 
_struct_sheet_range.end_auth_seq_id 
A 1 MET A 2   ? ILE A 5   ? MET A 2   ILE A 5   
A 2 ALA A 17  ? ALA A 23  ? ALA A 17  ALA A 23  
A 3 ASP A 72  ? ILE A 77  ? ASP A 72  ILE A 77  
A 4 PHE A 64  ? SER A 69  ? PHE A 64  SER A 69  
B 1 SER A 8   ? SER A 12  ? SER A 8   SER A 12  
B 2 THR A 104 ? LYS A 109 ? THR A 104 LYS A 109 
B 3 ALA A 86  ? GLN A 92  ? ALA A 86  GLN A 92  
B 4 MET A 35  ? GLN A 40  ? MET A 35  GLN A 40  
B 5 LYS A 47  ? TYR A 51  ? LYS A 47  TYR A 51  
B 6 ASN A 55  ? LEU A 56  ? ASN A 55  LEU A 56  
C 1 SER A 8   ? SER A 12  ? SER A 8   SER A 12  
C 2 THR A 104 ? LYS A 109 ? THR A 104 LYS A 109 
C 3 ALA A 86  ? GLN A 92  ? ALA A 86  GLN A 92  
C 4 THR A 99  ? PHE A 100 ? THR A 99  PHE A 100 
D 1 ASP A 28  ? TYR A 29  ? ASP A 28  TYR A 29  
D 2 ASP A 32  ? SER A 33  ? ASP A 32  SER A 33  
E 1 GLU B 4   ? LYS B 6   ? GLU B 115 LYS B 117 
E 2 THR B 107 ? VAL B 110 ? THR B 218 VAL B 221 
E 3 ALA B 86  ? GLY B 94  ? ALA B 197 GLY B 205 
E 4 MET B 28  ? GLN B 33  ? MET B 139 GLN B 144 
E 5 LEU B 39  ? ASN B 46  ? LEU B 150 ASN B 157 
E 6 LYS B 51  ? TYR B 54  ? LYS B 162 TYR B 165 
F 1 GLU B 4   ? LYS B 6   ? GLU B 115 LYS B 117 
F 2 THR B 107 ? VAL B 110 ? THR B 218 VAL B 221 
F 3 ALA B 86  ? GLY B 94  ? ALA B 197 GLY B 205 
F 4 TYR B 98  ? ASP B 100 ? TYR B 209 ASP B 211 
G 1 THR B 11  ? LYS B 17  ? THR B 122 LYS B 128 
G 2 THR B 72  ? ASN B 78  ? THR B 183 ASN B 189 
G 3 PHE B 62  ? LYS B 67  ? PHE B 173 LYS B 178 
# 
loop_
_pdbx_struct_sheet_hbond.sheet_id 
_pdbx_struct_sheet_hbond.range_id_1 
_pdbx_struct_sheet_hbond.range_id_2 
_pdbx_struct_sheet_hbond.range_1_label_atom_id 
_pdbx_struct_sheet_hbond.range_1_label_comp_id 
_pdbx_struct_sheet_hbond.range_1_label_asym_id 
_pdbx_struct_sheet_hbond.range_1_label_seq_id 
_pdbx_struct_sheet_hbond.range_1_PDB_ins_code 
_pdbx_struct_sheet_hbond.range_1_auth_atom_id 
_pdbx_struct_sheet_hbond.range_1_auth_comp_id 
_pdbx_struct_sheet_hbond.range_1_auth_asym_id 
_pdbx_struct_sheet_hbond.range_1_auth_seq_id 
_pdbx_struct_sheet_hbond.range_2_label_atom_id 
_pdbx_struct_sheet_hbond.range_2_label_comp_id 
_pdbx_struct_sheet_hbond.range_2_label_asym_id 
_pdbx_struct_sheet_hbond.range_2_label_seq_id 
_pdbx_struct_sheet_hbond.range_2_PDB_ins_code 
_pdbx_struct_sheet_hbond.range_2_auth_atom_id 
_pdbx_struct_sheet_hbond.range_2_auth_comp_id 
_pdbx_struct_sheet_hbond.range_2_auth_asym_id 
_pdbx_struct_sheet_hbond.range_2_auth_seq_id 
A 1 2 N THR A 3   ? N THR A 3   O LYS A 22  ? O LYS A 22  
A 2 3 N ILE A 19  ? N ILE A 19  O LEU A 75  ? O LEU A 75  
A 3 4 O THR A 74  ? O THR A 74  N SER A 67  ? N SER A 67  
B 1 2 N VAL A 11  ? N VAL A 11  O LYS A 109 ? O LYS A 109 
B 2 3 O LEU A 106 ? O LEU A 106 N ALA A 86  ? N ALA A 86  
B 3 4 O TYR A 89  ? O TYR A 89  N TYR A 38  ? N TYR A 38  
B 4 5 N GLN A 39  ? N GLN A 39  O LYS A 47  ? O LYS A 47  
B 5 6 N TYR A 51  ? N TYR A 51  O ASN A 55  ? O ASN A 55  
C 1 2 N VAL A 11  ? N VAL A 11  O LYS A 109 ? O LYS A 109 
C 2 3 O LEU A 106 ? O LEU A 106 N ALA A 86  ? N ALA A 86  
C 3 4 N GLN A 92  ? N GLN A 92  O THR A 99  ? O THR A 99  
D 1 2 N TYR A 29  ? N TYR A 29  O ASP A 32  ? O ASP A 32  
E 1 2 N GLU B 4   ? N GLU B 115 O THR B 109 ? O THR B 220 
E 2 3 O LEU B 108 ? O LEU B 219 N ALA B 86  ? N ALA B 197 
E 3 4 O THR B 87  ? O THR B 198 N GLN B 33  ? N GLN B 144 
E 4 5 N LYS B 32  ? N LYS B 143 O LYS B 40  ? O LYS B 151 
E 5 6 N TRP B 44  ? N TRP B 155 O THR B 53  ? O THR B 164 
F 1 2 N GLU B 4   ? N GLU B 115 O THR B 109 ? O THR B 220 
F 2 3 O LEU B 108 ? O LEU B 219 N ALA B 86  ? N ALA B 197 
F 3 4 N GLY B 94  ? N GLY B 205 O TYR B 98  ? O TYR B 209 
G 1 2 N ILE B 14  ? N ILE B 125 O LEU B 75  ? O LEU B 186 
G 2 3 O TYR B 74  ? O TYR B 185 N SER B 65  ? N SER B 176 
# 
_pdbx_entry_details.entry_id                   3IY4 
_pdbx_entry_details.compound_details           ? 
_pdbx_entry_details.source_details             ? 
_pdbx_entry_details.nonpolymer_details         ? 
_pdbx_entry_details.sequence_details           ? 
_pdbx_entry_details.has_ligand_of_interest     ? 
_pdbx_entry_details.has_protein_modification   Y 
# 
loop_
_pdbx_validate_rmsd_bond.id 
_pdbx_validate_rmsd_bond.PDB_model_num 
_pdbx_validate_rmsd_bond.auth_atom_id_1 
_pdbx_validate_rmsd_bond.auth_asym_id_1 
_pdbx_validate_rmsd_bond.auth_comp_id_1 
_pdbx_validate_rmsd_bond.auth_seq_id_1 
_pdbx_validate_rmsd_bond.PDB_ins_code_1 
_pdbx_validate_rmsd_bond.label_alt_id_1 
_pdbx_validate_rmsd_bond.auth_atom_id_2 
_pdbx_validate_rmsd_bond.auth_asym_id_2 
_pdbx_validate_rmsd_bond.auth_comp_id_2 
_pdbx_validate_rmsd_bond.auth_seq_id_2 
_pdbx_validate_rmsd_bond.PDB_ins_code_2 
_pdbx_validate_rmsd_bond.label_alt_id_2 
_pdbx_validate_rmsd_bond.bond_value 
_pdbx_validate_rmsd_bond.bond_target_value 
_pdbx_validate_rmsd_bond.bond_deviation 
_pdbx_validate_rmsd_bond.bond_standard_deviation 
_pdbx_validate_rmsd_bond.linker_flag 
1  1 CG  A HIS 78  ? ? CD2 A HIS 78  ? ? 1.472 1.354 0.118  0.009 N 
2  1 CG  A HIS 78  ? ? ND1 A HIS 78  ? ? 1.254 1.369 -0.115 0.015 N 
3  1 CA  B THR 122 ? ? CB  B THR 122 ? ? 1.348 1.529 -0.181 0.026 N 
4  1 CE1 B PHE 169 ? ? CZ  B PHE 169 ? ? 1.182 1.369 -0.187 0.019 N 
5  1 CE2 B PHE 169 ? ? CD2 B PHE 169 ? ? 1.224 1.388 -0.164 0.020 N 
6  1 CA  B SER 180 ? ? CB  B SER 180 ? ? 1.791 1.525 0.266  0.015 N 
7  1 CB  B SER 180 ? ? OG  B SER 180 ? ? 1.646 1.418 0.228  0.013 N 
8  1 NE1 B TRP 213 ? ? CE2 B TRP 213 ? ? 1.100 1.371 -0.271 0.013 N 
9  1 CE2 B TRP 213 ? ? CD2 B TRP 213 ? ? 1.329 1.409 -0.080 0.012 N 
10 1 CD2 B TRP 213 ? ? CE3 B TRP 213 ? ? 1.267 1.399 -0.132 0.015 N 
# 
loop_
_pdbx_validate_rmsd_angle.id 
_pdbx_validate_rmsd_angle.PDB_model_num 
_pdbx_validate_rmsd_angle.auth_atom_id_1 
_pdbx_validate_rmsd_angle.auth_asym_id_1 
_pdbx_validate_rmsd_angle.auth_comp_id_1 
_pdbx_validate_rmsd_angle.auth_seq_id_1 
_pdbx_validate_rmsd_angle.PDB_ins_code_1 
_pdbx_validate_rmsd_angle.label_alt_id_1 
_pdbx_validate_rmsd_angle.auth_atom_id_2 
_pdbx_validate_rmsd_angle.auth_asym_id_2 
_pdbx_validate_rmsd_angle.auth_comp_id_2 
_pdbx_validate_rmsd_angle.auth_seq_id_2 
_pdbx_validate_rmsd_angle.PDB_ins_code_2 
_pdbx_validate_rmsd_angle.label_alt_id_2 
_pdbx_validate_rmsd_angle.auth_atom_id_3 
_pdbx_validate_rmsd_angle.auth_asym_id_3 
_pdbx_validate_rmsd_angle.auth_comp_id_3 
_pdbx_validate_rmsd_angle.auth_seq_id_3 
_pdbx_validate_rmsd_angle.PDB_ins_code_3 
_pdbx_validate_rmsd_angle.label_alt_id_3 
_pdbx_validate_rmsd_angle.angle_value 
_pdbx_validate_rmsd_angle.angle_target_value 
_pdbx_validate_rmsd_angle.angle_deviation 
_pdbx_validate_rmsd_angle.angle_standard_deviation 
_pdbx_validate_rmsd_angle.linker_flag 
1  1 CA  A ARG 63  ? ? CB  A ARG 63  ? ? CG  A ARG 63  ? ? 96.92  113.40 -16.48 2.20 N 
2  1 CA  A ARG 63  ? ? C   A ARG 63  ? ? O   A ARG 63  ? ? 134.44 120.10 14.34  2.10 N 
3  1 CA  A ARG 63  ? ? C   A ARG 63  ? ? N   A PHE 64  ? ? 94.43  117.20 -22.77 2.20 Y 
4  1 CG  A HIS 78  ? ? ND1 A HIS 78  ? ? CE1 A HIS 78  ? ? 82.50  105.70 -23.20 1.30 N 
5  1 ND1 A HIS 78  ? ? CE1 A HIS 78  ? ? NE2 A HIS 78  ? ? 127.30 111.50 15.80  1.30 N 
6  1 CE1 A HIS 78  ? ? NE2 A HIS 78  ? ? CD2 A HIS 78  ? ? 71.36  106.60 -35.24 2.50 N 
7  1 C   A HIS 78  ? ? N   A PRO 79  ? ? CD  A PRO 79  ? ? 97.52  128.40 -30.88 2.10 Y 
8  1 CA  A PRO 79  ? ? N   A PRO 79  ? ? CD  A PRO 79  ? ? 90.59  111.70 -21.11 1.40 N 
9  1 CB  A PRO 79  ? ? CG  A PRO 79  ? ? CD  A PRO 79  ? ? 79.13  106.50 -27.37 3.90 N 
10 1 N   A PRO 79  ? ? CD  A PRO 79  ? ? CG  A PRO 79  ? ? 123.37 103.20 20.17  1.50 N 
11 1 CD  B LYS 118 ? ? CE  B LYS 118 ? ? NZ  B LYS 118 ? ? 134.11 111.70 22.41  2.30 N 
12 1 CB  B GLU 121 ? ? CA  B GLU 121 ? ? C   B GLU 121 ? ? 122.76 110.40 12.36  2.00 N 
13 1 CA  B THR 122 ? ? CB  B THR 122 ? ? OG1 B THR 122 ? ? 87.37  109.00 -21.63 2.10 N 
14 1 CB  B ILE 125 ? ? CA  B ILE 125 ? ? C   B ILE 125 ? ? 132.47 111.60 20.87  2.00 N 
15 1 CA  B ILE 125 ? ? CB  B ILE 125 ? ? CG2 B ILE 125 ? ? 137.28 110.90 26.38  2.00 N 
16 1 CA  B SER 130 ? ? C   B SER 130 ? ? N   B GLY 131 ? ? 102.89 116.20 -13.31 2.00 Y 
17 1 O   B SER 130 ? ? C   B SER 130 ? ? N   B GLY 131 ? ? 134.55 123.20 11.35  1.70 Y 
18 1 CB  B ILE 156 ? ? CA  B ILE 156 ? ? C   B ILE 156 ? ? 93.78  111.60 -17.82 2.00 N 
19 1 N   B ILE 156 ? ? CA  B ILE 156 ? ? CB  B ILE 156 ? ? 129.80 110.80 19.00  2.30 N 
20 1 CA  B ILE 156 ? ? CB  B ILE 156 ? ? CG1 B ILE 156 ? ? 122.99 111.00 11.99  1.90 N 
21 1 CA  B ILE 156 ? ? CB  B ILE 156 ? ? CG2 B ILE 156 ? ? 125.47 110.90 14.57  2.00 N 
22 1 N   B THR 158 ? ? CA  B THR 158 ? ? CB  B THR 158 ? ? 91.45  110.30 -18.85 1.90 N 
23 1 CD1 B PHE 169 ? ? CG  B PHE 169 ? ? CD2 B PHE 169 ? ? 126.66 118.30 8.36   1.30 N 
24 1 CB  B PHE 169 ? ? CG  B PHE 169 ? ? CD1 B PHE 169 ? ? 115.07 120.80 -5.73  0.70 N 
25 1 CD1 B PHE 169 ? ? CE1 B PHE 169 ? ? CZ  B PHE 169 ? ? 98.77  120.10 -21.33 1.20 N 
26 1 CE1 B PHE 169 ? ? CZ  B PHE 169 ? ? CE2 B PHE 169 ? ? 143.12 120.00 23.12  1.80 N 
27 1 CZ  B PHE 169 ? ? CE2 B PHE 169 ? ? CD2 B PHE 169 ? ? 103.63 120.10 -16.47 1.20 N 
28 1 CB  B PHE 173 ? ? CG  B PHE 173 ? ? CD1 B PHE 173 ? ? 125.31 120.80 4.51   0.70 N 
29 1 CB  B PHE 175 ? ? CA  B PHE 175 ? ? C   B PHE 175 ? ? 98.27  110.40 -12.13 2.00 N 
30 1 N   B PHE 175 ? ? CA  B PHE 175 ? ? CB  B PHE 175 ? ? 89.38  110.60 -21.22 1.80 N 
31 1 CB  B PHE 175 ? ? CG  B PHE 175 ? ? CD2 B PHE 175 ? ? 114.73 120.80 -6.07  0.70 N 
32 1 CB  B PHE 175 ? ? CG  B PHE 175 ? ? CD1 B PHE 175 ? ? 125.28 120.80 4.48   0.70 N 
33 1 CD  B LYS 178 ? ? CE  B LYS 178 ? ? NZ  B LYS 178 ? ? 128.41 111.70 16.71  2.30 N 
34 1 CB  B SER 180 ? ? CA  B SER 180 ? ? C   B SER 180 ? ? 57.07  110.10 -53.03 1.90 N 
35 1 N   B SER 180 ? ? CA  B SER 180 ? ? CB  B SER 180 ? ? 140.70 110.50 30.20  1.50 N 
36 1 CA  B SER 180 ? ? CB  B SER 180 ? ? OG  B SER 180 ? ? 129.20 111.20 18.00  2.70 N 
37 1 CA  B THR 183 ? ? CB  B THR 183 ? ? CG2 B THR 183 ? ? 92.38  112.40 -20.02 1.40 N 
38 1 CB  B LEU 186 ? ? CG  B LEU 186 ? ? CD2 B LEU 186 ? ? 96.14  111.00 -14.86 1.70 N 
39 1 CB  B ILE 188 ? ? CA  B ILE 188 ? ? C   B ILE 188 ? ? 132.03 111.60 20.43  2.00 N 
40 1 N   B ILE 188 ? ? CA  B ILE 188 ? ? CB  B ILE 188 ? ? 92.55  110.80 -18.25 2.30 N 
41 1 CA  B ILE 188 ? ? CB  B ILE 188 ? ? CG2 B ILE 188 ? ? 142.68 110.90 31.78  2.00 N 
42 1 O   B CYS 201 ? ? C   B CYS 201 ? ? N   B ALA 202 ? ? 107.94 122.70 -14.76 1.60 Y 
43 1 N   B ALA 202 ? ? CA  B ALA 202 ? ? CB  B ALA 202 ? ? 123.93 110.10 13.83  1.40 N 
44 1 N   B ARG 203 ? ? CA  B ARG 203 ? ? C   B ARG 203 ? ? 86.81  111.00 -24.19 2.70 N 
45 1 CG  B TRP 213 ? ? CD1 B TRP 213 ? ? NE1 B TRP 213 ? ? 101.70 110.10 -8.40  1.00 N 
46 1 CD1 B TRP 213 ? ? NE1 B TRP 213 ? ? CE2 B TRP 213 ? ? 118.91 109.00 9.91   0.90 N 
47 1 NE1 B TRP 213 ? ? CE2 B TRP 213 ? ? CD2 B TRP 213 ? ? 100.43 107.30 -6.87  1.00 N 
# 
loop_
_pdbx_validate_torsion.id 
_pdbx_validate_torsion.PDB_model_num 
_pdbx_validate_torsion.auth_comp_id 
_pdbx_validate_torsion.auth_asym_id 
_pdbx_validate_torsion.auth_seq_id 
_pdbx_validate_torsion.PDB_ins_code 
_pdbx_validate_torsion.label_alt_id 
_pdbx_validate_torsion.phi 
_pdbx_validate_torsion.psi 
1  1 LEU A 49  ? ? -121.60 -60.22  
2  1 ALA A 53  ? ? 84.32   -45.28  
3  1 ARG A 63  ? ? 8.68    -73.69  
4  1 ALA A 86  ? ? 147.01  -162.57 
5  1 SER A 93  ? ? -141.16 25.24   
6  1 PRO B 114 ? ? -84.30  -157.05 
7  1 GLU B 115 ? ? 120.73  -168.71 
8  1 GLU B 121 ? ? -54.12  -175.24 
9  1 ALA B 197 ? ? 169.53  172.51  
10 1 ALA B 202 ? ? 173.11  132.89  
11 1 TYR B 206 ? ? 60.91   -116.91 
12 1 ARG B 207 ? ? -151.34 67.58   
13 1 SER B 208 ? ? -174.27 -20.94  
14 1 PHE B 212 ? ? 48.45   -166.78 
15 1 TRP B 213 ? ? 165.72  6.83    
16 1 THR B 217 ? ? 162.51  101.98  
# 
loop_
_pdbx_validate_peptide_omega.id 
_pdbx_validate_peptide_omega.PDB_model_num 
_pdbx_validate_peptide_omega.auth_comp_id_1 
_pdbx_validate_peptide_omega.auth_asym_id_1 
_pdbx_validate_peptide_omega.auth_seq_id_1 
_pdbx_validate_peptide_omega.PDB_ins_code_1 
_pdbx_validate_peptide_omega.label_alt_id_1 
_pdbx_validate_peptide_omega.auth_comp_id_2 
_pdbx_validate_peptide_omega.auth_asym_id_2 
_pdbx_validate_peptide_omega.auth_seq_id_2 
_pdbx_validate_peptide_omega.PDB_ins_code_2 
_pdbx_validate_peptide_omega.label_alt_id_2 
_pdbx_validate_peptide_omega.omega 
1 1 ALA A 62  ? ? ARG A 63  ? ? 139.85  
2 1 GLU B 121 ? ? THR B 122 ? ? 148.71  
3 1 GLY B 131 ? ? TYR B 132 ? ? -149.11 
4 1 THR B 164 ? ? TYR B 165 ? ? -149.22 
5 1 ALA B 202 ? ? ARG B 203 ? ? -149.22 
# 
loop_
_pdbx_validate_chiral.id 
_pdbx_validate_chiral.PDB_model_num 
_pdbx_validate_chiral.auth_atom_id 
_pdbx_validate_chiral.label_alt_id 
_pdbx_validate_chiral.auth_asym_id 
_pdbx_validate_chiral.auth_comp_id 
_pdbx_validate_chiral.auth_seq_id 
_pdbx_validate_chiral.PDB_ins_code 
_pdbx_validate_chiral.details 
_pdbx_validate_chiral.omega 
1 1 CA ? A ARG 63  ? 'WRONG HAND' . 
2 1 CA ? B PHE 212 ? 'WRONG HAND' . 
# 
loop_
_pdbx_validate_planes.id 
_pdbx_validate_planes.PDB_model_num 
_pdbx_validate_planes.auth_comp_id 
_pdbx_validate_planes.auth_asym_id 
_pdbx_validate_planes.auth_seq_id 
_pdbx_validate_planes.PDB_ins_code 
_pdbx_validate_planes.label_alt_id 
_pdbx_validate_planes.rmsd 
_pdbx_validate_planes.type 
1 1 HIS A 78  ? ? 0.200 'SIDE CHAIN' 
2 1 PHE B 169 ? ? 0.102 'SIDE CHAIN' 
3 1 PHE B 173 ? ? 0.102 'SIDE CHAIN' 
4 1 TYR B 185 ? ? 0.106 'SIDE CHAIN' 
5 1 PHE B 210 ? ? 0.132 'SIDE CHAIN' 
# 
loop_
_pdbx_validate_main_chain_plane.id 
_pdbx_validate_main_chain_plane.PDB_model_num 
_pdbx_validate_main_chain_plane.auth_comp_id 
_pdbx_validate_main_chain_plane.auth_asym_id 
_pdbx_validate_main_chain_plane.auth_seq_id 
_pdbx_validate_main_chain_plane.PDB_ins_code 
_pdbx_validate_main_chain_plane.label_alt_id 
_pdbx_validate_main_chain_plane.improper_torsion_angle 
1 1 ARG A 63  ? ? 10.13  
2 1 HIS A 78  ? ? 11.37  
3 1 GLU B 121 ? ? -14.49 
4 1 CYS B 201 ? ? -17.25 
# 
_em_3d_reconstruction.entry_id                    3IY4 
_em_3d_reconstruction.id                          1 
_em_3d_reconstruction.resolution_method           'FSC 0.5 CUT-OFF' 
_em_3d_reconstruction.symmetry_type               POINT 
_em_3d_reconstruction.image_processing_id         1 
_em_3d_reconstruction.method                      'common lines' 
_em_3d_reconstruction.resolution                  11.7 
_em_3d_reconstruction.num_particles               4798 
_em_3d_reconstruction.nominal_pixel_size          ? 
_em_3d_reconstruction.actual_pixel_size           ? 
_em_3d_reconstruction.magnification_calibration   ? 
_em_3d_reconstruction.details                     ? 
_em_3d_reconstruction.num_class_averages          ? 
_em_3d_reconstruction.algorithm                   ? 
# 
_em_buffer.id            1 
_em_buffer.specimen_id   1 
_em_buffer.name          ? 
_em_buffer.pH            7.5 
_em_buffer.details       '10mM Tris-HCL' 
# 
loop_
_em_entity_assembly.id 
_em_entity_assembly.name 
_em_entity_assembly.type 
_em_entity_assembly.parent_id 
_em_entity_assembly.synonym 
_em_entity_assembly.details 
_em_entity_assembly.oligomeric_details 
1 'Fab fragment from MAb 15 interacting with feline panleukopenia virus (FPV)' COMPLEX 0 ?   ? ? 
2 'feline panleukopenia virus'                                                 VIRUS   1 FPV ? ? 
# 
_em_image_scans.entry_id                3IY4 
_em_image_scans.id                      1 
_em_image_scans.image_recording_id      1 
_em_image_scans.number_digital_images   50 
_em_image_scans.scanner_model           'ZEISS SCAI' 
_em_image_scans.sampling_size           7 
_em_image_scans.od_range                0.9 
_em_image_scans.quant_bit_size          ? 
_em_image_scans.details                 ? 
_em_image_scans.citation_id             ? 
# 
_em_imaging.entry_id                        3IY4 
_em_imaging.id                              1 
_em_imaging.microscope_model                'FEI/PHILIPS CM300FEG/T' 
_em_imaging.illumination_mode               'FLOOD BEAM' 
_em_imaging.electron_source                 'TUNGSTEN HAIRPIN' 
_em_imaging.specimen_id                     1 
_em_imaging.specimen_holder_type            'side mounted nitrogen cooled' 
_em_imaging.specimen_holder_model           'GATAN LIQUID NITROGEN' 
_em_imaging.accelerating_voltage            300 
_em_imaging.mode                            'BRIGHT FIELD' 
_em_imaging.nominal_defocus_min             0.9 
_em_imaging.nominal_defocus_max             3.4 
_em_imaging.tilt_angle_min                  0.0 
_em_imaging.tilt_angle_max                  0.0 
_em_imaging.nominal_magnification           45000 
_em_imaging.calibrated_magnification        47190 
_em_imaging.temperature                     93 
_em_imaging.recording_temperature_minimum   83 
_em_imaging.recording_temperature_maximum   83 
_em_imaging.detector_distance               0.0 
_em_imaging.date                            2004-03-29 
_em_imaging.electron_beam_tilt_params       ? 
_em_imaging.astigmatism                     'astigmatism was corrected at 100,000 times magnification' 
_em_imaging.details                         ? 
_em_imaging.nominal_cs                      ? 
_em_imaging.citation_id                     ? 
# 
_em_virus_entity.id                    1 
_em_virus_entity.virus_host_category   VERTEBRATES 
_em_virus_entity.entity_assembly_id    1 
_em_virus_entity.virus_type            VIRION 
_em_virus_entity.virus_isolate         STRAIN 
_em_virus_entity.empty                 NO 
_em_virus_entity.enveloped             NO 
_em_virus_entity.details               ? 
# 
_em_vitrification.entry_id              3IY4 
_em_vitrification.id                    1 
_em_vitrification.instrument            'HOMEMADE PLUNGER' 
_em_vitrification.cryogen_name          ETHANE 
_em_vitrification.humidity              ? 
_em_vitrification.temp                  120 
_em_vitrification.method                'blot before plunging' 
_em_vitrification.time_resolved_state   ? 
_em_vitrification.details               ? 
_em_vitrification.citation_id           ? 
_em_vitrification.specimen_id           1 
# 
_em_experiment.reconstruction_method   'SINGLE PARTICLE' 
_em_experiment.entry_id                3IY4 
_em_experiment.id                      1 
_em_experiment.aggregation_state       PARTICLE 
_em_experiment.entity_assembly_id      1 
# 
_em_single_particle_entity.entry_id              3IY4 
_em_single_particle_entity.id                    1 
_em_single_particle_entity.point_symmetry        I 
_em_single_particle_entity.image_processing_id   1 
# 
loop_
_chem_comp_atom.comp_id 
_chem_comp_atom.atom_id 
_chem_comp_atom.type_symbol 
_chem_comp_atom.pdbx_aromatic_flag 
_chem_comp_atom.pdbx_stereo_config 
_chem_comp_atom.pdbx_ordinal 
ALA N    N N N 1   
ALA CA   C N S 2   
ALA C    C N N 3   
ALA O    O N N 4   
ALA CB   C N N 5   
ALA OXT  O N N 6   
ALA H    H N N 7   
ALA H2   H N N 8   
ALA HA   H N N 9   
ALA HB1  H N N 10  
ALA HB2  H N N 11  
ALA HB3  H N N 12  
ALA HXT  H N N 13  
ARG N    N N N 14  
ARG CA   C N S 15  
ARG C    C N N 16  
ARG O    O N N 17  
ARG CB   C N N 18  
ARG CG   C N N 19  
ARG CD   C N N 20  
ARG NE   N N N 21  
ARG CZ   C N N 22  
ARG NH1  N N N 23  
ARG NH2  N N N 24  
ARG OXT  O N N 25  
ARG H    H N N 26  
ARG H2   H N N 27  
ARG HA   H N N 28  
ARG HB2  H N N 29  
ARG HB3  H N N 30  
ARG HG2  H N N 31  
ARG HG3  H N N 32  
ARG HD2  H N N 33  
ARG HD3  H N N 34  
ARG HE   H N N 35  
ARG HH11 H N N 36  
ARG HH12 H N N 37  
ARG HH21 H N N 38  
ARG HH22 H N N 39  
ARG HXT  H N N 40  
ASN N    N N N 41  
ASN CA   C N S 42  
ASN C    C N N 43  
ASN O    O N N 44  
ASN CB   C N N 45  
ASN CG   C N N 46  
ASN OD1  O N N 47  
ASN ND2  N N N 48  
ASN OXT  O N N 49  
ASN H    H N N 50  
ASN H2   H N N 51  
ASN HA   H N N 52  
ASN HB2  H N N 53  
ASN HB3  H N N 54  
ASN HD21 H N N 55  
ASN HD22 H N N 56  
ASN HXT  H N N 57  
ASP N    N N N 58  
ASP CA   C N S 59  
ASP C    C N N 60  
ASP O    O N N 61  
ASP CB   C N N 62  
ASP CG   C N N 63  
ASP OD1  O N N 64  
ASP OD2  O N N 65  
ASP OXT  O N N 66  
ASP H    H N N 67  
ASP H2   H N N 68  
ASP HA   H N N 69  
ASP HB2  H N N 70  
ASP HB3  H N N 71  
ASP HD2  H N N 72  
ASP HXT  H N N 73  
CYS N    N N N 74  
CYS CA   C N R 75  
CYS C    C N N 76  
CYS O    O N N 77  
CYS CB   C N N 78  
CYS SG   S N N 79  
CYS OXT  O N N 80  
CYS H    H N N 81  
CYS H2   H N N 82  
CYS HA   H N N 83  
CYS HB2  H N N 84  
CYS HB3  H N N 85  
CYS HG   H N N 86  
CYS HXT  H N N 87  
GLN N    N N N 88  
GLN CA   C N S 89  
GLN C    C N N 90  
GLN O    O N N 91  
GLN CB   C N N 92  
GLN CG   C N N 93  
GLN CD   C N N 94  
GLN OE1  O N N 95  
GLN NE2  N N N 96  
GLN OXT  O N N 97  
GLN H    H N N 98  
GLN H2   H N N 99  
GLN HA   H N N 100 
GLN HB2  H N N 101 
GLN HB3  H N N 102 
GLN HG2  H N N 103 
GLN HG3  H N N 104 
GLN HE21 H N N 105 
GLN HE22 H N N 106 
GLN HXT  H N N 107 
GLU N    N N N 108 
GLU CA   C N S 109 
GLU C    C N N 110 
GLU O    O N N 111 
GLU CB   C N N 112 
GLU CG   C N N 113 
GLU CD   C N N 114 
GLU OE1  O N N 115 
GLU OE2  O N N 116 
GLU OXT  O N N 117 
GLU H    H N N 118 
GLU H2   H N N 119 
GLU HA   H N N 120 
GLU HB2  H N N 121 
GLU HB3  H N N 122 
GLU HG2  H N N 123 
GLU HG3  H N N 124 
GLU HE2  H N N 125 
GLU HXT  H N N 126 
GLY N    N N N 127 
GLY CA   C N N 128 
GLY C    C N N 129 
GLY O    O N N 130 
GLY OXT  O N N 131 
GLY H    H N N 132 
GLY H2   H N N 133 
GLY HA2  H N N 134 
GLY HA3  H N N 135 
GLY HXT  H N N 136 
HIS N    N N N 137 
HIS CA   C N S 138 
HIS C    C N N 139 
HIS O    O N N 140 
HIS CB   C N N 141 
HIS CG   C Y N 142 
HIS ND1  N Y N 143 
HIS CD2  C Y N 144 
HIS CE1  C Y N 145 
HIS NE2  N Y N 146 
HIS OXT  O N N 147 
HIS H    H N N 148 
HIS H2   H N N 149 
HIS HA   H N N 150 
HIS HB2  H N N 151 
HIS HB3  H N N 152 
HIS HD1  H N N 153 
HIS HD2  H N N 154 
HIS HE1  H N N 155 
HIS HE2  H N N 156 
HIS HXT  H N N 157 
ILE N    N N N 158 
ILE CA   C N S 159 
ILE C    C N N 160 
ILE O    O N N 161 
ILE CB   C N S 162 
ILE CG1  C N N 163 
ILE CG2  C N N 164 
ILE CD1  C N N 165 
ILE OXT  O N N 166 
ILE H    H N N 167 
ILE H2   H N N 168 
ILE HA   H N N 169 
ILE HB   H N N 170 
ILE HG12 H N N 171 
ILE HG13 H N N 172 
ILE HG21 H N N 173 
ILE HG22 H N N 174 
ILE HG23 H N N 175 
ILE HD11 H N N 176 
ILE HD12 H N N 177 
ILE HD13 H N N 178 
ILE HXT  H N N 179 
LEU N    N N N 180 
LEU CA   C N S 181 
LEU C    C N N 182 
LEU O    O N N 183 
LEU CB   C N N 184 
LEU CG   C N N 185 
LEU CD1  C N N 186 
LEU CD2  C N N 187 
LEU OXT  O N N 188 
LEU H    H N N 189 
LEU H2   H N N 190 
LEU HA   H N N 191 
LEU HB2  H N N 192 
LEU HB3  H N N 193 
LEU HG   H N N 194 
LEU HD11 H N N 195 
LEU HD12 H N N 196 
LEU HD13 H N N 197 
LEU HD21 H N N 198 
LEU HD22 H N N 199 
LEU HD23 H N N 200 
LEU HXT  H N N 201 
LYS N    N N N 202 
LYS CA   C N S 203 
LYS C    C N N 204 
LYS O    O N N 205 
LYS CB   C N N 206 
LYS CG   C N N 207 
LYS CD   C N N 208 
LYS CE   C N N 209 
LYS NZ   N N N 210 
LYS OXT  O N N 211 
LYS H    H N N 212 
LYS H2   H N N 213 
LYS HA   H N N 214 
LYS HB2  H N N 215 
LYS HB3  H N N 216 
LYS HG2  H N N 217 
LYS HG3  H N N 218 
LYS HD2  H N N 219 
LYS HD3  H N N 220 
LYS HE2  H N N 221 
LYS HE3  H N N 222 
LYS HZ1  H N N 223 
LYS HZ2  H N N 224 
LYS HZ3  H N N 225 
LYS HXT  H N N 226 
MET N    N N N 227 
MET CA   C N S 228 
MET C    C N N 229 
MET O    O N N 230 
MET CB   C N N 231 
MET CG   C N N 232 
MET SD   S N N 233 
MET CE   C N N 234 
MET OXT  O N N 235 
MET H    H N N 236 
MET H2   H N N 237 
MET HA   H N N 238 
MET HB2  H N N 239 
MET HB3  H N N 240 
MET HG2  H N N 241 
MET HG3  H N N 242 
MET HE1  H N N 243 
MET HE2  H N N 244 
MET HE3  H N N 245 
MET HXT  H N N 246 
PHE N    N N N 247 
PHE CA   C N S 248 
PHE C    C N N 249 
PHE O    O N N 250 
PHE CB   C N N 251 
PHE CG   C Y N 252 
PHE CD1  C Y N 253 
PHE CD2  C Y N 254 
PHE CE1  C Y N 255 
PHE CE2  C Y N 256 
PHE CZ   C Y N 257 
PHE OXT  O N N 258 
PHE H    H N N 259 
PHE H2   H N N 260 
PHE HA   H N N 261 
PHE HB2  H N N 262 
PHE HB3  H N N 263 
PHE HD1  H N N 264 
PHE HD2  H N N 265 
PHE HE1  H N N 266 
PHE HE2  H N N 267 
PHE HZ   H N N 268 
PHE HXT  H N N 269 
PRO N    N N N 270 
PRO CA   C N S 271 
PRO C    C N N 272 
PRO O    O N N 273 
PRO CB   C N N 274 
PRO CG   C N N 275 
PRO CD   C N N 276 
PRO OXT  O N N 277 
PRO H    H N N 278 
PRO HA   H N N 279 
PRO HB2  H N N 280 
PRO HB3  H N N 281 
PRO HG2  H N N 282 
PRO HG3  H N N 283 
PRO HD2  H N N 284 
PRO HD3  H N N 285 
PRO HXT  H N N 286 
SER N    N N N 287 
SER CA   C N S 288 
SER C    C N N 289 
SER O    O N N 290 
SER CB   C N N 291 
SER OG   O N N 292 
SER OXT  O N N 293 
SER H    H N N 294 
SER H2   H N N 295 
SER HA   H N N 296 
SER HB2  H N N 297 
SER HB3  H N N 298 
SER HG   H N N 299 
SER HXT  H N N 300 
THR N    N N N 301 
THR CA   C N S 302 
THR C    C N N 303 
THR O    O N N 304 
THR CB   C N R 305 
THR OG1  O N N 306 
THR CG2  C N N 307 
THR OXT  O N N 308 
THR H    H N N 309 
THR H2   H N N 310 
THR HA   H N N 311 
THR HB   H N N 312 
THR HG1  H N N 313 
THR HG21 H N N 314 
THR HG22 H N N 315 
THR HG23 H N N 316 
THR HXT  H N N 317 
TRP N    N N N 318 
TRP CA   C N S 319 
TRP C    C N N 320 
TRP O    O N N 321 
TRP CB   C N N 322 
TRP CG   C Y N 323 
TRP CD1  C Y N 324 
TRP CD2  C Y N 325 
TRP NE1  N Y N 326 
TRP CE2  C Y N 327 
TRP CE3  C Y N 328 
TRP CZ2  C Y N 329 
TRP CZ3  C Y N 330 
TRP CH2  C Y N 331 
TRP OXT  O N N 332 
TRP H    H N N 333 
TRP H2   H N N 334 
TRP HA   H N N 335 
TRP HB2  H N N 336 
TRP HB3  H N N 337 
TRP HD1  H N N 338 
TRP HE1  H N N 339 
TRP HE3  H N N 340 
TRP HZ2  H N N 341 
TRP HZ3  H N N 342 
TRP HH2  H N N 343 
TRP HXT  H N N 344 
TYR N    N N N 345 
TYR CA   C N S 346 
TYR C    C N N 347 
TYR O    O N N 348 
TYR CB   C N N 349 
TYR CG   C Y N 350 
TYR CD1  C Y N 351 
TYR CD2  C Y N 352 
TYR CE1  C Y N 353 
TYR CE2  C Y N 354 
TYR CZ   C Y N 355 
TYR OH   O N N 356 
TYR OXT  O N N 357 
TYR H    H N N 358 
TYR H2   H N N 359 
TYR HA   H N N 360 
TYR HB2  H N N 361 
TYR HB3  H N N 362 
TYR HD1  H N N 363 
TYR HD2  H N N 364 
TYR HE1  H N N 365 
TYR HE2  H N N 366 
TYR HH   H N N 367 
TYR HXT  H N N 368 
VAL N    N N N 369 
VAL CA   C N S 370 
VAL C    C N N 371 
VAL O    O N N 372 
VAL CB   C N N 373 
VAL CG1  C N N 374 
VAL CG2  C N N 375 
VAL OXT  O N N 376 
VAL H    H N N 377 
VAL H2   H N N 378 
VAL HA   H N N 379 
VAL HB   H N N 380 
VAL HG11 H N N 381 
VAL HG12 H N N 382 
VAL HG13 H N N 383 
VAL HG21 H N N 384 
VAL HG22 H N N 385 
VAL HG23 H N N 386 
VAL HXT  H N N 387 
# 
loop_
_chem_comp_bond.comp_id 
_chem_comp_bond.atom_id_1 
_chem_comp_bond.atom_id_2 
_chem_comp_bond.value_order 
_chem_comp_bond.pdbx_aromatic_flag 
_chem_comp_bond.pdbx_stereo_config 
_chem_comp_bond.pdbx_ordinal 
ALA N   CA   sing N N 1   
ALA N   H    sing N N 2   
ALA N   H2   sing N N 3   
ALA CA  C    sing N N 4   
ALA CA  CB   sing N N 5   
ALA CA  HA   sing N N 6   
ALA C   O    doub N N 7   
ALA C   OXT  sing N N 8   
ALA CB  HB1  sing N N 9   
ALA CB  HB2  sing N N 10  
ALA CB  HB3  sing N N 11  
ALA OXT HXT  sing N N 12  
ARG N   CA   sing N N 13  
ARG N   H    sing N N 14  
ARG N   H2   sing N N 15  
ARG CA  C    sing N N 16  
ARG CA  CB   sing N N 17  
ARG CA  HA   sing N N 18  
ARG C   O    doub N N 19  
ARG C   OXT  sing N N 20  
ARG CB  CG   sing N N 21  
ARG CB  HB2  sing N N 22  
ARG CB  HB3  sing N N 23  
ARG CG  CD   sing N N 24  
ARG CG  HG2  sing N N 25  
ARG CG  HG3  sing N N 26  
ARG CD  NE   sing N N 27  
ARG CD  HD2  sing N N 28  
ARG CD  HD3  sing N N 29  
ARG NE  CZ   sing N N 30  
ARG NE  HE   sing N N 31  
ARG CZ  NH1  sing N N 32  
ARG CZ  NH2  doub N N 33  
ARG NH1 HH11 sing N N 34  
ARG NH1 HH12 sing N N 35  
ARG NH2 HH21 sing N N 36  
ARG NH2 HH22 sing N N 37  
ARG OXT HXT  sing N N 38  
ASN N   CA   sing N N 39  
ASN N   H    sing N N 40  
ASN N   H2   sing N N 41  
ASN CA  C    sing N N 42  
ASN CA  CB   sing N N 43  
ASN CA  HA   sing N N 44  
ASN C   O    doub N N 45  
ASN C   OXT  sing N N 46  
ASN CB  CG   sing N N 47  
ASN CB  HB2  sing N N 48  
ASN CB  HB3  sing N N 49  
ASN CG  OD1  doub N N 50  
ASN CG  ND2  sing N N 51  
ASN ND2 HD21 sing N N 52  
ASN ND2 HD22 sing N N 53  
ASN OXT HXT  sing N N 54  
ASP N   CA   sing N N 55  
ASP N   H    sing N N 56  
ASP N   H2   sing N N 57  
ASP CA  C    sing N N 58  
ASP CA  CB   sing N N 59  
ASP CA  HA   sing N N 60  
ASP C   O    doub N N 61  
ASP C   OXT  sing N N 62  
ASP CB  CG   sing N N 63  
ASP CB  HB2  sing N N 64  
ASP CB  HB3  sing N N 65  
ASP CG  OD1  doub N N 66  
ASP CG  OD2  sing N N 67  
ASP OD2 HD2  sing N N 68  
ASP OXT HXT  sing N N 69  
CYS N   CA   sing N N 70  
CYS N   H    sing N N 71  
CYS N   H2   sing N N 72  
CYS CA  C    sing N N 73  
CYS CA  CB   sing N N 74  
CYS CA  HA   sing N N 75  
CYS C   O    doub N N 76  
CYS C   OXT  sing N N 77  
CYS CB  SG   sing N N 78  
CYS CB  HB2  sing N N 79  
CYS CB  HB3  sing N N 80  
CYS SG  HG   sing N N 81  
CYS OXT HXT  sing N N 82  
GLN N   CA   sing N N 83  
GLN N   H    sing N N 84  
GLN N   H2   sing N N 85  
GLN CA  C    sing N N 86  
GLN CA  CB   sing N N 87  
GLN CA  HA   sing N N 88  
GLN C   O    doub N N 89  
GLN C   OXT  sing N N 90  
GLN CB  CG   sing N N 91  
GLN CB  HB2  sing N N 92  
GLN CB  HB3  sing N N 93  
GLN CG  CD   sing N N 94  
GLN CG  HG2  sing N N 95  
GLN CG  HG3  sing N N 96  
GLN CD  OE1  doub N N 97  
GLN CD  NE2  sing N N 98  
GLN NE2 HE21 sing N N 99  
GLN NE2 HE22 sing N N 100 
GLN OXT HXT  sing N N 101 
GLU N   CA   sing N N 102 
GLU N   H    sing N N 103 
GLU N   H2   sing N N 104 
GLU CA  C    sing N N 105 
GLU CA  CB   sing N N 106 
GLU CA  HA   sing N N 107 
GLU C   O    doub N N 108 
GLU C   OXT  sing N N 109 
GLU CB  CG   sing N N 110 
GLU CB  HB2  sing N N 111 
GLU CB  HB3  sing N N 112 
GLU CG  CD   sing N N 113 
GLU CG  HG2  sing N N 114 
GLU CG  HG3  sing N N 115 
GLU CD  OE1  doub N N 116 
GLU CD  OE2  sing N N 117 
GLU OE2 HE2  sing N N 118 
GLU OXT HXT  sing N N 119 
GLY N   CA   sing N N 120 
GLY N   H    sing N N 121 
GLY N   H2   sing N N 122 
GLY CA  C    sing N N 123 
GLY CA  HA2  sing N N 124 
GLY CA  HA3  sing N N 125 
GLY C   O    doub N N 126 
GLY C   OXT  sing N N 127 
GLY OXT HXT  sing N N 128 
HIS N   CA   sing N N 129 
HIS N   H    sing N N 130 
HIS N   H2   sing N N 131 
HIS CA  C    sing N N 132 
HIS CA  CB   sing N N 133 
HIS CA  HA   sing N N 134 
HIS C   O    doub N N 135 
HIS C   OXT  sing N N 136 
HIS CB  CG   sing N N 137 
HIS CB  HB2  sing N N 138 
HIS CB  HB3  sing N N 139 
HIS CG  ND1  sing Y N 140 
HIS CG  CD2  doub Y N 141 
HIS ND1 CE1  doub Y N 142 
HIS ND1 HD1  sing N N 143 
HIS CD2 NE2  sing Y N 144 
HIS CD2 HD2  sing N N 145 
HIS CE1 NE2  sing Y N 146 
HIS CE1 HE1  sing N N 147 
HIS NE2 HE2  sing N N 148 
HIS OXT HXT  sing N N 149 
ILE N   CA   sing N N 150 
ILE N   H    sing N N 151 
ILE N   H2   sing N N 152 
ILE CA  C    sing N N 153 
ILE CA  CB   sing N N 154 
ILE CA  HA   sing N N 155 
ILE C   O    doub N N 156 
ILE C   OXT  sing N N 157 
ILE CB  CG1  sing N N 158 
ILE CB  CG2  sing N N 159 
ILE CB  HB   sing N N 160 
ILE CG1 CD1  sing N N 161 
ILE CG1 HG12 sing N N 162 
ILE CG1 HG13 sing N N 163 
ILE CG2 HG21 sing N N 164 
ILE CG2 HG22 sing N N 165 
ILE CG2 HG23 sing N N 166 
ILE CD1 HD11 sing N N 167 
ILE CD1 HD12 sing N N 168 
ILE CD1 HD13 sing N N 169 
ILE OXT HXT  sing N N 170 
LEU N   CA   sing N N 171 
LEU N   H    sing N N 172 
LEU N   H2   sing N N 173 
LEU CA  C    sing N N 174 
LEU CA  CB   sing N N 175 
LEU CA  HA   sing N N 176 
LEU C   O    doub N N 177 
LEU C   OXT  sing N N 178 
LEU CB  CG   sing N N 179 
LEU CB  HB2  sing N N 180 
LEU CB  HB3  sing N N 181 
LEU CG  CD1  sing N N 182 
LEU CG  CD2  sing N N 183 
LEU CG  HG   sing N N 184 
LEU CD1 HD11 sing N N 185 
LEU CD1 HD12 sing N N 186 
LEU CD1 HD13 sing N N 187 
LEU CD2 HD21 sing N N 188 
LEU CD2 HD22 sing N N 189 
LEU CD2 HD23 sing N N 190 
LEU OXT HXT  sing N N 191 
LYS N   CA   sing N N 192 
LYS N   H    sing N N 193 
LYS N   H2   sing N N 194 
LYS CA  C    sing N N 195 
LYS CA  CB   sing N N 196 
LYS CA  HA   sing N N 197 
LYS C   O    doub N N 198 
LYS C   OXT  sing N N 199 
LYS CB  CG   sing N N 200 
LYS CB  HB2  sing N N 201 
LYS CB  HB3  sing N N 202 
LYS CG  CD   sing N N 203 
LYS CG  HG2  sing N N 204 
LYS CG  HG3  sing N N 205 
LYS CD  CE   sing N N 206 
LYS CD  HD2  sing N N 207 
LYS CD  HD3  sing N N 208 
LYS CE  NZ   sing N N 209 
LYS CE  HE2  sing N N 210 
LYS CE  HE3  sing N N 211 
LYS NZ  HZ1  sing N N 212 
LYS NZ  HZ2  sing N N 213 
LYS NZ  HZ3  sing N N 214 
LYS OXT HXT  sing N N 215 
MET N   CA   sing N N 216 
MET N   H    sing N N 217 
MET N   H2   sing N N 218 
MET CA  C    sing N N 219 
MET CA  CB   sing N N 220 
MET CA  HA   sing N N 221 
MET C   O    doub N N 222 
MET C   OXT  sing N N 223 
MET CB  CG   sing N N 224 
MET CB  HB2  sing N N 225 
MET CB  HB3  sing N N 226 
MET CG  SD   sing N N 227 
MET CG  HG2  sing N N 228 
MET CG  HG3  sing N N 229 
MET SD  CE   sing N N 230 
MET CE  HE1  sing N N 231 
MET CE  HE2  sing N N 232 
MET CE  HE3  sing N N 233 
MET OXT HXT  sing N N 234 
PHE N   CA   sing N N 235 
PHE N   H    sing N N 236 
PHE N   H2   sing N N 237 
PHE CA  C    sing N N 238 
PHE CA  CB   sing N N 239 
PHE CA  HA   sing N N 240 
PHE C   O    doub N N 241 
PHE C   OXT  sing N N 242 
PHE CB  CG   sing N N 243 
PHE CB  HB2  sing N N 244 
PHE CB  HB3  sing N N 245 
PHE CG  CD1  doub Y N 246 
PHE CG  CD2  sing Y N 247 
PHE CD1 CE1  sing Y N 248 
PHE CD1 HD1  sing N N 249 
PHE CD2 CE2  doub Y N 250 
PHE CD2 HD2  sing N N 251 
PHE CE1 CZ   doub Y N 252 
PHE CE1 HE1  sing N N 253 
PHE CE2 CZ   sing Y N 254 
PHE CE2 HE2  sing N N 255 
PHE CZ  HZ   sing N N 256 
PHE OXT HXT  sing N N 257 
PRO N   CA   sing N N 258 
PRO N   CD   sing N N 259 
PRO N   H    sing N N 260 
PRO CA  C    sing N N 261 
PRO CA  CB   sing N N 262 
PRO CA  HA   sing N N 263 
PRO C   O    doub N N 264 
PRO C   OXT  sing N N 265 
PRO CB  CG   sing N N 266 
PRO CB  HB2  sing N N 267 
PRO CB  HB3  sing N N 268 
PRO CG  CD   sing N N 269 
PRO CG  HG2  sing N N 270 
PRO CG  HG3  sing N N 271 
PRO CD  HD2  sing N N 272 
PRO CD  HD3  sing N N 273 
PRO OXT HXT  sing N N 274 
SER N   CA   sing N N 275 
SER N   H    sing N N 276 
SER N   H2   sing N N 277 
SER CA  C    sing N N 278 
SER CA  CB   sing N N 279 
SER CA  HA   sing N N 280 
SER C   O    doub N N 281 
SER C   OXT  sing N N 282 
SER CB  OG   sing N N 283 
SER CB  HB2  sing N N 284 
SER CB  HB3  sing N N 285 
SER OG  HG   sing N N 286 
SER OXT HXT  sing N N 287 
THR N   CA   sing N N 288 
THR N   H    sing N N 289 
THR N   H2   sing N N 290 
THR CA  C    sing N N 291 
THR CA  CB   sing N N 292 
THR CA  HA   sing N N 293 
THR C   O    doub N N 294 
THR C   OXT  sing N N 295 
THR CB  OG1  sing N N 296 
THR CB  CG2  sing N N 297 
THR CB  HB   sing N N 298 
THR OG1 HG1  sing N N 299 
THR CG2 HG21 sing N N 300 
THR CG2 HG22 sing N N 301 
THR CG2 HG23 sing N N 302 
THR OXT HXT  sing N N 303 
TRP N   CA   sing N N 304 
TRP N   H    sing N N 305 
TRP N   H2   sing N N 306 
TRP CA  C    sing N N 307 
TRP CA  CB   sing N N 308 
TRP CA  HA   sing N N 309 
TRP C   O    doub N N 310 
TRP C   OXT  sing N N 311 
TRP CB  CG   sing N N 312 
TRP CB  HB2  sing N N 313 
TRP CB  HB3  sing N N 314 
TRP CG  CD1  doub Y N 315 
TRP CG  CD2  sing Y N 316 
TRP CD1 NE1  sing Y N 317 
TRP CD1 HD1  sing N N 318 
TRP CD2 CE2  doub Y N 319 
TRP CD2 CE3  sing Y N 320 
TRP NE1 CE2  sing Y N 321 
TRP NE1 HE1  sing N N 322 
TRP CE2 CZ2  sing Y N 323 
TRP CE3 CZ3  doub Y N 324 
TRP CE3 HE3  sing N N 325 
TRP CZ2 CH2  doub Y N 326 
TRP CZ2 HZ2  sing N N 327 
TRP CZ3 CH2  sing Y N 328 
TRP CZ3 HZ3  sing N N 329 
TRP CH2 HH2  sing N N 330 
TRP OXT HXT  sing N N 331 
TYR N   CA   sing N N 332 
TYR N   H    sing N N 333 
TYR N   H2   sing N N 334 
TYR CA  C    sing N N 335 
TYR CA  CB   sing N N 336 
TYR CA  HA   sing N N 337 
TYR C   O    doub N N 338 
TYR C   OXT  sing N N 339 
TYR CB  CG   sing N N 340 
TYR CB  HB2  sing N N 341 
TYR CB  HB3  sing N N 342 
TYR CG  CD1  doub Y N 343 
TYR CG  CD2  sing Y N 344 
TYR CD1 CE1  sing Y N 345 
TYR CD1 HD1  sing N N 346 
TYR CD2 CE2  doub Y N 347 
TYR CD2 HD2  sing N N 348 
TYR CE1 CZ   doub Y N 349 
TYR CE1 HE1  sing N N 350 
TYR CE2 CZ   sing Y N 351 
TYR CE2 HE2  sing N N 352 
TYR CZ  OH   sing N N 353 
TYR OH  HH   sing N N 354 
TYR OXT HXT  sing N N 355 
VAL N   CA   sing N N 356 
VAL N   H    sing N N 357 
VAL N   H2   sing N N 358 
VAL CA  C    sing N N 359 
VAL CA  CB   sing N N 360 
VAL CA  HA   sing N N 361 
VAL C   O    doub N N 362 
VAL C   OXT  sing N N 363 
VAL CB  CG1  sing N N 364 
VAL CB  CG2  sing N N 365 
VAL CB  HB   sing N N 366 
VAL CG1 HG11 sing N N 367 
VAL CG1 HG12 sing N N 368 
VAL CG1 HG13 sing N N 369 
VAL CG2 HG21 sing N N 370 
VAL CG2 HG22 sing N N 371 
VAL CG2 HG23 sing N N 372 
VAL OXT HXT  sing N N 373 
# 
_em_ctf_correction.id        1 
_em_ctf_correction.details   robem 
_em_ctf_correction.type      . 
# 
_em_image_processing.id                   1 
_em_image_processing.image_recording_id   1 
_em_image_processing.details              ? 
# 
_em_image_recording.avg_electron_dose_per_image   34.52 
_em_image_recording.details                       ? 
_em_image_recording.id                            1 
_em_image_recording.film_or_detector_model        'KODAK SO-163 FILM' 
_em_image_recording.imaging_id                    1 
_em_image_recording.detector_mode                 ? 
_em_image_recording.average_exposure_time         ? 
_em_image_recording.num_diffraction_images        ? 
_em_image_recording.num_grids_imaged              ? 
_em_image_recording.num_real_images               ? 
# 
loop_
_em_software.id 
_em_software.name 
_em_software.version 
_em_software.category 
_em_software.details 
_em_software.image_processing_id 
1 EM3DR ? RECONSTRUCTION ? 1 
2 EMPFT ? RECONSTRUCTION ? 1 
# 
_em_specimen.experiment_id           1 
_em_specimen.id                      1 
_em_specimen.concentration           1 
_em_specimen.vitrification_applied   YES 
_em_specimen.staining_applied        NO 
_em_specimen.embedding_applied       NO 
_em_specimen.shadowing_applied       NO 
_em_specimen.details                 '10mM Tris-HCL' 
# 
_em_virus_natural_host.entity_assembly_id   1 
_em_virus_natural_host.id                   1 
_em_virus_natural_host.ncbi_tax_id          9685 
_em_virus_natural_host.organism             'Felis catus' 
_em_virus_natural_host.strain               ? 
# 
_em_virus_shell.entity_assembly_id   1 
_em_virus_shell.id                   1 
_em_virus_shell.name                 ? 
_em_virus_shell.diameter             ? 
_em_virus_shell.triangulation        1 
# 
_atom_sites.entry_id                    3IY4 
_atom_sites.fract_transf_matrix[1][1]   1.000000 
_atom_sites.fract_transf_matrix[1][2]   0.000000 
_atom_sites.fract_transf_matrix[1][3]   0.000000 
_atom_sites.fract_transf_matrix[2][1]   0.000000 
_atom_sites.fract_transf_matrix[2][2]   1.000000 
_atom_sites.fract_transf_matrix[2][3]   0.000000 
_atom_sites.fract_transf_matrix[3][1]   0.000000 
_atom_sites.fract_transf_matrix[3][2]   0.000000 
_atom_sites.fract_transf_matrix[3][3]   1.000000 
_atom_sites.fract_transf_vector[1]      0.00000 
_atom_sites.fract_transf_vector[2]      0.00000 
_atom_sites.fract_transf_vector[3]      0.00000 
# 
loop_
_atom_type.symbol 
C 
N 
O 
S 
# 
loop_
_atom_site.group_PDB 
_atom_site.id 
_atom_site.type_symbol 
_atom_site.label_atom_id 
_atom_site.label_alt_id 
_atom_site.label_comp_id 
_atom_site.label_asym_id 
_atom_site.label_entity_id 
_atom_site.label_seq_id 
_atom_site.pdbx_PDB_ins_code 
_atom_site.Cartn_x 
_atom_site.Cartn_y 
_atom_site.Cartn_z 
_atom_site.occupancy 
_atom_site.B_iso_or_equiv 
_atom_site.pdbx_formal_charge 
_atom_site.auth_seq_id 
_atom_site.auth_comp_id 
_atom_site.auth_asym_id 
_atom_site.auth_atom_id 
_atom_site.pdbx_PDB_model_num 
ATOM 1    N N   . LEU A 1 1   ? 3.472   7.432   -11.761 1.00 45.44  ? 1   LEU A N   1 
ATOM 2    C CA  . LEU A 1 1   ? 2.484   6.364   -11.560 1.00 43.43  ? 1   LEU A CA  1 
ATOM 3    C C   . LEU A 1 1   ? 3.151   5.015   -11.819 1.00 41.07  ? 1   LEU A C   1 
ATOM 4    O O   . LEU A 1 1   ? 4.379   4.981   -11.909 1.00 39.26  ? 1   LEU A O   1 
ATOM 5    C CB  . LEU A 1 1   ? 1.340   6.531   -12.559 1.00 55.16  ? 1   LEU A CB  1 
ATOM 6    C CG  . LEU A 1 1   ? 0.419   7.756   -12.536 1.00 61.65  ? 1   LEU A CG  1 
ATOM 7    C CD1 . LEU A 1 1   ? -0.346  7.862   -13.857 1.00 73.28  ? 1   LEU A CD1 1 
ATOM 8    C CD2 . LEU A 1 1   ? -0.543  7.706   -11.351 1.00 58.50  ? 1   LEU A CD2 1 
ATOM 9    N N   . MET A 1 2   ? 2.350   3.951   -11.991 1.00 43.56  ? 2   MET A N   1 
ATOM 10   C CA  . MET A 1 2   ? 2.913   2.602   -12.192 1.00 40.83  ? 2   MET A CA  1 
ATOM 11   C C   . MET A 1 2   ? 2.103   1.661   -13.110 1.00 49.48  ? 2   MET A C   1 
ATOM 12   O O   . MET A 1 2   ? 0.872   1.746   -13.153 1.00 55.91  ? 2   MET A O   1 
ATOM 13   C CB  . MET A 1 2   ? 2.987   1.896   -10.845 1.00 33.22  ? 2   MET A CB  1 
ATOM 14   C CG  . MET A 1 2   ? 4.330   1.211   -10.642 1.00 29.40  ? 2   MET A CG  1 
ATOM 15   S SD  . MET A 1 2   ? 5.431   2.489   -10.055 1.00 26.66  ? 2   MET A SD  1 
ATOM 16   C CE  . MET A 1 2   ? 6.996   1.692   -10.397 1.00 28.77  ? 2   MET A CE  1 
ATOM 17   N N   . THR A 1 3   ? 2.828   0.746   -13.775 1.00 49.05  ? 3   THR A N   1 
ATOM 18   C CA  . THR A 1 3   ? 2.250   -0.266  -14.673 1.00 56.97  ? 3   THR A CA  1 
ATOM 19   C C   . THR A 1 3   ? 2.876   -1.602  -14.243 1.00 50.76  ? 3   THR A C   1 
ATOM 20   O O   . THR A 1 3   ? 4.102   -1.714  -14.128 1.00 44.08  ? 3   THR A O   1 
ATOM 21   C CB  . THR A 1 3   ? 2.583   0.019   -16.166 1.00 65.59  ? 3   THR A CB  1 
ATOM 22   O OG1 . THR A 1 3   ? 1.766   1.044   -16.748 1.00 73.59  ? 3   THR A OG1 1 
ATOM 23   C CG2 . THR A 1 3   ? 2.481   -1.241  -17.027 1.00 72.83  ? 3   THR A CG2 1 
ATOM 24   N N   . GLN A 1 4   ? 2.039   -2.602  -13.981 1.00 53.45  ? 4   GLN A N   1 
ATOM 25   C CA  . GLN A 1 4   ? 2.554   -3.890  -13.528 1.00 47.57  ? 4   GLN A CA  1 
ATOM 26   C C   . GLN A 1 4   ? 2.151   -4.954  -14.527 1.00 57.37  ? 4   GLN A C   1 
ATOM 27   O O   . GLN A 1 4   ? 0.985   -5.045  -14.921 1.00 66.79  ? 4   GLN A O   1 
ATOM 28   C CB  . GLN A 1 4   ? 1.938   -4.191  -12.161 1.00 41.70  ? 4   GLN A CB  1 
ATOM 29   C CG  . GLN A 1 4   ? 2.664   -5.286  -11.387 1.00 33.08  ? 4   GLN A CG  1 
ATOM 30   C CD  . GLN A 1 4   ? 2.199   -5.301  -9.948  1.00 28.21  ? 4   GLN A CD  1 
ATOM 31   O OE1 . GLN A 1 4   ? 1.661   -4.334  -9.418  1.00 28.42  ? 4   GLN A OE1 1 
ATOM 32   N NE2 . GLN A 1 4   ? 2.427   -6.404  -9.298  1.00 24.23  ? 4   GLN A NE2 1 
ATOM 33   N N   . ILE A 1 5   ? 3.125   -5.727  -14.975 1.00 55.84  ? 5   ILE A N   1 
ATOM 34   C CA  . ILE A 1 5   ? 2.816   -6.781  -15.932 1.00 67.08  ? 5   ILE A CA  1 
ATOM 35   C C   . ILE A 1 5   ? 3.641   -7.954  -15.433 1.00 61.21  ? 5   ILE A C   1 
ATOM 36   O O   . ILE A 1 5   ? 4.758   -7.747  -14.948 1.00 53.68  ? 5   ILE A O   1 
ATOM 37   C CB  . ILE A 1 5   ? 3.175   -6.318  -17.352 1.00 78.07  ? 5   ILE A CB  1 
ATOM 38   C CG1 . ILE A 1 5   ? 3.841   -7.413  -18.179 1.00 84.70  ? 5   ILE A CG1 1 
ATOM 39   C CG2 . ILE A 1 5   ? 4.050   -5.068  -17.374 1.00 73.89  ? 5   ILE A CG2 1 
ATOM 40   C CD1 . ILE A 1 5   ? 2.850   -8.380  -18.818 1.00 92.02  ? 5   ILE A CD1 1 
ATOM 41   N N   . PRO A 1 6   ? 3.130   -9.190  -15.452 1.00 63.87  ? 6   PRO A N   1 
ATOM 42   C CA  . PRO A 1 6   ? 1.808   -9.580  -15.974 1.00 72.04  ? 6   PRO A CA  1 
ATOM 43   C C   . PRO A 1 6   ? 0.678   -9.498  -14.944 1.00 69.57  ? 6   PRO A C   1 
ATOM 44   O O   . PRO A 1 6   ? 0.909   -9.302  -13.756 1.00 58.57  ? 6   PRO A O   1 
ATOM 45   C CB  . PRO A 1 6   ? 2.051   -11.070 -16.261 1.00 74.18  ? 6   PRO A CB  1 
ATOM 46   C CG  . PRO A 1 6   ? 2.930   -11.475 -15.076 1.00 63.55  ? 6   PRO A CG  1 
ATOM 47   C CD  . PRO A 1 6   ? 3.902   -10.303 -14.936 1.00 59.60  ? 6   PRO A CD  1 
ATOM 48   N N   . ALA A 1 7   ? -0.551  -9.671  -15.429 1.00 80.22  ? 7   ALA A N   1 
ATOM 49   C CA  . ALA A 1 7   ? -1.707  -9.610  -14.541 1.00 81.53  ? 7   ALA A CA  1 
ATOM 50   C C   . ALA A 1 7   ? -1.835  -10.922 -13.772 1.00 76.98  ? 7   ALA A C   1 
ATOM 51   O O   . ALA A 1 7   ? -2.006  -10.904 -12.553 1.00 72.41  ? 7   ALA A O   1 
ATOM 52   C CB  . ALA A 1 7   ? -2.962  -9.351  -15.382 1.00 93.58  ? 7   ALA A CB  1 
ATOM 53   N N   . SER A 1 8   ? -1.761  -12.053 -14.480 1.00 79.77  ? 8   SER A N   1 
ATOM 54   C CA  . SER A 1 8   ? -1.870  -13.359 -13.828 1.00 75.81  ? 8   SER A CA  1 
ATOM 55   C C   . SER A 1 8   ? -0.534  -14.066 -14.031 1.00 70.39  ? 8   SER A C   1 
ATOM 56   O O   . SER A 1 8   ? 0.153   -13.812 -15.024 1.00 73.56  ? 8   SER A O   1 
ATOM 57   C CB  . SER A 1 8   ? -2.999  -14.171 -14.501 1.00 84.06  ? 8   SER A CB  1 
ATOM 58   O OG  . SER A 1 8   ? -3.261  -15.438 -13.885 1.00 79.67  ? 8   SER A OG  1 
ATOM 59   N N   . LEU A 1 9   ? -0.168  -14.960 -13.112 1.00 63.46  ? 9   LEU A N   1 
ATOM 60   C CA  . LEU A 1 9   ? 1.118   -15.648 -13.239 1.00 60.66  ? 9   LEU A CA  1 
ATOM 61   C C   . LEU A 1 9   ? 1.010   -17.068 -12.697 1.00 60.23  ? 9   LEU A C   1 
ATOM 62   O O   . LEU A 1 9   ? 1.137   -17.286 -11.490 1.00 52.34  ? 9   LEU A O   1 
ATOM 63   C CB  . LEU A 1 9   ? 2.211   -14.845 -12.520 1.00 52.60  ? 9   LEU A CB  1 
ATOM 64   C CG  . LEU A 1 9   ? 3.640   -15.395 -12.487 1.00 53.41  ? 9   LEU A CG  1 
ATOM 65   C CD1 . LEU A 1 9   ? 4.108   -15.906 -13.846 1.00 66.40  ? 9   LEU A CD1 1 
ATOM 66   C CD2 . LEU A 1 9   ? 4.585   -14.304 -11.982 1.00 48.06  ? 9   LEU A CD2 1 
ATOM 67   N N   . ALA A 1 10  ? 0.736   -18.022 -13.586 1.00 69.48  ? 10  ALA A N   1 
ATOM 68   C CA  . ALA A 1 10  ? 0.680   -19.410 -13.175 1.00 68.41  ? 10  ALA A CA  1 
ATOM 69   C C   . ALA A 1 10  ? 2.078   -19.942 -13.033 1.00 69.77  ? 10  ALA A C   1 
ATOM 70   O O   . ALA A 1 10  ? 2.888   -19.764 -13.943 1.00 78.09  ? 10  ALA A O   1 
ATOM 71   C CB  . ALA A 1 10  ? -0.308  -20.167 -14.074 1.00 74.95  ? 10  ALA A CB  1 
ATOM 72   N N   . VAL A 1 11  ? 2.398   -20.510 -11.879 1.00 62.43  ? 11  VAL A N   1 
ATOM 73   C CA  . VAL A 1 11  ? 3.773   -20.944 -11.680 1.00 64.33  ? 11  VAL A CA  1 
ATOM 74   C C   . VAL A 1 11  ? 3.755   -22.277 -10.951 1.00 60.86  ? 11  VAL A C   1 
ATOM 75   O O   . VAL A 1 11  ? 2.829   -22.527 -10.185 1.00 53.51  ? 11  VAL A O   1 
ATOM 76   C CB  . VAL A 1 11  ? 4.574   -19.888 -10.923 1.00 57.46  ? 11  VAL A CB  1 
ATOM 77   C CG1 . VAL A 1 11  ? 4.553   -20.111 -9.415  1.00 47.96  ? 11  VAL A CG1 1 
ATOM 78   C CG2 . VAL A 1 11  ? 6.006   -19.819 -11.439 1.00 64.93  ? 11  VAL A CG2 1 
ATOM 79   N N   . SER A 1 12  ? 4.722   -23.153 -11.208 1.00 66.45  ? 12  SER A N   1 
ATOM 80   C CA  . SER A 1 12  ? 4.747   -24.447 -10.526 1.00 64.48  ? 12  SER A CA  1 
ATOM 81   C C   . SER A 1 12  ? 5.640   -24.311 -9.315  1.00 59.22  ? 12  SER A C   1 
ATOM 82   O O   . SER A 1 12  ? 6.522   -23.453 -9.306  1.00 58.88  ? 12  SER A O   1 
ATOM 83   C CB  . SER A 1 12  ? 5.358   -25.521 -11.438 1.00 74.61  ? 12  SER A CB  1 
ATOM 84   O OG  . SER A 1 12  ? 4.482   -25.949 -12.461 1.00 79.37  ? 12  SER A OG  1 
ATOM 85   N N   . LEU A 1 13  ? 5.427   -25.147 -8.310  1.00 55.21  ? 13  LEU A N   1 
ATOM 86   C CA  . LEU A 1 13  ? 6.264   -25.048 -7.117  1.00 52.29  ? 13  LEU A CA  1 
ATOM 87   C C   . LEU A 1 13  ? 7.697   -25.324 -7.520  1.00 58.56  ? 13  LEU A C   1 
ATOM 88   O O   . LEU A 1 13  ? 7.951   -26.156 -8.391  1.00 67.98  ? 13  LEU A O   1 
ATOM 89   C CB  . LEU A 1 13  ? 5.787   -26.068 -6.092  1.00 54.02  ? 13  LEU A CB  1 
ATOM 90   C CG  . LEU A 1 13  ? 4.378   -25.747 -5.618  1.00 49.68  ? 13  LEU A CG  1 
ATOM 91   C CD1 . LEU A 1 13  ? 3.702   -26.994 -5.067  1.00 54.25  ? 13  LEU A CD1 1 
ATOM 92   C CD2 . LEU A 1 13  ? 4.419   -24.627 -4.586  1.00 44.22  ? 13  LEU A CD2 1 
ATOM 93   N N   . GLY A 1 14  ? 8.630   -24.556 -6.978  1.00 53.25  ? 14  GLY A N   1 
ATOM 94   C CA  . GLY A 1 14  ? 10.021  -24.769 -7.339  1.00 60.21  ? 14  GLY A CA  1 
ATOM 95   C C   . GLY A 1 14  ? 10.411  -23.807 -8.451  1.00 63.77  ? 14  GLY A C   1 
ATOM 96   O O   . GLY A 1 14  ? 11.580  -23.433 -8.536  1.00 66.43  ? 14  GLY A O   1 
ATOM 97   N N   . GLN A 1 15  ? 9.443   -23.397 -9.268  1.00 64.38  ? 15  GLN A N   1 
ATOM 98   C CA  . GLN A 1 15  ? 9.684   -22.434 -10.341 1.00 69.82  ? 15  GLN A CA  1 
ATOM 99   C C   . GLN A 1 15  ? 10.207  -21.125 -9.925  1.00 65.33  ? 15  GLN A C   1 
ATOM 100  O O   . GLN A 1 15  ? 10.122  -20.807 -8.750  1.00 55.55  ? 15  GLN A O   1 
ATOM 101  C CB  . GLN A 1 15  ? 8.413   -22.175 -11.143 1.00 72.76  ? 15  GLN A CB  1 
ATOM 102  C CG  . GLN A 1 15  ? 8.152   -22.981 -12.412 1.00 83.55  ? 15  GLN A CG  1 
ATOM 103  C CD  . GLN A 1 15  ? 9.125   -24.139 -12.594 1.00 89.43  ? 15  GLN A CD  1 
ATOM 104  O OE1 . GLN A 1 15  ? 10.185  -24.308 -12.005 1.00 88.21  ? 15  GLN A OE1 1 
ATOM 105  N NE2 . GLN A 1 15  ? 8.799   -25.003 -13.497 1.00 95.22  ? 15  GLN A NE2 1 
ATOM 106  N N   . ARG A 1 16  ? 10.665  -20.347 -10.893 1.00 72.62  ? 16  ARG A N   1 
ATOM 107  C CA  . ARG A 1 16  ? 11.083  -18.997 -10.566 1.00 69.91  ? 16  ARG A CA  1 
ATOM 108  C C   . ARG A 1 16  ? 10.026  -18.124 -11.192 1.00 70.74  ? 16  ARG A C   1 
ATOM 109  O O   . ARG A 1 16  ? 9.385   -18.555 -12.154 1.00 77.38  ? 16  ARG A O   1 
ATOM 110  C CB  . ARG A 1 16  ? 12.423  -18.678 -11.225 1.00 79.98  ? 16  ARG A CB  1 
ATOM 111  C CG  . ARG A 1 16  ? 12.821  -17.210 -11.121 1.00 79.42  ? 16  ARG A CG  1 
ATOM 112  C CD  . ARG A 1 16  ? 14.148  -16.925 -11.813 1.00 91.80  ? 16  ARG A CD  1 
ATOM 113  N NE  . ARG A 1 16  ? 13.983  -15.836 -12.772 1.00 98.38  ? 16  ARG A NE  1 
ATOM 114  C CZ  . ARG A 1 16  ? 15.046  -15.204 -13.257 1.00 106.50 ? 16  ARG A CZ  1 
ATOM 115  N NH1 . ARG A 1 16  ? 16.251  -15.401 -12.780 1.00 108.96 ? 16  ARG A NH1 1 
ATOM 116  N NH2 . ARG A 1 16  ? 14.893  -14.346 -14.225 1.00 110.98 ? 16  ARG A NH2 1 
ATOM 117  N N   . ALA A 1 17  ? 9.824   -16.933 -10.644 1.00 63.85  ? 17  ALA A N   1 
ATOM 118  C CA  . ALA A 1 17  ? 8.830   -16.039 -11.205 1.00 62.44  ? 17  ALA A CA  1 
ATOM 119  C C   . ALA A 1 17  ? 9.435   -14.645 -11.195 1.00 61.60  ? 17  ALA A C   1 
ATOM 120  O O   . ALA A 1 17  ? 10.351  -14.384 -10.413 1.00 60.22  ? 17  ALA A O   1 
ATOM 121  C CB  . ALA A 1 17  ? 7.598   -16.082 -10.306 1.00 52.90  ? 17  ALA A CB  1 
ATOM 122  N N   . THR A 1 18  ? 8.935   -13.771 -12.078 1.00 62.84  ? 18  THR A N   1 
ATOM 123  C CA  . THR A 1 18  ? 9.447   -12.399 -12.162 1.00 61.12  ? 18  THR A CA  1 
ATOM 124  C C   . THR A 1 18  ? 8.237   -11.504 -12.402 1.00 54.20  ? 18  THR A C   1 
ATOM 125  O O   . THR A 1 18  ? 7.455   -11.784 -13.315 1.00 56.80  ? 18  THR A O   1 
ATOM 126  C CB  . THR A 1 18  ? 10.424  -12.237 -13.344 1.00 74.16  ? 18  THR A CB  1 
ATOM 127  O OG1 . THR A 1 18  ? 11.504  -13.171 -13.277 1.00 83.20  ? 18  THR A OG1 1 
ATOM 128  C CG2 . THR A 1 18  ? 10.929  -10.824 -13.523 1.00 71.60  ? 18  THR A CG2 1 
ATOM 129  N N   . ILE A 1 19  ? 8.069   -10.470 -11.576 1.00 44.97  ? 19  ILE A N   1 
ATOM 130  C CA  . ILE A 1 19  ? 6.983   -9.514  -11.782 1.00 38.12  ? 19  ILE A CA  1 
ATOM 131  C C   . ILE A 1 19  ? 7.656   -8.160  -11.911 1.00 35.86  ? 19  ILE A C   1 
ATOM 132  O O   . ILE A 1 19  ? 8.557   -7.857  -11.130 1.00 34.21  ? 19  ILE A O   1 
ATOM 133  C CB  . ILE A 1 19  ? 6.020   -9.515  -10.592 1.00 31.77  ? 19  ILE A CB  1 
ATOM 134  C CG1 . ILE A 1 19  ? 5.485   -10.924 -10.361 1.00 33.76  ? 19  ILE A CG1 1 
ATOM 135  C CG2 . ILE A 1 19  ? 4.835   -8.593  -10.864 1.00 29.88  ? 19  ILE A CG2 1 
ATOM 136  C CD1 . ILE A 1 19  ? 5.319   -11.275 -8.887  1.00 30.44  ? 19  ILE A CD1 1 
ATOM 137  N N   . SER A 1 20  ? 7.264   -7.362  -12.898 1.00 37.88  ? 20  SER A N   1 
ATOM 138  C CA  . SER A 1 20  ? 7.957   -6.094  -13.117 1.00 36.48  ? 20  SER A CA  1 
ATOM 139  C C   . SER A 1 20  ? 7.026   -4.889  -13.101 1.00 32.72  ? 20  SER A C   1 
ATOM 140  O O   . SER A 1 20  ? 5.819   -5.000  -13.339 1.00 35.92  ? 20  SER A O   1 
ATOM 141  C CB  . SER A 1 20  ? 8.669   -6.133  -14.471 1.00 48.48  ? 20  SER A CB  1 
ATOM 142  O OG  . SER A 1 20  ? 9.512   -7.276  -14.623 1.00 56.49  ? 20  SER A OG  1 
ATOM 143  N N   . CYS A 1 21  ? 7.612   -3.725  -12.853 1.00 31.62  ? 21  CYS A N   1 
ATOM 144  C CA  . CYS A 1 21  ? 6.825   -2.508  -12.868 1.00 30.59  ? 21  CYS A CA  1 
ATOM 145  C C   . CYS A 1 21  ? 7.599   -1.429  -13.580 1.00 34.96  ? 21  CYS A C   1 
ATOM 146  O O   . CYS A 1 21  ? 8.826   -1.433  -13.604 1.00 35.99  ? 21  CYS A O   1 
ATOM 147  C CB  . CYS A 1 21  ? 6.500   -2.071  -11.450 1.00 25.04  ? 21  CYS A CB  1 
ATOM 148  S SG  . CYS A 1 21  ? 5.050   -3.009  -10.983 1.00 24.09  ? 21  CYS A SG  1 
ATOM 149  N N   . LYS A 1 22  ? 6.851   -0.520  -14.169 1.00 37.45  ? 22  LYS A N   1 
ATOM 150  C CA  . LYS A 1 22  ? 7.452   0.611   -14.853 1.00 41.44  ? 22  LYS A CA  1 
ATOM 151  C C   . LYS A 1 22  ? 6.731   1.803   -14.269 1.00 39.70  ? 22  LYS A C   1 
ATOM 152  O O   . LYS A 1 22  ? 5.521   1.756   -14.058 1.00 42.37  ? 22  LYS A O   1 
ATOM 153  C CB  . LYS A 1 22  ? 7.201   0.510   -16.358 1.00 48.32  ? 22  LYS A CB  1 
ATOM 154  C CG  . LYS A 1 22  ? 7.876   1.613   -17.175 1.00 51.62  ? 22  LYS A CG  1 
ATOM 155  C CD  . LYS A 1 22  ? 7.684   1.452   -18.679 1.00 63.34  ? 22  LYS A CD  1 
ATOM 156  C CE  . LYS A 1 22  ? 8.506   2.445   -19.497 1.00 68.79  ? 22  LYS A CE  1 
ATOM 157  N NZ  . LYS A 1 22  ? 8.231   2.248   -20.930 1.00 80.51  ? 22  LYS A NZ  1 
ATOM 158  N N   . ALA A 1 23  ? 7.459   2.847   -13.949 1.00 40.78  ? 23  ALA A N   1 
ATOM 159  C CA  . ALA A 1 23  ? 6.831   4.003   -13.343 1.00 40.66  ? 23  ALA A CA  1 
ATOM 160  C C   . ALA A 1 23  ? 6.743   5.052   -14.426 1.00 46.25  ? 23  ALA A C   1 
ATOM 161  O O   . ALA A 1 23  ? 7.578   5.098   -15.322 1.00 49.64  ? 23  ALA A O   1 
ATOM 162  C CB  . ALA A 1 23  ? 7.727   4.513   -12.222 1.00 38.85  ? 23  ALA A CB  1 
ATOM 163  N N   . SER A 1 24  ? 5.739   5.909   -14.328 1.00 49.81  ? 24  SER A N   1 
ATOM 164  C CA  . SER A 1 24  ? 5.516   6.857   -15.411 1.00 57.16  ? 24  SER A CA  1 
ATOM 165  C C   . SER A 1 24  ? 6.456   8.016   -15.158 1.00 59.65  ? 24  SER A C   1 
ATOM 166  O O   . SER A 1 24  ? 6.812   8.764   -16.065 1.00 67.34  ? 24  SER A O   1 
ATOM 167  C CB  . SER A 1 24  ? 4.068   7.367   -15.429 1.00 62.11  ? 24  SER A CB  1 
ATOM 168  O OG  . SER A 1 24  ? 3.084   6.382   -15.740 1.00 64.79  ? 24  SER A OG  1 
ATOM 169  N N   . GLN A 1 25  ? 6.835   8.204   -13.906 1.00 54.58  ? 25  GLN A N   1 
ATOM 170  C CA  . GLN A 1 25  ? 7.865   9.205   -13.642 1.00 58.34  ? 25  GLN A CA  1 
ATOM 171  C C   . GLN A 1 25  ? 8.881   8.498   -12.776 1.00 50.23  ? 25  GLN A C   1 
ATOM 172  O O   . GLN A 1 25  ? 8.516   7.514   -12.134 1.00 43.62  ? 25  GLN A O   1 
ATOM 173  C CB  . GLN A 1 25  ? 7.249   10.385  -12.891 1.00 59.80  ? 25  GLN A CB  1 
ATOM 174  C CG  . GLN A 1 25  ? 6.263   11.165  -13.760 1.00 69.27  ? 25  GLN A CG  1 
ATOM 175  C CD  . GLN A 1 25  ? 5.667   12.350  -13.024 1.00 71.68  ? 25  GLN A CD  1 
ATOM 176  O OE1 . GLN A 1 25  ? 5.946   12.601  -11.853 1.00 70.66  ? 25  GLN A OE1 1 
ATOM 177  N NE2 . GLN A 1 25  ? 4.827   13.095  -13.721 1.00 79.23  ? 25  GLN A NE2 1 
ATOM 178  N N   . SER A 1 26  ? 10.114  8.994   -12.796 1.00 54.07  ? 26  SER A N   1 
ATOM 179  C CA  . SER A 1 26  ? 11.217  8.356   -12.077 1.00 48.34  ? 26  SER A CA  1 
ATOM 180  C C   . SER A 1 26  ? 10.917  8.340   -10.600 1.00 37.89  ? 26  SER A C   1 
ATOM 181  O O   . SER A 1 26  ? 10.229  9.219   -10.082 1.00 41.12  ? 26  SER A O   1 
ATOM 182  C CB  . SER A 1 26  ? 12.521  9.135   -12.302 1.00 56.23  ? 26  SER A CB  1 
ATOM 183  O OG  . SER A 1 26  ? 13.643  8.659   -11.557 1.00 52.86  ? 26  SER A OG  1 
ATOM 184  N N   . VAL A 1 27  ? 11.447  7.307   -9.965  1.00 33.71  ? 27  VAL A N   1 
ATOM 185  C CA  . VAL A 1 27  ? 11.262  7.127   -8.539  1.00 24.81  ? 27  VAL A CA  1 
ATOM 186  C C   . VAL A 1 27  ? 12.571  7.168   -7.767  1.00 21.97  ? 27  VAL A C   1 
ATOM 187  O O   . VAL A 1 27  ? 12.657  6.697   -6.637  1.00 16.81  ? 27  VAL A O   1 
ATOM 188  C CB  . VAL A 1 27  ? 10.277  6.040   -8.122  1.00 20.77  ? 27  VAL A CB  1 
ATOM 189  C CG1 . VAL A 1 27  ? 8.909   6.377   -8.688  1.00 23.58  ? 27  VAL A CG1 1 
ATOM 190  C CG2 . VAL A 1 27  ? 10.731  4.611   -8.393  1.00 23.86  ? 27  VAL A CG2 1 
ATOM 191  N N   . ASP A 1 28  ? 13.532  7.881   -8.324  1.00 27.98  ? 28  ASP A N   1 
ATOM 192  C CA  . ASP A 1 28  ? 14.802  8.148   -7.602  1.00 31.14  ? 28  ASP A CA  1 
ATOM 193  C C   . ASP A 1 28  ? 14.944  9.521   -6.922  1.00 33.07  ? 28  ASP A C   1 
ATOM 194  O O   . ASP A 1 28  ? 14.778  10.557  -7.566  1.00 38.08  ? 28  ASP A O   1 
ATOM 195  C CB  . ASP A 1 28  ? 15.916  8.118   -8.636  1.00 42.05  ? 28  ASP A CB  1 
ATOM 196  C CG  . ASP A 1 28  ? 16.124  6.702   -9.118  1.00 44.78  ? 28  ASP A CG  1 
ATOM 197  O OD1 . ASP A 1 28  ? 15.876  5.761   -8.336  1.00 38.46  ? 28  ASP A OD1 1 
ATOM 198  O OD2 . ASP A 1 28  ? 16.555  6.523   -10.275 1.00 54.82  ? 28  ASP A OD2 1 
ATOM 199  N N   . TYR A 1 29  ? 15.181  9.553   -5.610  1.00 30.15  ? 29  TYR A N   1 
ATOM 200  C CA  . TYR A 1 29  ? 15.087  10.805  -4.850  1.00 34.58  ? 29  TYR A CA  1 
ATOM 201  C C   . TYR A 1 29  ? 16.183  10.674  -3.832  1.00 51.25  ? 29  TYR A C   1 
ATOM 202  O O   . TYR A 1 29  ? 16.185  9.752   -3.017  1.00 54.22  ? 29  TYR A O   1 
ATOM 203  C CB  . TYR A 1 29  ? 13.782  10.929  -4.050  1.00 50.98  ? 29  TYR A CB  1 
ATOM 204  C CG  . TYR A 1 29  ? 13.392  12.285  -3.488  1.00 69.15  ? 29  TYR A CG  1 
ATOM 205  C CD1 . TYR A 1 29  ? 12.930  13.219  -4.326  1.00 87.33  ? 29  TYR A CD1 1 
ATOM 206  C CD2 . TYR A 1 29  ? 13.451  12.544  -2.170  1.00 80.50  ? 29  TYR A CD2 1 
ATOM 207  C CE1 . TYR A 1 29  ? 12.597  14.434  -3.863  1.00 96.46  ? 29  TYR A CE1 1 
ATOM 208  C CE2 . TYR A 1 29  ? 13.119  13.761  -1.707  1.00 98.67  ? 29  TYR A CE2 1 
ATOM 209  C CZ  . TYR A 1 29  ? 12.713  14.715  -2.560  1.00 98.73  ? 29  TYR A CZ  1 
ATOM 210  O OH  . TYR A 1 29  ? 12.433  15.984  -2.119  1.00 100.00 ? 29  TYR A OH  1 
ATOM 211  N N   . GLU A 1 30  ? 17.125  11.587  -3.955  1.00 66.39  ? 30  GLU A N   1 
ATOM 212  C CA  . GLU A 1 30  ? 18.234  11.681  -3.008  1.00 88.62  ? 30  GLU A CA  1 
ATOM 213  C C   . GLU A 1 30  ? 19.073  10.428  -3.072  1.00 83.25  ? 30  GLU A C   1 
ATOM 214  O O   . GLU A 1 30  ? 19.540  9.932   -2.054  1.00 93.64  ? 30  GLU A O   1 
ATOM 215  C CB  . GLU A 1 30  ? 17.809  11.968  -1.561  1.00 100.00 ? 30  GLU A CB  1 
ATOM 216  C CG  . GLU A 1 30  ? 17.200  13.351  -1.336  1.00 100.00 ? 30  GLU A CG  1 
ATOM 217  C CD  . GLU A 1 30  ? 16.891  13.611  0.132   1.00 100.00 ? 30  GLU A CD  1 
ATOM 218  O OE1 . GLU A 1 30  ? 16.899  12.656  0.937   1.00 100.00 ? 30  GLU A OE1 1 
ATOM 219  O OE2 . GLU A 1 30  ? 16.635  14.782  0.487   1.00 100.00 ? 30  GLU A OE2 1 
ATOM 220  N N   . GLY A 1 31  ? 19.257  9.894   -4.264  1.00 67.04  ? 31  GLY A N   1 
ATOM 221  C CA  . GLY A 1 31  ? 20.198  8.788   -4.385  1.00 75.93  ? 31  GLY A CA  1 
ATOM 222  C C   . GLY A 1 31  ? 19.548  7.456   -4.056  1.00 68.97  ? 31  GLY A C   1 
ATOM 223  O O   . GLY A 1 31  ? 20.213  6.424   -4.053  1.00 71.41  ? 31  GLY A O   1 
ATOM 224  N N   . ASP A 1 32  ? 18.261  7.436   -3.770  1.00 62.53  ? 32  ASP A N   1 
ATOM 225  C CA  . ASP A 1 32  ? 17.654  6.171   -3.372  1.00 73.04  ? 32  ASP A CA  1 
ATOM 226  C C   . ASP A 1 32  ? 16.493  5.989   -4.322  1.00 41.86  ? 32  ASP A C   1 
ATOM 227  O O   . ASP A 1 32  ? 16.108  6.938   -5.002  1.00 32.52  ? 32  ASP A O   1 
ATOM 228  C CB  . ASP A 1 32  ? 17.163  6.227   -1.922  1.00 90.16  ? 32  ASP A CB  1 
ATOM 229  C CG  . ASP A 1 32  ? 18.300  6.213   -0.909  1.00 94.51  ? 32  ASP A CG  1 
ATOM 230  O OD1 . ASP A 1 32  ? 19.389  5.690   -1.223  1.00 88.90  ? 32  ASP A OD1 1 
ATOM 231  O OD2 . ASP A 1 32  ? 18.104  6.715   0.219   1.00 98.60  ? 32  ASP A OD2 1 
ATOM 232  N N   . SER A 1 33  ? 15.943  4.796   -4.419  1.00 30.50  ? 33  SER A N   1 
ATOM 233  C CA  . SER A 1 33  ? 14.824  4.612   -5.327  1.00 21.89  ? 33  SER A CA  1 
ATOM 234  C C   . SER A 1 33  ? 13.714  4.135   -4.449  1.00 15.04  ? 33  SER A C   1 
ATOM 235  O O   . SER A 1 33  ? 13.825  3.137   -3.742  1.00 14.14  ? 33  SER A O   1 
ATOM 236  C CB  . SER A 1 33  ? 15.070  3.514   -6.358  1.00 26.88  ? 33  SER A CB  1 
ATOM 237  O OG  . SER A 1 33  ? 13.943  3.351   -7.217  1.00 25.61  ? 33  SER A OG  1 
ATOM 238  N N   . TYR A 1 34  ? 12.639  4.862   -4.465  1.00 9.58   ? 34  TYR A N   1 
ATOM 239  C CA  . TYR A 1 34  ? 11.598  4.568   -3.521  1.00 10.09  ? 34  TYR A CA  1 
ATOM 240  C C   . TYR A 1 34  ? 10.670  3.602   -4.227  1.00 5.69   ? 34  TYR A C   1 
ATOM 241  O O   . TYR A 1 34  ? 9.705   3.976   -4.879  1.00 6.32   ? 34  TYR A O   1 
ATOM 242  C CB  . TYR A 1 34  ? 10.993  5.925   -3.221  1.00 33.20  ? 34  TYR A CB  1 
ATOM 243  C CG  . TYR A 1 34  ? 11.945  6.813   -2.454  1.00 77.12  ? 34  TYR A CG  1 
ATOM 244  C CD1 . TYR A 1 34  ? 12.697  6.288   -1.480  1.00 78.53  ? 34  TYR A CD1 1 
ATOM 245  C CD2 . TYR A 1 34  ? 12.008  8.127   -2.697  1.00 86.15  ? 34  TYR A CD2 1 
ATOM 246  C CE1 . TYR A 1 34  ? 13.504  7.072   -0.753  1.00 98.78  ? 34  TYR A CE1 1 
ATOM 247  C CE2 . TYR A 1 34  ? 12.786  8.911   -1.943  1.00 80.76  ? 34  TYR A CE2 1 
ATOM 248  C CZ  . TYR A 1 34  ? 13.535  8.388   -0.968  1.00 84.25  ? 34  TYR A CZ  1 
ATOM 249  O OH  . TYR A 1 34  ? 14.330  9.204   -0.208  1.00 85.73  ? 34  TYR A OH  1 
ATOM 250  N N   . MET A 1 35  ? 10.999  2.340   -4.158  1.00 6.75   ? 35  MET A N   1 
ATOM 251  C CA  . MET A 1 35  ? 10.188  1.357   -4.856  1.00 8.39   ? 35  MET A CA  1 
ATOM 252  C C   . MET A 1 35  ? 10.095  0.194   -3.897  1.00 5.25   ? 35  MET A C   1 
ATOM 253  O O   . MET A 1 35  ? 11.092  -0.213  -3.315  1.00 5.48   ? 35  MET A O   1 
ATOM 254  C CB  . MET A 1 35  ? 10.905  0.948   -6.144  1.00 14.79  ? 35  MET A CB  1 
ATOM 255  C CG  . MET A 1 35  ? 10.187  -0.194  -6.861  1.00 16.68  ? 35  MET A CG  1 
ATOM 256  S SD  . MET A 1 35  ? 8.510   0.339   -7.208  1.00 16.00  ? 35  MET A SD  1 
ATOM 257  C CE  . MET A 1 35  ? 8.976   1.841   -8.066  1.00 21.27  ? 35  MET A CE  1 
ATOM 258  N N   . ASN A 1 36  ? 8.912   -0.318  -3.675  1.00 3.52   ? 36  ASN A N   1 
ATOM 259  C CA  . ASN A 1 36  ? 8.760   -1.373  -2.686  1.00 3.96   ? 36  ASN A CA  1 
ATOM 260  C C   . ASN A 1 36  ? 7.860   -2.440  -3.298  1.00 5.68   ? 36  ASN A C   1 
ATOM 261  O O   . ASN A 1 36  ? 7.218   -2.192  -4.323  1.00 6.12   ? 36  ASN A O   1 
ATOM 262  C CB  . ASN A 1 36  ? 8.182   -0.755  -1.407  1.00 3.69   ? 36  ASN A CB  1 
ATOM 263  C CG  . ASN A 1 36  ? 6.859   -0.052  -1.671  1.00 4.62   ? 36  ASN A CG  1 
ATOM 264  O OD1 . ASN A 1 36  ? 5.995   -0.554  -2.378  1.00 5.16   ? 36  ASN A OD1 1 
ATOM 265  N ND2 . ASN A 1 36  ? 6.628   1.105   -1.095  1.00 4.68   ? 36  ASN A ND2 1 
ATOM 266  N N   . TRP A 1 37  ? 7.792   -3.597  -2.644  1.00 8.38   ? 37  TRP A N   1 
ATOM 267  C CA  . TRP A 1 37  ? 6.969   -4.698  -3.145  1.00 11.41  ? 37  TRP A CA  1 
ATOM 268  C C   . TRP A 1 37  ? 6.134   -5.284  -2.003  1.00 14.94  ? 37  TRP A C   1 
ATOM 269  O O   . TRP A 1 37  ? 6.668   -5.589  -0.932  1.00 18.80  ? 37  TRP A O   1 
ATOM 270  C CB  . TRP A 1 37  ? 7.875   -5.796  -3.719  1.00 15.87  ? 37  TRP A CB  1 
ATOM 271  C CG  . TRP A 1 37  ? 8.536   -5.392  -5.033  1.00 15.52  ? 37  TRP A CG  1 
ATOM 272  C CD1 . TRP A 1 37  ? 9.861   -4.925  -5.143  1.00 15.75  ? 37  TRP A CD1 1 
ATOM 273  C CD2 . TRP A 1 37  ? 8.012   -5.419  -6.346  1.00 15.57  ? 37  TRP A CD2 1 
ATOM 274  N NE1 . TRP A 1 37  ? 10.148  -4.667  -6.502  1.00 18.16  ? 37  TRP A NE1 1 
ATOM 275  C CE2 . TRP A 1 37  ? 8.983   -4.986  -7.198  1.00 17.58  ? 37  TRP A CE2 1 
ATOM 276  C CE3 . TRP A 1 37  ? 6.796   -5.792  -6.822  1.00 15.33  ? 37  TRP A CE3 1 
ATOM 277  C CZ2 . TRP A 1 37  ? 8.769   -4.913  -8.536  1.00 19.77  ? 37  TRP A CZ2 1 
ATOM 278  C CZ3 . TRP A 1 37  ? 6.591   -5.718  -8.165  1.00 16.24  ? 37  TRP A CZ3 1 
ATOM 279  C CH2 . TRP A 1 37  ? 7.559   -5.285  -9.010  1.00 19.15  ? 37  TRP A CH2 1 
ATOM 280  N N   . TYR A 1 38  ? 4.836   -5.458  -2.231  1.00 14.13  ? 38  TYR A N   1 
ATOM 281  C CA  . TYR A 1 38  ? 3.958   -5.967  -1.181  1.00 17.36  ? 38  TYR A CA  1 
ATOM 282  C C   . TYR A 1 38  ? 3.311   -7.275  -1.623  1.00 18.17  ? 38  TYR A C   1 
ATOM 283  O O   . TYR A 1 38  ? 3.065   -7.481  -2.812  1.00 16.57  ? 38  TYR A O   1 
ATOM 284  C CB  . TYR A 1 38  ? 2.855   -4.934  -0.902  1.00 17.33  ? 38  TYR A CB  1 
ATOM 285  C CG  . TYR A 1 38  ? 3.416   -3.695  -0.209  1.00 18.48  ? 38  TYR A CG  1 
ATOM 286  C CD1 . TYR A 1 38  ? 3.630   -3.719  1.115   1.00 23.41  ? 38  TYR A CD1 1 
ATOM 287  C CD2 . TYR A 1 38  ? 3.781   -2.601  -0.900  1.00 14.32  ? 38  TYR A CD2 1 
ATOM 288  C CE1 . TYR A 1 38  ? 4.221   -2.688  1.737   1.00 23.56  ? 38  TYR A CE1 1 
ATOM 289  C CE2 . TYR A 1 38  ? 4.368   -1.569  -0.262  1.00 13.50  ? 38  TYR A CE2 1 
ATOM 290  C CZ  . TYR A 1 38  ? 4.612   -1.607  1.062   1.00 17.73  ? 38  TYR A CZ  1 
ATOM 291  O OH  . TYR A 1 38  ? 5.251   -0.600  1.772   1.00 16.83  ? 38  TYR A OH  1 
ATOM 292  N N   . GLN A 1 39  ? 3.030   -8.140  -0.650  1.00 22.26  ? 39  GLN A N   1 
ATOM 293  C CA  . GLN A 1 39  ? 2.386   -9.418  -0.926  1.00 24.81  ? 39  GLN A CA  1 
ATOM 294  C C   . GLN A 1 39  ? 1.080   -9.345  -0.137  1.00 26.97  ? 39  GLN A C   1 
ATOM 295  O O   . GLN A 1 39  ? 1.112   -9.074  1.061   1.00 32.98  ? 39  GLN A O   1 
ATOM 296  C CB  . GLN A 1 39  ? 3.288   -10.527 -0.347  1.00 29.66  ? 39  GLN A CB  1 
ATOM 297  C CG  . GLN A 1 39  ? 3.079   -11.917 -0.950  1.00 30.30  ? 39  GLN A CG  1 
ATOM 298  C CD  . GLN A 1 39  ? 3.577   -13.042 -0.062  1.00 38.82  ? 39  GLN A CD  1 
ATOM 299  O OE1 . GLN A 1 39  ? 4.287   -12.851 0.922   1.00 47.50  ? 39  GLN A OE1 1 
ATOM 300  N NE2 . GLN A 1 39  ? 3.180   -14.237 -0.411  1.00 39.37  ? 39  GLN A NE2 1 
ATOM 301  N N   . GLN A 1 40  ? -0.071  -9.511  -0.774  1.00 26.65  ? 40  GLN A N   1 
ATOM 302  C CA  . GLN A 1 40  ? -1.310  -9.537  -0.010  1.00 33.84  ? 40  GLN A CA  1 
ATOM 303  C C   . GLN A 1 40  ? -1.776  -10.961 -0.098  1.00 38.24  ? 40  GLN A C   1 
ATOM 304  O O   . GLN A 1 40  ? -2.372  -11.341 -1.108  1.00 39.55  ? 40  GLN A O   1 
ATOM 305  C CB  . GLN A 1 40  ? -2.383  -8.616  -0.606  1.00 35.62  ? 40  GLN A CB  1 
ATOM 306  C CG  . GLN A 1 40  ? -3.717  -8.750  0.137   1.00 43.59  ? 40  GLN A CG  1 
ATOM 307  C CD  . GLN A 1 40  ? -4.670  -7.673  -0.231  1.00 45.38  ? 40  GLN A CD  1 
ATOM 308  O OE1 . GLN A 1 40  ? -4.832  -7.471  -1.412  1.00 45.69  ? 40  GLN A OE1 1 
ATOM 309  N NE2 . GLN A 1 40  ? -5.264  -7.039  0.741   1.00 46.57  ? 40  GLN A NE2 1 
ATOM 310  N N   . LYS A 1 41  ? -1.463  -11.738 0.930   1.00 44.08  ? 41  LYS A N   1 
ATOM 311  C CA  . LYS A 1 41  ? -1.916  -13.120 0.941   1.00 50.14  ? 41  LYS A CA  1 
ATOM 312  C C   . LYS A 1 41  ? -3.426  -13.070 1.002   1.00 57.02  ? 41  LYS A C   1 
ATOM 313  O O   . LYS A 1 41  ? -3.973  -12.079 1.488   1.00 58.98  ? 41  LYS A O   1 
ATOM 314  C CB  . LYS A 1 41  ? -1.370  -13.849 2.160   1.00 59.08  ? 41  LYS A CB  1 
ATOM 315  C CG  . LYS A 1 41  ? 0.144   -13.965 2.147   1.00 55.38  ? 41  LYS A CG  1 
ATOM 316  C CD  . LYS A 1 41  ? 0.527   -15.308 2.748   1.00 65.82  ? 41  LYS A CD  1 
ATOM 317  C CE  . LYS A 1 41  ? 2.031   -15.501 2.776   1.00 65.54  ? 41  LYS A CE  1 
ATOM 318  N NZ  . LYS A 1 41  ? 2.624   -14.966 3.960   1.00 75.07  ? 41  LYS A NZ  1 
ATOM 319  N N   . PRO A 1 42  ? -4.145  -14.067 0.494   1.00 62.56  ? 42  PRO A N   1 
ATOM 320  C CA  . PRO A 1 42  ? -5.594  -14.010 0.505   1.00 70.11  ? 42  PRO A CA  1 
ATOM 321  C C   . PRO A 1 42  ? -6.177  -13.896 1.912   1.00 78.30  ? 42  PRO A C   1 
ATOM 322  O O   . PRO A 1 42  ? -5.768  -14.599 2.837   1.00 83.04  ? 42  PRO A O   1 
ATOM 323  C CB  . PRO A 1 42  ? -5.978  -15.309 -0.205  1.00 69.60  ? 42  PRO A CB  1 
ATOM 324  C CG  . PRO A 1 42  ? -4.815  -16.251 0.108   1.00 67.46  ? 42  PRO A CG  1 
ATOM 325  C CD  . PRO A 1 42  ? -3.588  -15.328 -0.004  1.00 60.88  ? 42  PRO A CD  1 
ATOM 326  N N   . GLY A 1 43  ? -7.124  -12.961 2.050   1.00 80.44  ? 43  GLY A N   1 
ATOM 327  C CA  . GLY A 1 43  ? -7.812  -12.791 3.326   1.00 87.55  ? 43  GLY A CA  1 
ATOM 328  C C   . GLY A 1 43  ? -6.977  -12.099 4.388   1.00 87.00  ? 43  GLY A C   1 
ATOM 329  O O   . GLY A 1 43  ? -7.182  -12.324 5.586   1.00 94.89  ? 43  GLY A O   1 
ATOM 330  N N   . GLN A 1 44  ? -6.045  -11.257 3.961   1.00 77.11  ? 44  GLN A N   1 
ATOM 331  C CA  . GLN A 1 44  ? -5.199  -10.589 4.936   1.00 74.69  ? 44  GLN A CA  1 
ATOM 332  C C   . GLN A 1 44  ? -4.818  -9.248  4.404   1.00 63.68  ? 44  GLN A C   1 
ATOM 333  O O   . GLN A 1 44  ? -5.054  -8.967  3.214   1.00 58.38  ? 44  GLN A O   1 
ATOM 334  C CB  . GLN A 1 44  ? -3.900  -11.359 5.126   1.00 75.54  ? 44  GLN A CB  1 
ATOM 335  C CG  . GLN A 1 44  ? -4.133  -12.762 5.658   1.00 87.54  ? 44  GLN A CG  1 
ATOM 336  C CD  . GLN A 1 44  ? -2.822  -13.479 5.773   1.00 89.71  ? 44  GLN A CD  1 
ATOM 337  O OE1 . GLN A 1 44  ? -1.762  -12.962 5.434   1.00 81.88  ? 44  GLN A OE1 1 
ATOM 338  N NE2 . GLN A 1 44  ? -2.892  -14.683 6.265   1.00 98.66  ? 44  GLN A NE2 1 
ATOM 339  N N   . PRO A 1 45  ? -4.202  -8.430  5.273   1.00 62.98  ? 45  PRO A N   1 
ATOM 340  C CA  . PRO A 1 45  ? -3.736  -7.182  4.741   1.00 53.83  ? 45  PRO A CA  1 
ATOM 341  C C   . PRO A 1 45  ? -2.417  -7.382  4.031   1.00 49.30  ? 45  PRO A C   1 
ATOM 342  O O   . PRO A 1 45  ? -1.849  -8.472  4.111   1.00 51.53  ? 45  PRO A O   1 
ATOM 343  C CB  . PRO A 1 45  ? -3.767  -6.266  5.952   1.00 56.93  ? 45  PRO A CB  1 
ATOM 344  C CG  . PRO A 1 45  ? -3.697  -7.127  7.214   1.00 69.84  ? 45  PRO A CG  1 
ATOM 345  C CD  . PRO A 1 45  ? -4.419  -8.417  6.756   1.00 73.99  ? 45  PRO A CD  1 
ATOM 346  N N   . PRO A 1 46  ? -1.944  -6.394  3.268   1.00 42.30  ? 46  PRO A N   1 
ATOM 347  C CA  . PRO A 1 46  ? -0.725  -6.581  2.507   1.00 37.07  ? 46  PRO A CA  1 
ATOM 348  C C   . PRO A 1 46  ? 0.455   -6.589  3.468   1.00 43.31  ? 46  PRO A C   1 
ATOM 349  O O   . PRO A 1 46  ? 0.330   -6.164  4.621   1.00 50.45  ? 46  PRO A O   1 
ATOM 350  C CB  . PRO A 1 46  ? -0.708  -5.336  1.614   1.00 32.09  ? 46  PRO A CB  1 
ATOM 351  C CG  . PRO A 1 46  ? -2.188  -4.983  1.450   1.00 34.42  ? 46  PRO A CG  1 
ATOM 352  C CD  . PRO A 1 46  ? -2.717  -5.215  2.874   1.00 39.19  ? 46  PRO A CD  1 
ATOM 353  N N   . LYS A 1 47  ? 1.605   -7.066  3.002   1.00 41.23  ? 47  LYS A N   1 
ATOM 354  C CA  . LYS A 1 47  ? 2.787   -7.053  3.852   1.00 49.50  ? 47  LYS A CA  1 
ATOM 355  C C   . LYS A 1 47  ? 3.985   -6.693  3.003   1.00 42.62  ? 47  LYS A C   1 
ATOM 356  O O   . LYS A 1 47  ? 3.978   -6.882  1.785   1.00 34.55  ? 47  LYS A O   1 
ATOM 357  C CB  . LYS A 1 47  ? 3.042   -8.392  4.535   1.00 60.56  ? 47  LYS A CB  1 
ATOM 358  C CG  . LYS A 1 47  ? 3.127   -9.571  3.575   1.00 55.77  ? 47  LYS A CG  1 
ATOM 359  C CD  . LYS A 1 47  ? 3.478   -10.850 4.316   1.00 68.53  ? 47  LYS A CD  1 
ATOM 360  C CE  . LYS A 1 47  ? 2.234   -11.672 4.542   1.00 70.92  ? 47  LYS A CE  1 
ATOM 361  N NZ  . LYS A 1 47  ? 2.616   -12.757 5.402   1.00 83.89  ? 47  LYS A NZ  1 
ATOM 362  N N   . LEU A 1 48  ? 5.002   -6.159  3.666   1.00 46.63  ? 48  LEU A N   1 
ATOM 363  C CA  . LEU A 1 48  ? 6.189   -5.700  2.957   1.00 39.43  ? 48  LEU A CA  1 
ATOM 364  C C   . LEU A 1 48  ? 7.155   -6.843  2.703   1.00 42.85  ? 48  LEU A C   1 
ATOM 365  O O   . LEU A 1 48  ? 7.291   -7.741  3.537   1.00 52.83  ? 48  LEU A O   1 
ATOM 366  C CB  . LEU A 1 48  ? 6.878   -4.664  3.835   1.00 41.03  ? 48  LEU A CB  1 
ATOM 367  C CG  . LEU A 1 48  ? 8.046   -3.969  3.163   1.00 32.24  ? 48  LEU A CG  1 
ATOM 368  C CD1 . LEU A 1 48  ? 7.531   -3.153  1.989   1.00 22.20  ? 48  LEU A CD1 1 
ATOM 369  C CD2 . LEU A 1 48  ? 8.732   -3.049  4.155   1.00 35.25  ? 48  LEU A CD2 1 
ATOM 370  N N   . LEU A 1 49  ? 7.818   -6.780  1.544   1.00 35.22  ? 49  LEU A N   1 
ATOM 371  C CA  . LEU A 1 49  ? 8.798   -7.794  1.189   1.00 38.62  ? 49  LEU A CA  1 
ATOM 372  C C   . LEU A 1 49  ? 10.132  -7.080  0.963   1.00 33.30  ? 49  LEU A C   1 
ATOM 373  O O   . LEU A 1 49  ? 11.113  -7.367  1.654   1.00 36.46  ? 49  LEU A O   1 
ATOM 374  C CB  . LEU A 1 49  ? 8.385   -8.507  -0.107  1.00 36.49  ? 49  LEU A CB  1 
ATOM 375  C CG  . LEU A 1 49  ? 7.060   -9.269  -0.123  1.00 38.21  ? 49  LEU A CG  1 
ATOM 376  C CD1 . LEU A 1 49  ? 6.743   -9.774  -1.529  1.00 34.80  ? 49  LEU A CD1 1 
ATOM 377  C CD2 . LEU A 1 49  ? 7.048   -10.425 0.872   1.00 47.48  ? 49  LEU A CD2 1 
ATOM 378  N N   . ILE A 1 50  ? 10.163  -6.157  -0.004  1.00 25.60  ? 50  ILE A N   1 
ATOM 379  C CA  . ILE A 1 50  ? 11.404  -5.448  -0.344  1.00 21.28  ? 50  ILE A CA  1 
ATOM 380  C C   . ILE A 1 50  ? 11.114  -3.943  -0.372  1.00 15.07  ? 50  ILE A C   1 
ATOM 381  O O   . ILE A 1 50  ? 10.022  -3.533  -0.774  1.00 11.82  ? 50  ILE A O   1 
ATOM 382  C CB  . ILE A 1 50  ? 11.936  -5.907  -1.711  1.00 20.53  ? 50  ILE A CB  1 
ATOM 383  C CG1 . ILE A 1 50  ? 12.803  -7.154  -1.605  1.00 27.88  ? 50  ILE A CG1 1 
ATOM 384  C CG2 . ILE A 1 50  ? 12.768  -4.841  -2.412  1.00 18.20  ? 50  ILE A CG2 1 
ATOM 385  C CD1 . ILE A 1 50  ? 11.985  -8.438  -1.569  1.00 32.09  ? 50  ILE A CD1 1 
ATOM 386  N N   . TYR A 1 51  ? 12.064  -3.122  0.077   1.00 14.17  ? 51  TYR A N   1 
ATOM 387  C CA  . TYR A 1 51  ? 11.876  -1.679  0.055   1.00 9.12   ? 51  TYR A CA  1 
ATOM 388  C C   . TYR A 1 51  ? 13.169  -1.076  -0.448  1.00 11.85  ? 51  TYR A C   1 
ATOM 389  O O   . TYR A 1 51  ? 14.227  -1.689  -0.341  1.00 17.30  ? 51  TYR A O   1 
ATOM 390  C CB  . TYR A 1 51  ? 11.500  -1.122  1.435   1.00 13.63  ? 51  TYR A CB  1 
ATOM 391  C CG  . TYR A 1 51  ? 12.522  -1.368  2.548   1.00 23.20  ? 51  TYR A CG  1 
ATOM 392  C CD1 . TYR A 1 51  ? 12.537  -2.544  3.196   1.00 29.64  ? 51  TYR A CD1 1 
ATOM 393  C CD2 . TYR A 1 51  ? 13.408  -0.417  2.913   1.00 25.68  ? 51  TYR A CD2 1 
ATOM 394  C CE1 . TYR A 1 51  ? 13.432  -2.782  4.167   1.00 38.60  ? 51  TYR A CE1 1 
ATOM 395  C CE2 . TYR A 1 51  ? 14.297  -0.651  3.903   1.00 60.61  ? 51  TYR A CE2 1 
ATOM 396  C CZ  . TYR A 1 51  ? 14.313  -1.846  4.534   1.00 65.51  ? 51  TYR A CZ  1 
ATOM 397  O OH  . TYR A 1 51  ? 15.236  -2.170  5.517   1.00 90.40  ? 51  TYR A OH  1 
ATOM 398  N N   . ALA A 1 52  ? 13.039  0.091   -1.056  1.00 9.04   ? 52  ALA A N   1 
ATOM 399  C CA  . ALA A 1 52  ? 14.155  0.756   -1.724  1.00 13.78  ? 52  ALA A CA  1 
ATOM 400  C C   . ALA A 1 52  ? 14.702  -0.064  -2.872  1.00 17.70  ? 52  ALA A C   1 
ATOM 401  O O   . ALA A 1 52  ? 15.900  -0.053  -3.143  1.00 24.93  ? 52  ALA A O   1 
ATOM 402  C CB  . ALA A 1 52  ? 15.244  1.249   -0.776  1.00 19.80  ? 52  ALA A CB  1 
ATOM 403  N N   . ALA A 1 53  ? 13.819  -0.794  -3.523  1.00 14.54  ? 53  ALA A N   1 
ATOM 404  C CA  . ALA A 1 53  ? 14.179  -1.558  -4.711  1.00 21.99  ? 53  ALA A CA  1 
ATOM 405  C C   . ALA A 1 53  ? 14.772  -2.921  -4.404  1.00 27.29  ? 53  ALA A C   1 
ATOM 406  O O   . ALA A 1 53  ? 14.389  -3.906  -5.028  1.00 28.46  ? 53  ALA A O   1 
ATOM 407  C CB  . ALA A 1 53  ? 14.867  -0.767  -5.826  1.00 29.20  ? 53  ALA A CB  1 
ATOM 408  N N   . SER A 1 54  ? 15.694  -3.020  -3.465  1.00 30.06  ? 54  SER A N   1 
ATOM 409  C CA  . SER A 1 54  ? 16.414  -4.282  -3.351  1.00 38.52  ? 54  SER A CA  1 
ATOM 410  C C   . SER A 1 54  ? 16.634  -4.645  -1.897  1.00 39.01  ? 54  SER A C   1 
ATOM 411  O O   . SER A 1 54  ? 17.372  -5.567  -1.567  1.00 47.03  ? 54  SER A O   1 
ATOM 412  C CB  . SER A 1 54  ? 17.750  -4.250  -4.103  1.00 52.60  ? 54  SER A CB  1 
ATOM 413  O OG  . SER A 1 54  ? 18.409  -5.517  -4.108  1.00 62.27  ? 54  SER A OG  1 
ATOM 414  N N   . ASN A 1 55  ? 16.028  -3.931  -0.981  1.00 30.95  ? 55  ASN A N   1 
ATOM 415  C CA  . ASN A 1 55  ? 16.304  -4.252  0.418   1.00 35.79  ? 55  ASN A CA  1 
ATOM 416  C C   . ASN A 1 55  ? 15.238  -5.202  0.926   1.00 33.62  ? 55  ASN A C   1 
ATOM 417  O O   . ASN A 1 55  ? 14.061  -4.863  0.962   1.00 28.00  ? 55  ASN A O   1 
ATOM 418  C CB  . ASN A 1 55  ? 16.356  -2.996  1.289   1.00 34.33  ? 55  ASN A CB  1 
ATOM 419  C CG  . ASN A 1 55  ? 17.552  -2.122  0.949   1.00 38.54  ? 55  ASN A CG  1 
ATOM 420  O OD1 . ASN A 1 55  ? 18.651  -2.612  0.689   1.00 45.07  ? 55  ASN A OD1 1 
ATOM 421  N ND2 . ASN A 1 55  ? 17.367  -0.814  0.971   1.00 36.15  ? 55  ASN A ND2 1 
ATOM 422  N N   . LEU A 1 56  ? 15.645  -6.392  1.315   1.00 40.56  ? 56  LEU A N   1 
ATOM 423  C CA  . LEU A 1 56  ? 14.704  -7.369  1.853   1.00 41.16  ? 56  LEU A CA  1 
ATOM 424  C C   . LEU A 1 56  ? 14.418  -6.979  3.293   1.00 43.92  ? 56  LEU A C   1 
ATOM 425  O O   . LEU A 1 56  ? 15.342  -6.786  4.080   1.00 52.97  ? 56  LEU A O   1 
ATOM 426  C CB  . LEU A 1 56  ? 15.422  -8.722  1.857   1.00 49.04  ? 56  LEU A CB  1 
ATOM 427  C CG  . LEU A 1 56  ? 15.410  -9.493  0.540   1.00 47.21  ? 56  LEU A CG  1 
ATOM 428  C CD1 . LEU A 1 56  ? 16.236  -10.775 0.592   1.00 55.96  ? 56  LEU A CD1 1 
ATOM 429  C CD2 . LEU A 1 56  ? 13.971  -9.887  0.267   1.00 43.56  ? 56  LEU A CD2 1 
ATOM 430  N N   . GLU A 1 57  ? 13.146  -6.854  3.619   1.00 43.77  ? 57  GLU A N   1 
ATOM 431  C CA  . GLU A 1 57  ? 12.737  -6.517  4.981   1.00 50.06  ? 57  GLU A CA  1 
ATOM 432  C C   . GLU A 1 57  ? 13.081  -7.666  5.927   1.00 57.75  ? 57  GLU A C   1 
ATOM 433  O O   . GLU A 1 57  ? 13.192  -8.824  5.555   1.00 59.06  ? 57  GLU A O   1 
ATOM 434  C CB  . GLU A 1 57  ? 11.221  -6.273  4.944   1.00 49.98  ? 57  GLU A CB  1 
ATOM 435  C CG  . GLU A 1 57  ? 10.488  -5.890  6.236   1.00 60.06  ? 57  GLU A CG  1 
ATOM 436  C CD  . GLU A 1 57  ? 10.851  -4.509  6.766   1.00 68.50  ? 57  GLU A CD  1 
ATOM 437  O OE1 . GLU A 1 57  ? 11.344  -3.672  5.988   1.00 62.53  ? 57  GLU A OE1 1 
ATOM 438  O OE2 . GLU A 1 57  ? 10.618  -4.240  7.963   1.00 80.13  ? 57  GLU A OE2 1 
ATOM 439  N N   . SER A 1 58  ? 13.279  -7.396  7.186   1.00 66.84  ? 58  SER A N   1 
ATOM 440  C CA  . SER A 1 58  ? 13.471  -8.514  8.095   1.00 72.76  ? 58  SER A CA  1 
ATOM 441  C C   . SER A 1 58  ? 12.171  -9.312  8.200   1.00 75.08  ? 58  SER A C   1 
ATOM 442  O O   . SER A 1 58  ? 11.069  -8.737  8.187   1.00 76.74  ? 58  SER A O   1 
ATOM 443  C CB  . SER A 1 58  ? 14.031  -8.044  9.436   1.00 83.72  ? 58  SER A CB  1 
ATOM 444  O OG  . SER A 1 58  ? 14.497  -9.106  10.263  1.00 87.26  ? 58  SER A OG  1 
ATOM 445  N N   . GLY A 1 59  ? 12.394  -10.651 8.168   1.00 77.46  ? 59  GLY A N   1 
ATOM 446  C CA  . GLY A 1 59  ? 11.399  -11.683 8.173   1.00 83.45  ? 59  GLY A CA  1 
ATOM 447  C C   . GLY A 1 59  ? 11.232  -12.312 6.795   1.00 78.32  ? 59  GLY A C   1 
ATOM 448  O O   . GLY A 1 59  ? 10.737  -13.440 6.709   1.00 82.03  ? 59  GLY A O   1 
ATOM 449  N N   . ILE A 1 60  ? 11.546  -11.576 5.729   1.00 69.85  ? 60  ILE A N   1 
ATOM 450  C CA  . ILE A 1 60  ? 11.291  -12.092 4.381   1.00 65.00  ? 60  ILE A CA  1 
ATOM 451  C C   . ILE A 1 60  ? 12.407  -13.068 4.027   1.00 64.59  ? 60  ILE A C   1 
ATOM 452  O O   . ILE A 1 60  ? 13.579  -12.787 4.287   1.00 63.99  ? 60  ILE A O   1 
ATOM 453  C CB  . ILE A 1 60  ? 11.194  -10.943 3.361   1.00 57.13  ? 60  ILE A CB  1 
ATOM 454  C CG1 . ILE A 1 60  ? 10.867  -11.472 1.965   1.00 53.60  ? 60  ILE A CG1 1 
ATOM 455  C CG2 . ILE A 1 60  ? 12.431  -10.065 3.312   1.00 53.65  ? 60  ILE A CG2 1 
ATOM 456  C CD1 . ILE A 1 60  ? 10.628  -10.424 0.895   1.00 46.75  ? 60  ILE A CD1 1 
ATOM 457  N N   . PRO A 1 61  ? 12.086  -14.249 3.489   1.00 65.04  ? 61  PRO A N   1 
ATOM 458  C CA  . PRO A 1 61  ? 13.100  -15.223 3.130   1.00 65.14  ? 61  PRO A CA  1 
ATOM 459  C C   . PRO A 1 61  ? 13.806  -14.755 1.865   1.00 58.56  ? 61  PRO A C   1 
ATOM 460  O O   . PRO A 1 61  ? 13.201  -14.100 1.013   1.00 53.11  ? 61  PRO A O   1 
ATOM 461  C CB  . PRO A 1 61  ? 12.266  -16.486 2.876   1.00 65.28  ? 61  PRO A CB  1 
ATOM 462  C CG  . PRO A 1 61  ? 10.914  -15.933 2.426   1.00 62.79  ? 61  PRO A CG  1 
ATOM 463  C CD  . PRO A 1 61  ? 10.716  -14.738 3.369   1.00 66.93  ? 61  PRO A CD  1 
ATOM 464  N N   . ALA A 1 62  ? 15.071  -15.177 1.725   1.00 60.66  ? 62  ALA A N   1 
ATOM 465  C CA  . ALA A 1 62  ? 15.943  -14.767 0.617   1.00 60.17  ? 62  ALA A CA  1 
ATOM 466  C C   . ALA A 1 62  ? 15.443  -15.211 -0.788  1.00 53.10  ? 62  ALA A C   1 
ATOM 467  O O   . ALA A 1 62  ? 16.104  -14.885 -1.780  1.00 53.42  ? 62  ALA A O   1 
ATOM 468  C CB  . ALA A 1 62  ? 17.343  -15.310 0.971   1.00 72.22  ? 62  ALA A CB  1 
ATOM 469  N N   . ARG A 1 63  ? 14.327  -16.002 -0.826  1.00 49.90  ? 63  ARG A N   1 
ATOM 470  C CA  . ARG A 1 63  ? 13.200  -15.978 -1.739  1.00 42.04  ? 63  ARG A CA  1 
ATOM 471  C C   . ARG A 1 63  ? 13.301  -15.101 -2.919  1.00 39.79  ? 63  ARG A C   1 
ATOM 472  O O   . ARG A 1 63  ? 13.100  -15.251 -4.128  1.00 40.65  ? 63  ARG A O   1 
ATOM 473  C CB  . ARG A 1 63  ? 12.825  -17.390 -1.983  1.00 41.74  ? 63  ARG A CB  1 
ATOM 474  C CG  . ARG A 1 63  ? 11.373  -17.216 -1.831  1.00 41.32  ? 63  ARG A CG  1 
ATOM 475  C CD  . ARG A 1 63  ? 10.575  -18.485 -1.686  1.00 39.27  ? 63  ARG A CD  1 
ATOM 476  N NE  . ARG A 1 63  ? 10.850  -19.123 -0.404  1.00 46.65  ? 63  ARG A NE  1 
ATOM 477  C CZ  . ARG A 1 63  ? 9.915   -19.218 0.531   1.00 51.38  ? 63  ARG A CZ  1 
ATOM 478  N NH1 . ARG A 1 63  ? 8.705   -18.775 0.349   1.00 49.87  ? 63  ARG A NH1 1 
ATOM 479  N NH2 . ARG A 1 63  ? 10.197  -19.785 1.668   1.00 59.13  ? 63  ARG A NH2 1 
ATOM 480  N N   . PHE A 1 64  ? 13.138  -14.033 -2.261  1.00 41.25  ? 64  PHE A N   1 
ATOM 481  C CA  . PHE A 1 64  ? 12.644  -12.856 -2.886  1.00 40.52  ? 64  PHE A CA  1 
ATOM 482  C C   . PHE A 1 64  ? 13.800  -11.905 -3.018  1.00 41.23  ? 64  PHE A C   1 
ATOM 483  O O   . PHE A 1 64  ? 14.558  -11.683 -2.072  1.00 44.74  ? 64  PHE A O   1 
ATOM 484  C CB  . PHE A 1 64  ? 11.665  -12.205 -1.913  1.00 42.41  ? 64  PHE A CB  1 
ATOM 485  C CG  . PHE A 1 64  ? 10.381  -12.985 -1.750  1.00 45.38  ? 64  PHE A CG  1 
ATOM 486  C CD1 . PHE A 1 64  ? 9.360   -12.777 -2.594  1.00 43.75  ? 64  PHE A CD1 1 
ATOM 487  C CD2 . PHE A 1 64  ? 10.265  -13.889 -0.761  1.00 48.45  ? 64  PHE A CD2 1 
ATOM 488  C CE1 . PHE A 1 64  ? 8.229   -13.484 -2.452  1.00 43.52  ? 64  PHE A CE1 1 
ATOM 489  C CE2 . PHE A 1 64  ? 9.139   -14.597 -0.623  1.00 49.62  ? 64  PHE A CE2 1 
ATOM 490  C CZ  . PHE A 1 64  ? 8.121   -14.391 -1.471  1.00 45.99  ? 64  PHE A CZ  1 
ATOM 491  N N   . SER A 1 65  ? 13.882  -11.279 -4.181  1.00 40.25  ? 65  SER A N   1 
ATOM 492  C CA  . SER A 1 65  ? 14.936  -10.303 -4.409  1.00 44.90  ? 65  SER A CA  1 
ATOM 493  C C   . SER A 1 65  ? 14.362  -9.223  -5.315  1.00 41.73  ? 65  SER A C   1 
ATOM 494  O O   . SER A 1 65  ? 13.426  -9.492  -6.072  1.00 40.08  ? 65  SER A O   1 
ATOM 495  C CB  . SER A 1 65  ? 16.150  -11.002 -5.042  1.00 54.96  ? 65  SER A CB  1 
ATOM 496  O OG  . SER A 1 65  ? 15.805  -12.141 -5.840  1.00 56.21  ? 65  SER A OG  1 
ATOM 497  N N   . GLY A 1 66  ? 14.890  -8.004  -5.218  1.00 42.84  ? 66  GLY A N   1 
ATOM 498  C CA  . GLY A 1 66  ? 14.376  -6.932  -6.069  1.00 39.35  ? 66  GLY A CA  1 
ATOM 499  C C   . GLY A 1 66  ? 15.514  -6.268  -6.839  1.00 49.12  ? 66  GLY A C   1 
ATOM 500  O O   . GLY A 1 66  ? 16.674  -6.336  -6.415  1.00 57.23  ? 66  GLY A O   1 
ATOM 501  N N   . SER A 1 67  ? 15.187  -5.641  -7.971  1.00 49.51  ? 67  SER A N   1 
ATOM 502  C CA  . SER A 1 67  ? 16.210  -4.966  -8.761  1.00 59.90  ? 67  SER A CA  1 
ATOM 503  C C   . SER A 1 67  ? 15.478  -4.001  -9.672  1.00 54.70  ? 67  SER A C   1 
ATOM 504  O O   . SER A 1 67  ? 14.246  -3.982  -9.674  1.00 45.26  ? 67  SER A O   1 
ATOM 505  C CB  . SER A 1 67  ? 17.015  -5.954  -9.621  1.00 73.00  ? 67  SER A CB  1 
ATOM 506  O OG  . SER A 1 67  ? 16.301  -6.475  -10.748 1.00 72.99  ? 67  SER A OG  1 
ATOM 507  N N   . GLY A 1 68  ? 16.225  -3.212  -10.442 1.00 62.05  ? 68  GLY A N   1 
ATOM 508  C CA  . GLY A 1 68  ? 15.576  -2.293  -11.368 1.00 58.33  ? 68  GLY A CA  1 
ATOM 509  C C   . GLY A 1 68  ? 16.372  -1.010  -11.592 1.00 63.29  ? 68  GLY A C   1 
ATOM 510  O O   . GLY A 1 68  ? 17.181  -0.630  -10.742 1.00 65.03  ? 68  GLY A O   1 
ATOM 511  N N   . SER A 1 69  ? 16.120  -0.353  -12.733 1.00 65.41  ? 69  SER A N   1 
ATOM 512  C CA  . SER A 1 69  ? 16.848  0.870   -13.069 1.00 70.58  ? 69  SER A CA  1 
ATOM 513  C C   . SER A 1 69  ? 15.952  1.856   -13.796 1.00 69.28  ? 69  SER A C   1 
ATOM 514  O O   . SER A 1 69  ? 15.126  1.440   -14.612 1.00 67.63  ? 69  SER A O   1 
ATOM 515  C CB  . SER A 1 69  ? 18.028  0.516   -13.983 1.00 82.66  ? 69  SER A CB  1 
ATOM 516  O OG  . SER A 1 69  ? 17.673  -0.319  -15.091 1.00 87.07  ? 69  SER A OG  1 
ATOM 517  N N   . GLY A 1 70  ? 16.168  3.141   -13.528 1.00 70.13  ? 70  GLY A N   1 
ATOM 518  C CA  . GLY A 1 70  ? 15.414  4.179   -14.221 1.00 70.43  ? 70  GLY A CA  1 
ATOM 519  C C   . GLY A 1 70  ? 13.918  4.072   -13.964 1.00 60.67  ? 70  GLY A C   1 
ATOM 520  O O   . GLY A 1 70  ? 13.400  4.749   -13.076 1.00 54.80  ? 70  GLY A O   1 
ATOM 521  N N   . THR A 1 71  ? 13.223  3.267   -14.770 1.00 59.04  ? 71  THR A N   1 
ATOM 522  C CA  . THR A 1 71  ? 11.787  3.159   -14.612 1.00 51.94  ? 71  THR A CA  1 
ATOM 523  C C   . THR A 1 71  ? 11.298  1.732   -14.492 1.00 48.02  ? 71  THR A C   1 
ATOM 524  O O   . THR A 1 71  ? 10.095  1.532   -14.350 1.00 42.91  ? 71  THR A O   1 
ATOM 525  C CB  . THR A 1 71  ? 11.115  3.811   -15.821 1.00 55.02  ? 71  THR A CB  1 
ATOM 526  O OG1 . THR A 1 71  ? 11.486  3.194   -17.056 1.00 60.09  ? 71  THR A OG1 1 
ATOM 527  C CG2 . THR A 1 71  ? 11.441  5.297   -15.848 1.00 59.67  ? 71  THR A CG2 1 
ATOM 528  N N   . ASP A 1 72  ? 12.175  0.743   -14.575 1.00 50.59  ? 72  ASP A N   1 
ATOM 529  C CA  . ASP A 1 72  ? 11.673  -0.629  -14.549 1.00 47.21  ? 72  ASP A CA  1 
ATOM 530  C C   . ASP A 1 72  ? 12.279  -1.370  -13.379 1.00 45.63  ? 72  ASP A C   1 
ATOM 531  O O   . ASP A 1 72  ? 13.495  -1.352  -13.202 1.00 51.41  ? 72  ASP A O   1 
ATOM 532  C CB  . ASP A 1 72  ? 12.037  -1.347  -15.845 1.00 58.50  ? 72  ASP A CB  1 
ATOM 533  C CG  . ASP A 1 72  ? 11.253  -0.817  -17.034 1.00 60.97  ? 72  ASP A CG  1 
ATOM 534  O OD1 . ASP A 1 72  ? 10.592  0.237   -16.932 1.00 55.66  ? 72  ASP A OD1 1 
ATOM 535  O OD2 . ASP A 1 72  ? 11.286  -1.466  -18.097 1.00 69.90  ? 72  ASP A OD2 1 
ATOM 536  N N   . PHE A 1 73  ? 11.433  -2.017  -12.583 1.00 39.18  ? 73  PHE A N   1 
ATOM 537  C CA  . PHE A 1 73  ? 11.916  -2.716  -11.402 1.00 36.98  ? 73  PHE A CA  1 
ATOM 538  C C   . PHE A 1 73  ? 11.292  -4.099  -11.442 1.00 35.24  ? 73  PHE A C   1 
ATOM 539  O O   . PHE A 1 73  ? 10.198  -4.266  -11.981 1.00 32.86  ? 73  PHE A O   1 
ATOM 540  C CB  . PHE A 1 73  ? 11.508  -1.948  -10.129 1.00 30.83  ? 73  PHE A CB  1 
ATOM 541  C CG  . PHE A 1 73  ? 12.094  -0.528  -10.083 1.00 33.92  ? 73  PHE A CG  1 
ATOM 542  C CD1 . PHE A 1 73  ? 11.430  0.506   -10.640 1.00 34.72  ? 73  PHE A CD1 1 
ATOM 543  C CD2 . PHE A 1 73  ? 13.303  -0.296  -9.536  1.00 36.86  ? 73  PHE A CD2 1 
ATOM 544  C CE1 . PHE A 1 73  ? 11.975  1.733   -10.677 1.00 37.76  ? 73  PHE A CE1 1 
ATOM 545  C CE2 . PHE A 1 73  ? 13.845  0.936   -9.562  1.00 38.90  ? 73  PHE A CE2 1 
ATOM 546  C CZ  . PHE A 1 73  ? 13.184  1.951   -10.139 1.00 39.23  ? 73  PHE A CZ  1 
ATOM 547  N N   . THR A 1 74  ? 11.991  -5.090  -10.911 1.00 38.05  ? 74  THR A N   1 
ATOM 548  C CA  . THR A 1 74  ? 11.497  -6.456  -11.004 1.00 40.00  ? 74  THR A CA  1 
ATOM 549  C C   . THR A 1 74  ? 11.619  -7.151  -9.657  1.00 37.79  ? 74  THR A C   1 
ATOM 550  O O   . THR A 1 74  ? 12.594  -6.940  -8.934  1.00 39.69  ? 74  THR A O   1 
ATOM 551  C CB  . THR A 1 74  ? 12.276  -7.202  -12.091 1.00 52.87  ? 74  THR A CB  1 
ATOM 552  O OG1 . THR A 1 74  ? 12.026  -6.683  -13.395 1.00 57.39  ? 74  THR A OG1 1 
ATOM 553  C CG2 . THR A 1 74  ? 11.965  -8.671  -12.047 1.00 57.69  ? 74  THR A CG2 1 
ATOM 554  N N   . LEU A 1 75  ? 10.616  -7.959  -9.329  1.00 35.98  ? 75  LEU A N   1 
ATOM 555  C CA  . LEU A 1 75  ? 10.674  -8.792  -8.141  1.00 35.88  ? 75  LEU A CA  1 
ATOM 556  C C   . LEU A 1 75  ? 10.880  -10.201 -8.669  1.00 42.49  ? 75  LEU A C   1 
ATOM 557  O O   . LEU A 1 75  ? 10.230  -10.603 -9.637  1.00 44.21  ? 75  LEU A O   1 
ATOM 558  C CB  . LEU A 1 75  ? 9.328   -8.728  -7.410  1.00 30.92  ? 75  LEU A CB  1 
ATOM 559  C CG  . LEU A 1 75  ? 9.140   -9.749  -6.288  1.00 33.41  ? 75  LEU A CG  1 
ATOM 560  C CD1 . LEU A 1 75  ? 10.080  -9.477  -5.117  1.00 33.64  ? 75  LEU A CD1 1 
ATOM 561  C CD2 . LEU A 1 75  ? 7.702   -9.737  -5.791  1.00 31.10  ? 75  LEU A CD2 1 
ATOM 562  N N   . ASN A 1 76  ? 11.783  -10.936 -8.034  1.00 45.05  ? 76  ASN A N   1 
ATOM 563  C CA  . ASN A 1 76  ? 12.078  -12.296 -8.468  1.00 50.52  ? 76  ASN A CA  1 
ATOM 564  C C   . ASN A 1 76  ? 11.920  -13.233 -7.254  1.00 46.06  ? 76  ASN A C   1 
ATOM 565  O O   . ASN A 1 76  ? 12.399  -12.942 -6.158  1.00 43.95  ? 76  ASN A O   1 
ATOM 566  C CB  . ASN A 1 76  ? 13.502  -12.274 -9.056  1.00 60.48  ? 76  ASN A CB  1 
ATOM 567  C CG  . ASN A 1 76  ? 13.984  -13.586 -9.660  1.00 69.68  ? 76  ASN A CG  1 
ATOM 568  O OD1 . ASN A 1 76  ? 15.008  -13.680 -10.320 1.00 80.39  ? 76  ASN A OD1 1 
ATOM 569  N ND2 . ASN A 1 76  ? 13.247  -14.627 -9.457  1.00 65.02  ? 76  ASN A ND2 1 
ATOM 570  N N   . ILE A 1 77  ? 11.241  -14.364 -7.488  1.00 45.52  ? 77  ILE A N   1 
ATOM 571  C CA  . ILE A 1 77  ? 11.181  -15.439 -6.514  1.00 41.96  ? 77  ILE A CA  1 
ATOM 572  C C   . ILE A 1 77  ? 11.921  -16.602 -7.165  1.00 46.51  ? 77  ILE A C   1 
ATOM 573  O O   . ILE A 1 77  ? 11.531  -17.053 -8.241  1.00 51.84  ? 77  ILE A O   1 
ATOM 574  C CB  . ILE A 1 77  ? 9.696   -15.760 -6.294  1.00 40.78  ? 77  ILE A CB  1 
ATOM 575  C CG1 . ILE A 1 77  ? 8.918   -14.472 -6.028  1.00 41.34  ? 77  ILE A CG1 1 
ATOM 576  C CG2 . ILE A 1 77  ? 9.501   -16.714 -5.120  1.00 38.42  ? 77  ILE A CG2 1 
ATOM 577  C CD1 . ILE A 1 77  ? 7.398   -14.628 -6.062  1.00 38.41  ? 77  ILE A CD1 1 
ATOM 578  N N   . HIS A 1 78  ? 13.027  -17.024 -6.577  1.00 46.96  ? 78  HIS A N   1 
ATOM 579  C CA  . HIS A 1 78  ? 13.844  -18.088 -7.154  1.00 53.03  ? 78  HIS A CA  1 
ATOM 580  C C   . HIS A 1 78  ? 13.092  -19.424 -7.167  1.00 50.93  ? 78  HIS A C   1 
ATOM 581  O O   . HIS A 1 78  ? 13.238  -20.209 -8.096  1.00 59.81  ? 78  HIS A O   1 
ATOM 582  C CB  . HIS A 1 78  ? 15.281  -18.092 -6.534  1.00 56.96  ? 78  HIS A CB  1 
ATOM 583  C CG  . HIS A 1 78  ? 15.316  -18.026 -5.021  1.00 51.70  ? 78  HIS A CG  1 
ATOM 584  N ND1 . HIS A 1 78  ? 15.065  -16.921 -4.484  1.00 46.75  ? 78  HIS A ND1 1 
ATOM 585  C CD2 . HIS A 1 78  ? 15.802  -18.918 -3.956  1.00 55.89  ? 78  HIS A CD2 1 
ATOM 586  C CE1 . HIS A 1 78  ? 15.667  -17.463 -3.481  1.00 51.51  ? 78  HIS A CE1 1 
ATOM 587  N NE2 . HIS A 1 78  ? 15.289  -18.521 -2.803  1.00 52.16  ? 78  HIS A NE2 1 
ATOM 588  N N   . PRO A 1 79  ? 12.675  -19.847 -6.012  1.00 45.85  ? 79  PRO A N   1 
ATOM 589  C CA  . PRO A 1 79  ? 12.001  -21.127 -5.858  1.00 43.75  ? 79  PRO A CA  1 
ATOM 590  C C   . PRO A 1 79  ? 10.650  -20.804 -5.241  1.00 38.25  ? 79  PRO A C   1 
ATOM 591  O O   . PRO A 1 79  ? 10.569  -20.345 -4.102  1.00 34.47  ? 79  PRO A O   1 
ATOM 592  C CB  . PRO A 1 79  ? 13.006  -21.992 -5.033  1.00 50.64  ? 79  PRO A CB  1 
ATOM 593  C CG  . PRO A 1 79  ? 14.015  -21.147 -4.320  1.00 50.85  ? 79  PRO A CG  1 
ATOM 594  C CD  . PRO A 1 79  ? 13.878  -20.412 -5.579  1.00 50.59  ? 79  PRO A CD  1 
ATOM 595  N N   . VAL A 1 80  ? 9.587   -20.971 -6.019  1.00 39.40  ? 80  VAL A N   1 
ATOM 596  C CA  . VAL A 1 80  ? 8.270   -20.610 -5.522  1.00 35.11  ? 80  VAL A CA  1 
ATOM 597  C C   . VAL A 1 80  ? 7.808   -21.682 -4.558  1.00 34.74  ? 80  VAL A C   1 
ATOM 598  O O   . VAL A 1 80  ? 7.863   -22.873 -4.869  1.00 39.13  ? 80  VAL A O   1 
ATOM 599  C CB  . VAL A 1 80  ? 7.272   -20.486 -6.669  1.00 39.41  ? 80  VAL A CB  1 
ATOM 600  C CG1 . VAL A 1 80  ? 5.870   -20.205 -6.135  1.00 35.49  ? 80  VAL A CG1 1 
ATOM 601  C CG2 . VAL A 1 80  ? 7.679   -19.357 -7.606  1.00 43.08  ? 80  VAL A CG2 1 
ATOM 602  N N   . GLU A 1 81  ? 7.378   -21.250 -3.377  1.00 35.42  ? 81  GLU A N   1 
ATOM 603  C CA  . GLU A 1 81  ? 6.859   -22.187 -2.395  1.00 37.29  ? 81  GLU A CA  1 
ATOM 604  C C   . GLU A 1 81  ? 5.365   -21.951 -2.269  1.00 37.95  ? 81  GLU A C   1 
ATOM 605  O O   . GLU A 1 81  ? 4.856   -20.943 -2.764  1.00 36.42  ? 81  GLU A O   1 
ATOM 606  C CB  . GLU A 1 81  ? 7.520   -21.950 -1.037  1.00 39.61  ? 81  GLU A CB  1 
ATOM 607  C CG  . GLU A 1 81  ? 9.001   -22.322 -0.986  1.00 44.07  ? 81  GLU A CG  1 
ATOM 608  C CD  . GLU A 1 81  ? 9.257   -23.813 -1.147  1.00 50.19  ? 81  GLU A CD  1 
ATOM 609  O OE1 . GLU A 1 81  ? 8.303   -24.608 -1.304  1.00 50.75  ? 81  GLU A OE1 1 
ATOM 610  O OE2 . GLU A 1 81  ? 10.443  -24.200 -1.106  1.00 54.50  ? 81  GLU A OE2 1 
ATOM 611  N N   . GLU A 1 82  ? 4.683   -22.866 -1.576  1.00 43.06  ? 82  GLU A N   1 
ATOM 612  C CA  . GLU A 1 82  ? 3.225   -22.793 -1.450  1.00 45.62  ? 82  GLU A CA  1 
ATOM 613  C C   . GLU A 1 82  ? 2.751   -21.505 -0.793  1.00 47.33  ? 82  GLU A C   1 
ATOM 614  O O   . GLU A 1 82  ? 1.798   -20.881 -1.263  1.00 46.09  ? 82  GLU A O   1 
ATOM 615  C CB  . GLU A 1 82  ? 2.716   -23.942 -0.582  1.00 52.07  ? 82  GLU A CB  1 
ATOM 616  C CG  . GLU A 1 82  ? 3.200   -25.353 -0.888  1.00 55.41  ? 82  GLU A CG  1 
ATOM 617  C CD  . GLU A 1 82  ? 2.583   -26.024 -2.096  1.00 54.09  ? 82  GLU A CD  1 
ATOM 618  O OE1 . GLU A 1 82  ? 2.007   -25.371 -2.998  1.00 47.12  ? 82  GLU A OE1 1 
ATOM 619  O OE2 . GLU A 1 82  ? 2.694   -27.266 -2.135  1.00 60.40  ? 82  GLU A OE2 1 
ATOM 620  N N   . GLU A 1 83  ? 3.423   -21.078 0.274   1.00 50.49  ? 83  GLU A N   1 
ATOM 621  C CA  . GLU A 1 83  ? 2.972   -19.873 0.974   1.00 55.39  ? 83  GLU A CA  1 
ATOM 622  C C   . GLU A 1 83  ? 3.009   -18.601 0.126   1.00 49.31  ? 83  GLU A C   1 
ATOM 623  O O   . GLU A 1 83  ? 2.336   -17.630 0.465   1.00 51.49  ? 83  GLU A O   1 
ATOM 624  C CB  . GLU A 1 83  ? 3.738   -19.732 2.293   1.00 63.90  ? 83  GLU A CB  1 
ATOM 625  C CG  . GLU A 1 83  ? 5.255   -19.838 2.152   1.00 61.15  ? 83  GLU A CG  1 
ATOM 626  C CD  . GLU A 1 83  ? 5.869   -20.646 3.286   1.00 69.74  ? 83  GLU A CD  1 
ATOM 627  O OE1 . GLU A 1 83  ? 5.427   -21.795 3.515   1.00 72.58  ? 83  GLU A OE1 1 
ATOM 628  O OE2 . GLU A 1 83  ? 6.813   -20.145 3.936   1.00 75.00  ? 83  GLU A OE2 1 
ATOM 629  N N   . ASP A 1 84  ? 3.725   -18.606 -0.997  1.00 41.94  ? 84  ASP A N   1 
ATOM 630  C CA  . ASP A 1 84  ? 3.856   -17.391 -1.800  1.00 38.38  ? 84  ASP A CA  1 
ATOM 631  C C   . ASP A 1 84  ? 2.682   -17.005 -2.695  1.00 36.06  ? 84  ASP A C   1 
ATOM 632  O O   . ASP A 1 84  ? 2.778   -16.047 -3.464  1.00 32.96  ? 84  ASP A O   1 
ATOM 633  C CB  . ASP A 1 84  ? 5.110   -17.497 -2.660  1.00 36.86  ? 84  ASP A CB  1 
ATOM 634  C CG  . ASP A 1 84  ? 6.329   -17.824 -1.828  1.00 40.09  ? 84  ASP A CG  1 
ATOM 635  O OD1 . ASP A 1 84  ? 6.359   -17.484 -0.626  1.00 45.09  ? 84  ASP A OD1 1 
ATOM 636  O OD2 . ASP A 1 84  ? 7.276   -18.414 -2.387  1.00 37.34  ? 84  ASP A OD2 1 
ATOM 637  N N   . ALA A 1 85  ? 1.573   -17.706 -2.646  1.00 37.67  ? 85  ALA A N   1 
ATOM 638  C CA  . ALA A 1 85  ? 0.508   -17.279 -3.522  1.00 37.75  ? 85  ALA A CA  1 
ATOM 639  C C   . ALA A 1 85  ? -0.282  -16.154 -2.909  1.00 39.24  ? 85  ALA A C   1 
ATOM 640  O O   . ALA A 1 85  ? -0.366  -16.087 -1.679  1.00 43.19  ? 85  ALA A O   1 
ATOM 641  C CB  . ALA A 1 85  ? -0.278  -18.471 -4.038  1.00 40.27  ? 85  ALA A CB  1 
ATOM 642  N N   . ALA A 1 86  ? -0.779  -15.308 -3.819  1.00 37.53  ? 86  ALA A N   1 
ATOM 643  C CA  . ALA A 1 86  ? -1.566  -14.145 -3.477  1.00 39.22  ? 86  ALA A CA  1 
ATOM 644  C C   . ALA A 1 86  ? -1.286  -13.057 -4.478  1.00 35.32  ? 86  ALA A C   1 
ATOM 645  O O   . ALA A 1 86  ? -0.824  -13.428 -5.554  1.00 34.08  ? 86  ALA A O   1 
ATOM 646  C CB  . ALA A 1 86  ? -1.413  -13.698 -2.064  1.00 39.63  ? 86  ALA A CB  1 
ATOM 647  N N   . THR A 1 87  ? -1.612  -11.788 -4.189  1.00 35.93  ? 87  THR A N   1 
ATOM 648  C CA  . THR A 1 87  ? -1.438  -10.722 -5.188  1.00 35.88  ? 87  THR A CA  1 
ATOM 649  C C   . THR A 1 87  ? -0.260  -9.851  -4.770  1.00 28.07  ? 87  THR A C   1 
ATOM 650  O O   . THR A 1 87  ? -0.191  -9.400  -3.626  1.00 25.48  ? 87  THR A O   1 
ATOM 651  C CB  . THR A 1 87  ? -2.685  -9.811  -5.340  1.00 44.88  ? 87  THR A CB  1 
ATOM 652  O OG1 . THR A 1 87  ? -2.442  -8.744  -6.277  1.00 46.24  ? 87  THR A OG1 1 
ATOM 653  C CG2 . THR A 1 87  ? -3.224  -9.283  -4.005  1.00 44.21  ? 87  THR A CG2 1 
ATOM 654  N N   . TYR A 1 88  ? 0.658   -9.614  -5.700  1.00 25.56  ? 88  TYR A N   1 
ATOM 655  C CA  . TYR A 1 88  ? 1.820   -8.783  -5.400  1.00 18.70  ? 88  TYR A CA  1 
ATOM 656  C C   . TYR A 1 88  ? 1.533   -7.395  -5.957  1.00 19.18  ? 88  TYR A C   1 
ATOM 657  O O   . TYR A 1 88  ? 0.793   -7.270  -6.939  1.00 26.27  ? 88  TYR A O   1 
ATOM 658  C CB  . TYR A 1 88  ? 3.066   -9.378  -6.078  1.00 20.05  ? 88  TYR A CB  1 
ATOM 659  C CG  . TYR A 1 88  ? 3.510   -10.701 -5.451  1.00 22.67  ? 88  TYR A CG  1 
ATOM 660  C CD1 . TYR A 1 88  ? 2.807   -11.833 -5.637  1.00 23.63  ? 88  TYR A CD1 1 
ATOM 661  C CD2 . TYR A 1 88  ? 4.604   -10.742 -4.672  1.00 24.25  ? 88  TYR A CD2 1 
ATOM 662  C CE1 . TYR A 1 88  ? 3.172   -12.979 -5.041  1.00 26.02  ? 88  TYR A CE1 1 
ATOM 663  C CE2 . TYR A 1 88  ? 4.980   -11.897 -4.084  1.00 28.66  ? 88  TYR A CE2 1 
ATOM 664  C CZ  . TYR A 1 88  ? 4.260   -13.021 -4.262  1.00 28.48  ? 88  TYR A CZ  1 
ATOM 665  O OH  . TYR A 1 88  ? 4.632   -14.213 -3.666  1.00 31.94  ? 88  TYR A OH  1 
ATOM 666  N N   . TYR A 1 89  ? 2.115   -6.375  -5.323  1.00 15.59  ? 89  TYR A N   1 
ATOM 667  C CA  . TYR A 1 89  ? 1.880   -4.986  -5.721  1.00 14.82  ? 89  TYR A CA  1 
ATOM 668  C C   . TYR A 1 89  ? 3.227   -4.285  -5.634  1.00 10.48  ? 89  TYR A C   1 
ATOM 669  O O   . TYR A 1 89  ? 3.969   -4.508  -4.679  1.00 8.57   ? 89  TYR A O   1 
ATOM 670  C CB  . TYR A 1 89  ? 0.953   -4.281  -4.713  1.00 17.28  ? 89  TYR A CB  1 
ATOM 671  C CG  . TYR A 1 89  ? -0.509  -4.744  -4.737  1.00 25.74  ? 89  TYR A CG  1 
ATOM 672  C CD1 . TYR A 1 89  ? -1.403  -4.148  -5.549  1.00 31.71  ? 89  TYR A CD1 1 
ATOM 673  C CD2 . TYR A 1 89  ? -0.926  -5.753  -3.953  1.00 27.39  ? 89  TYR A CD2 1 
ATOM 674  C CE1 . TYR A 1 89  ? -2.691  -4.567  -5.590  1.00 39.93  ? 89  TYR A CE1 1 
ATOM 675  C CE2 . TYR A 1 89  ? -2.207  -6.169  -3.996  1.00 34.24  ? 89  TYR A CE2 1 
ATOM 676  C CZ  . TYR A 1 89  ? -3.104  -5.592  -4.811  1.00 40.95  ? 89  TYR A CZ  1 
ATOM 677  O OH  . TYR A 1 89  ? -4.415  -6.052  -4.826  1.00 48.73  ? 89  TYR A OH  1 
ATOM 678  N N   . CYS A 1 90  ? 3.563   -3.456  -6.614  1.00 11.67  ? 90  CYS A N   1 
ATOM 679  C CA  . CYS A 1 90  ? 4.783   -2.661  -6.478  1.00 8.58   ? 90  CYS A CA  1 
ATOM 680  C C   . CYS A 1 90  ? 4.269   -1.317  -5.989  1.00 7.98   ? 90  CYS A C   1 
ATOM 681  O O   . CYS A 1 90  ? 3.076   -1.054  -6.119  1.00 11.47  ? 90  CYS A O   1 
ATOM 682  C CB  . CYS A 1 90  ? 5.522   -2.511  -7.813  1.00 11.91  ? 90  CYS A CB  1 
ATOM 683  S SG  . CYS A 1 90  ? 4.482   -1.610  -8.963  1.00 17.95  ? 90  CYS A SG  1 
ATOM 684  N N   . GLN A 1 91  ? 5.110   -0.452  -5.447  1.00 7.73   ? 91  GLN A N   1 
ATOM 685  C CA  . GLN A 1 91  ? 4.637   0.883   -5.055  1.00 8.46   ? 91  GLN A CA  1 
ATOM 686  C C   . GLN A 1 91  ? 5.854   1.800   -5.016  1.00 8.09   ? 91  GLN A C   1 
ATOM 687  O O   . GLN A 1 91  ? 6.931   1.391   -4.601  1.00 6.51   ? 91  GLN A O   1 
ATOM 688  C CB  . GLN A 1 91  ? 3.949   0.875   -3.681  1.00 8.55   ? 91  GLN A CB  1 
ATOM 689  C CG  . GLN A 1 91  ? 3.592   2.252   -3.112  1.00 10.65  ? 91  GLN A CG  1 
ATOM 690  C CD  . GLN A 1 91  ? 3.154   2.217   -1.656  1.00 13.05  ? 91  GLN A CD  1 
ATOM 691  O OE1 . GLN A 1 91  ? 3.308   1.228   -0.944  1.00 13.77  ? 91  GLN A OE1 1 
ATOM 692  N NE2 . GLN A 1 91  ? 2.566   3.305   -1.194  1.00 15.25  ? 91  GLN A NE2 1 
ATOM 693  N N   . GLN A 1 92  ? 5.715   3.025   -5.486  1.00 9.79   ? 92  GLN A N   1 
ATOM 694  C CA  . GLN A 1 92  ? 6.854   3.935   -5.517  1.00 9.71   ? 92  GLN A CA  1 
ATOM 695  C C   . GLN A 1 92  ? 6.634   5.072   -4.526  1.00 8.43   ? 92  GLN A C   1 
ATOM 696  O O   . GLN A 1 92  ? 5.499   5.370   -4.155  1.00 9.16   ? 92  GLN A O   1 
ATOM 697  C CB  . GLN A 1 92  ? 6.924   4.508   -6.930  1.00 15.81  ? 92  GLN A CB  1 
ATOM 698  C CG  . GLN A 1 92  ? 5.749   5.444   -7.224  1.00 16.99  ? 92  GLN A CG  1 
ATOM 699  C CD  . GLN A 1 92  ? 5.643   5.826   -8.688  1.00 23.81  ? 92  GLN A CD  1 
ATOM 700  O OE1 . GLN A 1 92  ? 6.310   5.284   -9.566  1.00 27.75  ? 92  GLN A OE1 1 
ATOM 701  N NE2 . GLN A 1 92  ? 4.779   6.773   -8.970  1.00 25.76  ? 92  GLN A NE2 1 
ATOM 702  N N   . SER A 1 93  ? 7.709   5.732   -4.119  1.00 6.50   ? 93  SER A N   1 
ATOM 703  C CA  . SER A 1 93  ? 7.600   6.695   -3.028  1.00 6.84   ? 93  SER A CA  1 
ATOM 704  C C   . SER A 1 93  ? 8.496   7.860   -3.393  1.00 42.92  ? 93  SER A C   1 
ATOM 705  O O   . SER A 1 93  ? 9.047   8.550   -2.539  1.00 74.61  ? 93  SER A O   1 
ATOM 706  C CB  . SER A 1 93  ? 8.079   6.038   -1.724  1.00 15.94  ? 93  SER A CB  1 
ATOM 707  O OG  . SER A 1 93  ? 8.165   6.893   -0.583  1.00 52.44  ? 93  SER A OG  1 
ATOM 708  N N   . ASN A 1 94  ? 8.725   8.038   -4.676  1.00 43.08  ? 94  ASN A N   1 
ATOM 709  C CA  . ASN A 1 94  ? 9.727   9.027   -5.053  1.00 66.50  ? 94  ASN A CA  1 
ATOM 710  C C   . ASN A 1 94  ? 9.093   10.379  -5.003  1.00 93.15  ? 94  ASN A C   1 
ATOM 711  O O   . ASN A 1 94  ? 9.679   11.389  -4.622  1.00 100.00 ? 94  ASN A O   1 
ATOM 712  C CB  . ASN A 1 94  ? 9.944   8.936   -6.542  1.00 45.89  ? 94  ASN A CB  1 
ATOM 713  C CG  . ASN A 1 94  ? 11.018  9.915   -6.958  1.00 56.81  ? 94  ASN A CG  1 
ATOM 714  O OD1 . ASN A 1 94  ? 10.947  10.665  -7.925  1.00 74.93  ? 94  ASN A OD1 1 
ATOM 715  N ND2 . ASN A 1 94  ? 12.094  9.849   -6.246  1.00 37.66  ? 94  ASN A ND2 1 
ATOM 716  N N   . GLY A 1 95  ? 7.915   10.399  -5.570  1.00 75.66  ? 95  GLY A N   1 
ATOM 717  C CA  . GLY A 1 95  ? 7.291   11.685  -5.783  1.00 99.35  ? 95  GLY A CA  1 
ATOM 718  C C   . GLY A 1 95  ? 5.911   11.536  -5.211  1.00 85.57  ? 95  GLY A C   1 
ATOM 719  O O   . GLY A 1 95  ? 5.498   10.446  -4.823  1.00 57.32  ? 95  GLY A O   1 
ATOM 720  N N   . ASP A 1 96  ? 5.219   12.651  -5.166  1.00 93.32  ? 96  ASP A N   1 
ATOM 721  C CA  . ASP A 1 96  ? 3.866   12.630  -4.657  1.00 94.68  ? 96  ASP A CA  1 
ATOM 722  C C   . ASP A 1 96  ? 3.035   12.786  -5.901  1.00 78.33  ? 96  ASP A C   1 
ATOM 723  O O   . ASP A 1 96  ? 3.388   13.558  -6.790  1.00 85.33  ? 96  ASP A O   1 
ATOM 724  C CB  . ASP A 1 96  ? 3.640   13.839  -3.748  1.00 100.00 ? 96  ASP A CB  1 
ATOM 725  C CG  . ASP A 1 96  ? 4.432   13.719  -2.460  1.00 100.00 ? 96  ASP A CG  1 
ATOM 726  O OD1 . ASP A 1 96  ? 4.704   12.581  -2.018  1.00 98.09  ? 96  ASP A OD1 1 
ATOM 727  O OD2 . ASP A 1 96  ? 4.784   14.766  -1.874  1.00 100.00 ? 96  ASP A OD2 1 
ATOM 728  N N   . PRO A 1 97  ? 1.928   12.090  -6.006  1.00 56.95  ? 97  PRO A N   1 
ATOM 729  C CA  . PRO A 1 97  ? 1.466   11.207  -4.941  1.00 42.00  ? 97  PRO A CA  1 
ATOM 730  C C   . PRO A 1 97  ? 2.158   9.866   -4.944  1.00 25.06  ? 97  PRO A C   1 
ATOM 731  O O   . PRO A 1 97  ? 2.744   9.474   -5.948  1.00 23.64  ? 97  PRO A O   1 
ATOM 732  C CB  . PRO A 1 97  ? 0.140   10.803  -5.556  1.00 30.27  ? 97  PRO A CB  1 
ATOM 733  C CG  . PRO A 1 97  ? -0.038  11.287  -6.983  1.00 40.47  ? 97  PRO A CG  1 
ATOM 734  C CD  . PRO A 1 97  ? 0.987   12.402  -7.070  1.00 51.69  ? 97  PRO A CD  1 
ATOM 735  N N   . TYR A 1 98  ? 1.997   9.139   -3.851  1.00 17.16  ? 98  TYR A N   1 
ATOM 736  C CA  . TYR A 1 98  ? 2.548   7.789   -3.787  1.00 14.51  ? 98  TYR A CA  1 
ATOM 737  C C   . TYR A 1 98  ? 1.582   6.913   -4.579  1.00 15.42  ? 98  TYR A C   1 
ATOM 738  O O   . TYR A 1 98  ? 0.373   7.143   -4.542  1.00 16.91  ? 98  TYR A O   1 
ATOM 739  C CB  . TYR A 1 98  ? 2.607   7.356   -2.312  1.00 12.95  ? 98  TYR A CB  1 
ATOM 740  C CG  . TYR A 1 98  ? 3.568   8.178   -1.465  1.00 22.49  ? 98  TYR A CG  1 
ATOM 741  C CD1 . TYR A 1 98  ? 4.878   7.903   -1.494  1.00 16.94  ? 98  TYR A CD1 1 
ATOM 742  C CD2 . TYR A 1 98  ? 3.126   9.161   -0.664  1.00 45.62  ? 98  TYR A CD2 1 
ATOM 743  C CE1 . TYR A 1 98  ? 5.736   8.617   -0.754  1.00 56.46  ? 98  TYR A CE1 1 
ATOM 744  C CE2 . TYR A 1 98  ? 3.993   9.875   0.072   1.00 79.58  ? 98  TYR A CE2 1 
ATOM 745  C CZ  . TYR A 1 98  ? 5.301   9.606   0.031   1.00 82.91  ? 98  TYR A CZ  1 
ATOM 746  O OH  . TYR A 1 98  ? 6.188   10.343  0.782   1.00 97.50  ? 98  TYR A OH  1 
ATOM 747  N N   . THR A 1 99  ? 2.086   5.948   -5.341  1.00 15.25  ? 99  THR A N   1 
ATOM 748  C CA  . THR A 1 99  ? 1.193   5.152   -6.193  1.00 18.85  ? 99  THR A CA  1 
ATOM 749  C C   . THR A 1 99  ? 1.585   3.666   -6.170  1.00 17.71  ? 99  THR A C   1 
ATOM 750  O O   . THR A 1 99  ? 2.762   3.352   -5.970  1.00 14.77  ? 99  THR A O   1 
ATOM 751  C CB  . THR A 1 99  ? 1.222   5.740   -7.614  1.00 25.04  ? 99  THR A CB  1 
ATOM 752  O OG1 . THR A 1 99  ? 0.894   7.127   -7.653  1.00 28.49  ? 99  THR A OG1 1 
ATOM 753  C CG2 . THR A 1 99  ? 0.468   4.961   -8.694  1.00 33.84  ? 99  THR A CG2 1 
ATOM 754  N N   . PHE A 1 100 ? 0.578   2.795   -6.380  1.00 21.04  ? 100 PHE A N   1 
ATOM 755  C CA  . PHE A 1 100 ? 0.725   1.339   -6.331  1.00 20.16  ? 100 PHE A CA  1 
ATOM 756  C C   . PHE A 1 100 ? 0.486   0.784   -7.738  1.00 27.48  ? 100 PHE A C   1 
ATOM 757  O O   . PHE A 1 100 ? -0.186  1.402   -8.570  1.00 35.06  ? 100 PHE A O   1 
ATOM 758  C CB  . PHE A 1 100 ? -0.400  0.767   -5.442  1.00 22.99  ? 100 PHE A CB  1 
ATOM 759  C CG  . PHE A 1 100 ? -0.105  0.750   -3.939  1.00 19.42  ? 100 PHE A CG  1 
ATOM 760  C CD1 . PHE A 1 100 ? 0.602   -0.260  -3.399  1.00 17.38  ? 100 PHE A CD1 1 
ATOM 761  C CD2 . PHE A 1 100 ? -0.611  1.696   -3.126  1.00 19.97  ? 100 PHE A CD2 1 
ATOM 762  C CE1 . PHE A 1 100 ? 0.800   -0.321  -2.069  1.00 18.74  ? 100 PHE A CE1 1 
ATOM 763  C CE2 . PHE A 1 100 ? -0.409  1.638   -1.799  1.00 20.08  ? 100 PHE A CE2 1 
ATOM 764  C CZ  . PHE A 1 100 ? 0.290   0.626   -1.267  1.00 20.49  ? 100 PHE A CZ  1 
ATOM 765  N N   . GLY A 1 101 ? 1.038   -0.395  -8.002  1.00 25.39  ? 101 GLY A N   1 
ATOM 766  C CA  . GLY A 1 101 ? 0.828   -1.017  -9.300  1.00 33.08  ? 101 GLY A CA  1 
ATOM 767  C C   . GLY A 1 101 ? -0.484  -1.772  -9.209  1.00 40.17  ? 101 GLY A C   1 
ATOM 768  O O   . GLY A 1 101 ? -0.917  -2.092  -8.102  1.00 37.20  ? 101 GLY A O   1 
ATOM 769  N N   . GLY A 1 102 ? -1.079  -2.108  -10.357 1.00 51.33  ? 102 GLY A N   1 
ATOM 770  C CA  . GLY A 1 102 ? -2.391  -2.760  -10.362 1.00 61.70  ? 102 GLY A CA  1 
ATOM 771  C C   . GLY A 1 102 ? -2.435  -4.175  -9.784  1.00 60.35  ? 102 GLY A C   1 
ATOM 772  O O   . GLY A 1 102 ? -3.520  -4.678  -9.485  1.00 67.25  ? 102 GLY A O   1 
ATOM 773  N N   . GLY A 1 103 ? -1.279  -4.813  -9.621  1.00 50.74  ? 103 GLY A N   1 
ATOM 774  C CA  . GLY A 1 103 ? -1.270  -6.143  -9.015  1.00 48.43  ? 103 GLY A CA  1 
ATOM 775  C C   . GLY A 1 103 ? -1.056  -7.285  -10.015 1.00 52.57  ? 103 GLY A C   1 
ATOM 776  O O   . GLY A 1 103 ? -1.509  -7.210  -11.160 1.00 62.77  ? 103 GLY A O   1 
ATOM 777  N N   . THR A 1 104 ? -0.390  -8.343  -9.522  1.00 44.37  ? 104 THR A N   1 
ATOM 778  C CA  . THR A 1 104 ? -0.097  -9.543  -10.311 1.00 45.70  ? 104 THR A CA  1 
ATOM 779  C C   . THR A 1 104 ? -0.488  -10.733 -9.423  1.00 44.49  ? 104 THR A C   1 
ATOM 780  O O   . THR A 1 104 ? 0.144   -10.972 -8.389  1.00 36.02  ? 104 THR A O   1 
ATOM 781  C CB  . THR A 1 104 ? 1.422   -9.656  -10.597 1.00 38.24  ? 104 THR A CB  1 
ATOM 782  O OG1 . THR A 1 104 ? 1.943   -8.562  -11.358 1.00 39.21  ? 104 THR A OG1 1 
ATOM 783  C CG2 . THR A 1 104 ? 1.758   -10.981 -11.284 1.00 40.84  ? 104 THR A CG2 1 
ATOM 784  N N   . LYS A 1 105 ? -1.526  -11.476 -9.789  1.00 54.21  ? 105 LYS A N   1 
ATOM 785  C CA  . LYS A 1 105 ? -1.922  -12.623 -8.973  1.00 52.93  ? 105 LYS A CA  1 
ATOM 786  C C   . LYS A 1 105 ? -1.095  -13.856 -9.313  1.00 47.87  ? 105 LYS A C   1 
ATOM 787  O O   . LYS A 1 105 ? -1.082  -14.317 -10.457 1.00 52.70  ? 105 LYS A O   1 
ATOM 788  C CB  . LYS A 1 105 ? -3.412  -12.898 -9.192  1.00 63.94  ? 105 LYS A CB  1 
ATOM 789  C CG  . LYS A 1 105 ? -3.956  -14.182 -8.566  1.00 62.16  ? 105 LYS A CG  1 
ATOM 790  C CD  . LYS A 1 105 ? -5.413  -14.400 -8.973  1.00 70.53  ? 105 LYS A CD  1 
ATOM 791  C CE  . LYS A 1 105 ? -6.079  -15.619 -8.322  1.00 66.29  ? 105 LYS A CE  1 
ATOM 792  N NZ  . LYS A 1 105 ? -5.392  -16.907 -8.539  1.00 60.01  ? 105 LYS A NZ  1 
ATOM 793  N N   . LEU A 1 106 ? -0.423  -14.389 -8.299  1.00 39.26  ? 106 LEU A N   1 
ATOM 794  C CA  . LEU A 1 106 ? 0.375   -15.595 -8.483  1.00 37.45  ? 106 LEU A CA  1 
ATOM 795  C C   . LEU A 1 106 ? -0.457  -16.782 -8.039  1.00 40.92  ? 106 LEU A C   1 
ATOM 796  O O   . LEU A 1 106 ? -0.889  -16.857 -6.886  1.00 39.82  ? 106 LEU A O   1 
ATOM 797  C CB  . LEU A 1 106 ? 1.634   -15.455 -7.621  1.00 32.61  ? 106 LEU A CB  1 
ATOM 798  C CG  . LEU A 1 106 ? 2.515   -16.675 -7.350  1.00 32.84  ? 106 LEU A CG  1 
ATOM 799  C CD1 . LEU A 1 106 ? 2.472   -17.706 -8.470  1.00 36.80  ? 106 LEU A CD1 1 
ATOM 800  C CD2 . LEU A 1 106 ? 3.948   -16.176 -7.202  1.00 32.91  ? 106 LEU A CD2 1 
ATOM 801  N N   . ASP A 1 107 ? -0.651  -17.717 -8.958  1.00 44.62  ? 107 ASP A N   1 
ATOM 802  C CA  . ASP A 1 107 ? -1.400  -18.916 -8.624  1.00 45.25  ? 107 ASP A CA  1 
ATOM 803  C C   . ASP A 1 107 ? -0.482  -20.121 -8.776  1.00 42.87  ? 107 ASP A C   1 
ATOM 804  O O   . ASP A 1 107 ? 0.321   -20.207 -9.710  1.00 46.79  ? 107 ASP A O   1 
ATOM 805  C CB  . ASP A 1 107 ? -2.660  -19.070 -9.491  1.00 50.21  ? 107 ASP A CB  1 
ATOM 806  C CG  . ASP A 1 107 ? -2.385  -19.288 -10.972 1.00 56.36  ? 107 ASP A CG  1 
ATOM 807  O OD1 . ASP A 1 107 ? -1.230  -19.191 -11.375 1.00 57.38  ? 107 ASP A OD1 1 
ATOM 808  O OD2 . ASP A 1 107 ? -3.314  -19.535 -11.760 1.00 59.49  ? 107 ASP A OD2 1 
ATOM 809  N N   . THR A 1 108 ? -0.607  -21.045 -7.838  1.00 39.10  ? 108 THR A N   1 
ATOM 810  C CA  . THR A 1 108 ? 0.223   -22.249 -7.847  1.00 39.55  ? 108 THR A CA  1 
ATOM 811  C C   . THR A 1 108 ? -0.357  -23.283 -8.817  1.00 40.69  ? 108 THR A C   1 
ATOM 812  O O   . THR A 1 108 ? -1.509  -23.698 -8.691  1.00 37.08  ? 108 THR A O   1 
ATOM 813  C CB  . THR A 1 108 ? 0.364   -22.795 -6.402  1.00 36.49  ? 108 THR A CB  1 
ATOM 814  O OG1 . THR A 1 108 ? 0.864   -21.789 -5.503  1.00 37.64  ? 108 THR A OG1 1 
ATOM 815  C CG2 . THR A 1 108 ? 1.187   -24.084 -6.326  1.00 38.39  ? 108 THR A CG2 1 
ATOM 816  N N   . LYS A 1 109 ? 0.451   -23.688 -9.787  1.00 45.76  ? 109 LYS A N   1 
ATOM 817  C CA  . LYS A 1 109 ? 0.060   -24.715 -10.737 1.00 49.99  ? 109 LYS A CA  1 
ATOM 818  C C   . LYS A 1 109 ? 0.217   -26.034 -10.007 1.00 47.24  ? 109 LYS A C   1 
ATOM 819  O O   . LYS A 1 109 ? 1.271   -26.302 -9.422  1.00 50.30  ? 109 LYS A O   1 
ATOM 820  C CB  . LYS A 1 109 ? 1.027   -24.634 -11.926 1.00 61.03  ? 109 LYS A CB  1 
ATOM 821  C CG  . LYS A 1 109 ? 0.493   -25.201 -13.239 1.00 68.15  ? 109 LYS A CG  1 
ATOM 822  C CD  . LYS A 1 109 ? 0.961   -24.329 -14.402 1.00 78.90  ? 109 LYS A CD  1 
ATOM 823  C CE  . LYS A 1 109 ? 2.476   -24.134 -14.431 1.00 85.48  ? 109 LYS A CE  1 
ATOM 824  N NZ  . LYS A 1 109 ? 3.182   -25.402 -14.636 1.00 89.70  ? 109 LYS A NZ  1 
ATOM 825  N N   . ARG A 1 110 ? -0.843  -26.831 -10.018 1.00 44.22  ? 110 ARG A N   1 
ATOM 826  C CA  . ARG A 1 110 ? -0.843  -28.076 -9.256  1.00 43.59  ? 110 ARG A CA  1 
ATOM 827  C C   . ARG A 1 110 ? -1.343  -29.192 -10.171 1.00 48.79  ? 110 ARG A C   1 
ATOM 828  O O   . ARG A 1 110 ? -1.652  -28.926 -11.334 1.00 51.23  ? 110 ARG A O   1 
ATOM 829  C CB  . ARG A 1 110 ? -1.793  -27.828 -8.085  1.00 33.91  ? 110 ARG A CB  1 
ATOM 830  C CG  . ARG A 1 110 ? -2.166  -29.036 -7.234  1.00 38.26  ? 110 ARG A CG  1 
ATOM 831  C CD  . ARG A 1 110 ? -3.539  -28.853 -6.604  1.00 33.36  ? 110 ARG A CD  1 
ATOM 832  N NE  . ARG A 1 110 ? -4.319  -30.081 -6.745  1.00 37.60  ? 110 ARG A NE  1 
ATOM 833  C CZ  . ARG A 1 110 ? -4.367  -30.988 -5.782  1.00 46.05  ? 110 ARG A CZ  1 
ATOM 834  N NH1 . ARG A 1 110 ? -3.734  -30.828 -4.651  1.00 47.26  ? 110 ARG A NH1 1 
ATOM 835  N NH2 . ARG A 1 110 ? -5.074  -32.072 -5.955  1.00 53.56  ? 110 ARG A NH2 1 
ATOM 836  N N   . ALA A 1 111 ? -1.355  -30.429 -9.688  1.00 54.67  ? 111 ALA A N   1 
ATOM 837  C CA  . ALA A 1 111 ? -1.908  -31.488 -10.505 1.00 61.19  ? 111 ALA A CA  1 
ATOM 838  C C   . ALA A 1 111 ? -3.427  -31.447 -10.516 1.00 55.63  ? 111 ALA A C   1 
ATOM 839  O O   . ALA A 1 111 ? -4.016  -31.063 -9.489  1.00 48.79  ? 111 ALA A O   1 
ATOM 840  C CB  . ALA A 1 111 ? -1.254  -32.814 -10.127 1.00 70.88  ? 111 ALA A CB  1 
ATOM 841  O OXT . ALA A 1 111 ? -4.035  -31.734 -11.566 1.00 58.68  ? 111 ALA A OXT 1 
ATOM 842  N N   . SER B 2 1   ? -11.054 1.622   12.847  1.00 53.09  ? 112 SER B N   1 
ATOM 843  C CA  . SER B 2 1   ? -12.489 1.647   13.122  1.00 57.02  ? 112 SER B CA  1 
ATOM 844  C C   . SER B 2 1   ? -13.156 2.936   12.617  1.00 53.26  ? 112 SER B C   1 
ATOM 845  O O   . SER B 2 1   ? -12.531 3.800   12.003  1.00 46.25  ? 112 SER B O   1 
ATOM 846  C CB  . SER B 2 1   ? -12.705 1.550   14.636  1.00 66.36  ? 112 SER B CB  1 
ATOM 847  O OG  . SER B 2 1   ? -12.067 2.620   15.338  1.00 65.85  ? 112 SER B OG  1 
ATOM 848  N N   . GLY B 2 2   ? -14.464 3.048   12.879  1.00 58.63  ? 113 GLY B N   1 
ATOM 849  C CA  . GLY B 2 2   ? -15.285 4.083   12.224  1.00 57.02  ? 113 GLY B CA  1 
ATOM 850  C C   . GLY B 2 2   ? -15.954 3.707   10.894  1.00 51.24  ? 113 GLY B C   1 
ATOM 851  O O   . GLY B 2 2   ? -16.592 4.559   10.246  1.00 50.63  ? 113 GLY B O   1 
ATOM 852  N N   . PRO B 2 3   ? -15.881 2.444   10.433  1.00 47.29  ? 114 PRO B N   1 
ATOM 853  C CA  . PRO B 2 3   ? -16.450 2.161   9.151   1.00 39.70  ? 114 PRO B CA  1 
ATOM 854  C C   . PRO B 2 3   ? -17.904 1.883   9.142   1.00 40.80  ? 114 PRO B C   1 
ATOM 855  O O   . PRO B 2 3   ? -18.535 2.424   10.044  1.00 47.82  ? 114 PRO B O   1 
ATOM 856  C CB  . PRO B 2 3   ? -15.611 1.049   8.609   1.00 36.28  ? 114 PRO B CB  1 
ATOM 857  C CG  . PRO B 2 3   ? -15.464 0.247   9.887   1.00 44.03  ? 114 PRO B CG  1 
ATOM 858  C CD  . PRO B 2 3   ? -15.003 1.339   10.824  1.00 48.71  ? 114 PRO B CD  1 
ATOM 859  N N   . GLU B 2 4   ? -18.375 1.173   8.107   1.00 33.80  ? 115 GLU B N   1 
ATOM 860  C CA  . GLU B 2 4   ? -19.786 0.841   7.969   1.00 35.35  ? 115 GLU B CA  1 
ATOM 861  C C   . GLU B 2 4   ? -20.499 1.318   6.743   1.00 29.67  ? 115 GLU B C   1 
ATOM 862  O O   . GLU B 2 4   ? -19.883 1.737   5.769   1.00 28.03  ? 115 GLU B O   1 
ATOM 863  C CB  . GLU B 2 4   ? -20.690 1.114   9.142   1.00 44.53  ? 115 GLU B CB  1 
ATOM 864  C CG  . GLU B 2 4   ? -20.262 0.546   10.482  1.00 52.29  ? 115 GLU B CG  1 
ATOM 865  C CD  . GLU B 2 4   ? -20.241 -0.911  10.654  1.00 55.31  ? 115 GLU B CD  1 
ATOM 866  O OE1 . GLU B 2 4   ? -20.247 -1.701  9.689   1.00 50.39  ? 115 GLU B OE1 1 
ATOM 867  O OE2 . GLU B 2 4   ? -20.264 -1.265  11.843  1.00 64.38  ? 115 GLU B OE2 1 
ATOM 868  N N   . LEU B 2 5   ? -21.819 1.187   6.795   1.00 32.18  ? 116 LEU B N   1 
ATOM 869  C CA  . LEU B 2 5   ? -22.631 1.520   5.634   1.00 31.08  ? 116 LEU B CA  1 
ATOM 870  C C   . LEU B 2 5   ? -22.997 2.996   5.726   1.00 32.01  ? 116 LEU B C   1 
ATOM 871  O O   . LEU B 2 5   ? -23.333 3.469   6.813   1.00 38.57  ? 116 LEU B O   1 
ATOM 872  C CB  . LEU B 2 5   ? -23.845 0.587   5.726   1.00 35.18  ? 116 LEU B CB  1 
ATOM 873  C CG  . LEU B 2 5   ? -24.912 0.571   4.635   1.00 37.85  ? 116 LEU B CG  1 
ATOM 874  C CD1 . LEU B 2 5   ? -24.329 0.933   3.274   1.00 35.35  ? 116 LEU B CD1 1 
ATOM 875  C CD2 . LEU B 2 5   ? -25.542 -0.825  4.619   1.00 41.55  ? 116 LEU B CD2 1 
ATOM 876  N N   . LYS B 2 6   ? -22.903 3.715   4.604   1.00 28.43  ? 117 LYS B N   1 
ATOM 877  C CA  . LYS B 2 6   ? -23.290 5.125   4.585   1.00 32.45  ? 117 LYS B CA  1 
ATOM 878  C C   . LYS B 2 6   ? -23.974 5.438   3.272   1.00 34.61  ? 117 LYS B C   1 
ATOM 879  O O   . LYS B 2 6   ? -23.625 4.891   2.231   1.00 33.97  ? 117 LYS B O   1 
ATOM 880  C CB  . LYS B 2 6   ? -22.077 6.038   4.624   1.00 32.74  ? 117 LYS B CB  1 
ATOM 881  C CG  . LYS B 2 6   ? -22.486 7.460   4.872   1.00 38.45  ? 117 LYS B CG  1 
ATOM 882  C CD  . LYS B 2 6   ? -21.241 8.205   4.659   1.00 36.77  ? 117 LYS B CD  1 
ATOM 883  C CE  . LYS B 2 6   ? -20.962 9.339   5.428   1.00 41.26  ? 117 LYS B CE  1 
ATOM 884  N NZ  . LYS B 2 6   ? -19.794 9.906   4.798   1.00 38.29  ? 117 LYS B NZ  1 
ATOM 885  N N   . LYS B 2 7   ? -24.930 6.338   3.302   1.00 42.03  ? 118 LYS B N   1 
ATOM 886  C CA  . LYS B 2 7   ? -25.628 6.680   2.071   1.00 47.92  ? 118 LYS B CA  1 
ATOM 887  C C   . LYS B 2 7   ? -24.812 7.741   1.355   1.00 48.41  ? 118 LYS B C   1 
ATOM 888  O O   . LYS B 2 7   ? -24.155 8.544   2.010   1.00 45.32  ? 118 LYS B O   1 
ATOM 889  C CB  . LYS B 2 7   ? -27.038 7.182   2.378   1.00 60.29  ? 118 LYS B CB  1 
ATOM 890  C CG  . LYS B 2 7   ? -27.135 8.256   3.442   1.00 64.17  ? 118 LYS B CG  1 
ATOM 891  C CD  . LYS B 2 7   ? -27.056 7.701   4.896   1.00 61.15  ? 118 LYS B CD  1 
ATOM 892  C CE  . LYS B 2 7   ? -25.831 7.875   5.784   1.00 57.30  ? 118 LYS B CE  1 
ATOM 893  N NZ  . LYS B 2 7   ? -25.627 7.895   7.162   1.00 62.72  ? 118 LYS B NZ  1 
ATOM 894  N N   . PRO B 2 8   ? -24.803 7.747   0.028   1.00 52.34  ? 119 PRO B N   1 
ATOM 895  C CA  . PRO B 2 8   ? -24.033 8.700   -0.761  1.00 54.12  ? 119 PRO B CA  1 
ATOM 896  C C   . PRO B 2 8   ? -24.241 10.135  -0.304  1.00 59.52  ? 119 PRO B C   1 
ATOM 897  O O   . PRO B 2 8   ? -25.382 10.585  -0.178  1.00 68.21  ? 119 PRO B O   1 
ATOM 898  C CB  . PRO B 2 8   ? -24.607 8.522   -2.172  1.00 63.34  ? 119 PRO B CB  1 
ATOM 899  C CG  . PRO B 2 8   ? -25.127 7.084   -2.174  1.00 62.87  ? 119 PRO B CG  1 
ATOM 900  C CD  . PRO B 2 8   ? -25.700 6.905   -0.760  1.00 59.24  ? 119 PRO B CD  1 
ATOM 901  N N   . GLY B 2 9   ? -23.113 10.786  0.002   1.00 53.68  ? 120 GLY B N   1 
ATOM 902  C CA  . GLY B 2 9   ? -23.088 12.177  0.425   1.00 60.21  ? 120 GLY B CA  1 
ATOM 903  C C   . GLY B 2 9   ? -22.858 12.227  1.895   1.00 58.04  ? 120 GLY B C   1 
ATOM 904  O O   . GLY B 2 9   ? -22.606 13.302  2.455   1.00 65.08  ? 120 GLY B O   1 
ATOM 905  N N   . GLU B 2 10  ? -22.938 11.084  2.513   1.00 51.57  ? 121 GLU B N   1 
ATOM 906  C CA  . GLU B 2 10  ? -22.831 11.231  3.913   1.00 53.02  ? 121 GLU B CA  1 
ATOM 907  C C   . GLU B 2 10  ? -21.626 11.968  4.451   1.00 53.56  ? 121 GLU B C   1 
ATOM 908  O O   . GLU B 2 10  ? -20.693 11.986  3.567   1.00 47.77  ? 121 GLU B O   1 
ATOM 909  C CB  . GLU B 2 10  ? -23.469 10.131  4.629   1.00 49.79  ? 121 GLU B CB  1 
ATOM 910  C CG  . GLU B 2 10  ? -24.825 9.797   4.324   1.00 55.44  ? 121 GLU B CG  1 
ATOM 911  C CD  . GLU B 2 10  ? -25.764 10.724  5.051   1.00 69.62  ? 121 GLU B CD  1 
ATOM 912  O OE1 . GLU B 2 10  ? -25.323 11.820  5.368   1.00 75.33  ? 121 GLU B OE1 1 
ATOM 913  O OE2 . GLU B 2 10  ? -26.969 10.457  5.220   1.00 75.89  ? 121 GLU B OE2 1 
ATOM 914  N N   . THR B 2 11  ? -21.450 12.035  5.898   1.00 59.79  ? 122 THR B N   1 
ATOM 915  C CA  . THR B 2 11  ? -20.044 12.089  6.606   1.00 57.91  ? 122 THR B CA  1 
ATOM 916  C C   . THR B 2 11  ? -19.376 10.825  7.438   1.00 53.07  ? 122 THR B C   1 
ATOM 917  O O   . THR B 2 11  ? -20.128 9.921   7.793   1.00 55.06  ? 122 THR B O   1 
ATOM 918  C CB  . THR B 2 11  ? -19.638 13.330  6.942   1.00 65.61  ? 122 THR B CB  1 
ATOM 919  O OG1 . THR B 2 11  ? -20.515 13.252  8.029   1.00 75.29  ? 122 THR B OG1 1 
ATOM 920  C CG2 . THR B 2 11  ? -20.029 14.314  5.854   1.00 70.10  ? 122 THR B CG2 1 
ATOM 921  N N   . VAL B 2 12  ? -18.047 10.598  7.495   1.00 47.14  ? 123 VAL B N   1 
ATOM 922  C CA  . VAL B 2 12  ? -17.587 9.463   8.289   1.00 47.75  ? 123 VAL B CA  1 
ATOM 923  C C   . VAL B 2 12  ? -16.188 9.803   8.774   1.00 44.61  ? 123 VAL B C   1 
ATOM 924  O O   . VAL B 2 12  ? -15.445 10.492  8.080   1.00 37.86  ? 123 VAL B O   1 
ATOM 925  C CB  . VAL B 2 12  ? -17.603 8.221   7.414   1.00 42.55  ? 123 VAL B CB  1 
ATOM 926  C CG1 . VAL B 2 12  ? -16.342 8.102   6.631   1.00 37.00  ? 123 VAL B CG1 1 
ATOM 927  C CG2 . VAL B 2 12  ? -17.803 6.916   8.157   1.00 45.03  ? 123 VAL B CG2 1 
ATOM 928  N N   . LYS B 2 13  ? -15.826 9.334   9.960   1.00 46.79  ? 124 LYS B N   1 
ATOM 929  C CA  . LYS B 2 13  ? -14.484 9.588   10.465  1.00 40.72  ? 124 LYS B CA  1 
ATOM 930  C C   . LYS B 2 13  ? -13.895 8.244   10.875  1.00 40.92  ? 124 LYS B C   1 
ATOM 931  O O   . LYS B 2 13  ? -14.467 7.522   11.691  1.00 48.59  ? 124 LYS B O   1 
ATOM 932  C CB  . LYS B 2 13  ? -14.568 10.541  11.660  1.00 46.36  ? 124 LYS B CB  1 
ATOM 933  C CG  . LYS B 2 13  ? -13.233 10.945  12.276  1.00 41.32  ? 124 LYS B CG  1 
ATOM 934  C CD  . LYS B 2 13  ? -13.435 12.136  13.216  1.00 50.71  ? 124 LYS B CD  1 
ATOM 935  C CE  . LYS B 2 13  ? -12.114 12.622  13.814  1.00 45.75  ? 124 LYS B CE  1 
ATOM 936  N NZ  . LYS B 2 13  ? -12.294 13.638  14.860  1.00 59.28  ? 124 LYS B NZ  1 
ATOM 937  N N   . ILE B 2 14  ? -12.769 7.910   10.246  1.00 33.49  ? 125 ILE B N   1 
ATOM 938  C CA  . ILE B 2 14  ? -12.123 6.611   10.326  1.00 33.14  ? 125 ILE B CA  1 
ATOM 939  C C   . ILE B 2 14  ? -11.049 6.899   11.474  1.00 30.53  ? 125 ILE B C   1 
ATOM 940  O O   . ILE B 2 14  ? -10.555 8.026   11.634  1.00 26.35  ? 125 ILE B O   1 
ATOM 941  C CB  . ILE B 2 14  ? -11.977 6.339   8.729   1.00 29.24  ? 125 ILE B CB  1 
ATOM 942  C CG1 . ILE B 2 14  ? -13.387 5.877   8.263   1.00 33.74  ? 125 ILE B CG1 1 
ATOM 943  C CG2 . ILE B 2 14  ? -10.978 5.593   7.771   1.00 24.41  ? 125 ILE B CG2 1 
ATOM 944  C CD1 . ILE B 2 14  ? -13.863 5.950   6.801   1.00 31.04  ? 125 ILE B CD1 1 
ATOM 945  N N   . SER B 2 15  ? -10.671 5.924   12.319  1.00 34.36  ? 126 SER B N   1 
ATOM 946  C CA  . SER B 2 15  ? -9.581  6.188   13.259  1.00 32.73  ? 126 SER B CA  1 
ATOM 947  C C   . SER B 2 15  ? -8.521  5.142   13.010  1.00 31.07  ? 126 SER B C   1 
ATOM 948  O O   . SER B 2 15  ? -8.761  4.208   12.236  1.00 32.30  ? 126 SER B O   1 
ATOM 949  C CB  . SER B 2 15  ? -10.083 6.112   14.701  1.00 41.66  ? 126 SER B CB  1 
ATOM 950  O OG  . SER B 2 15  ? -11.018 7.159   14.966  1.00 44.67  ? 126 SER B OG  1 
ATOM 951  N N   . CYS B 2 16  ? -7.401  5.287   13.712  1.00 31.37  ? 127 CYS B N   1 
ATOM 952  C CA  . CYS B 2 16  ? -6.281  4.372   13.544  1.00 32.09  ? 127 CYS B CA  1 
ATOM 953  C C   . CYS B 2 16  ? -5.434  4.483   14.819  1.00 36.47  ? 127 CYS B C   1 
ATOM 954  O O   . CYS B 2 16  ? -4.794  5.511   15.055  1.00 34.81  ? 127 CYS B O   1 
ATOM 955  C CB  . CYS B 2 16  ? -5.533  4.798   12.273  1.00 24.28  ? 127 CYS B CB  1 
ATOM 956  S SG  . CYS B 2 16  ? -4.124  3.754   11.914  1.00 25.76  ? 127 CYS B SG  1 
ATOM 957  N N   . LYS B 2 17  ? -5.484  3.433   15.646  1.00 46.90  ? 128 LYS B N   1 
ATOM 958  C CA  . LYS B 2 17  ? -4.746  3.422   16.911  1.00 54.10  ? 128 LYS B CA  1 
ATOM 959  C C   . LYS B 2 17  ? -3.376  2.753   16.783  1.00 56.76  ? 128 LYS B C   1 
ATOM 960  O O   . LYS B 2 17  ? -3.255  1.579   16.425  1.00 61.70  ? 128 LYS B O   1 
ATOM 961  C CB  . LYS B 2 17  ? -5.639  2.869   18.029  1.00 64.36  ? 128 LYS B CB  1 
ATOM 962  C CG  . LYS B 2 17  ? -6.819  3.806   18.299  1.00 62.50  ? 128 LYS B CG  1 
ATOM 963  C CD  . LYS B 2 17  ? -7.531  3.447   19.601  1.00 74.34  ? 128 LYS B CD  1 
ATOM 964  C CE  . LYS B 2 17  ? -8.825  4.234   19.801  1.00 75.84  ? 128 LYS B CE  1 
ATOM 965  N NZ  . LYS B 2 17  ? -9.477  3.842   21.056  1.00 86.89  ? 128 LYS B NZ  1 
ATOM 966  N N   . ALA B 2 18  ? -2.334  3.532   17.054  1.00 53.59  ? 129 ALA B N   1 
ATOM 967  C CA  . ALA B 2 18  ? -0.984  3.008   16.907  1.00 55.93  ? 129 ALA B CA  1 
ATOM 968  C C   . ALA B 2 18  ? -0.391  2.609   18.241  1.00 63.41  ? 129 ALA B C   1 
ATOM 969  O O   . ALA B 2 18  ? -0.720  3.206   19.267  1.00 64.11  ? 129 ALA B O   1 
ATOM 970  C CB  . ALA B 2 18  ? -0.118  4.089   16.266  1.00 47.82  ? 129 ALA B CB  1 
ATOM 971  N N   . SER B 2 19  ? 0.484   1.610   18.211  1.00 69.06  ? 130 SER B N   1 
ATOM 972  C CA  . SER B 2 19  ? 1.146   1.185   19.422  1.00 76.05  ? 130 SER B CA  1 
ATOM 973  C C   . SER B 2 19  ? 2.303   0.367   18.951  1.00 79.39  ? 130 SER B C   1 
ATOM 974  O O   . SER B 2 19  ? 2.285   -0.260  17.882  1.00 81.77  ? 130 SER B O   1 
ATOM 975  C CB  . SER B 2 19  ? 0.272   0.329   20.349  1.00 85.23  ? 130 SER B CB  1 
ATOM 976  O OG  . SER B 2 19  ? 0.894   -0.013  21.598  1.00 90.03  ? 130 SER B OG  1 
ATOM 977  N N   . GLY B 2 20  ? 3.186   0.515   19.926  1.00 82.52  ? 131 GLY B N   1 
ATOM 978  C CA  . GLY B 2 20  ? 4.379   -0.285  20.131  1.00 88.96  ? 131 GLY B CA  1 
ATOM 979  C C   . GLY B 2 20  ? 5.405   0.808   20.358  1.00 86.07  ? 131 GLY B C   1 
ATOM 980  O O   . GLY B 2 20  ? 6.566   0.558   20.673  1.00 92.46  ? 131 GLY B O   1 
ATOM 981  N N   . TYR B 2 21  ? 4.994   2.032   20.072  1.00 77.53  ? 132 TYR B N   1 
ATOM 982  C CA  . TYR B 2 21  ? 5.985   2.997   19.597  1.00 76.26  ? 132 TYR B CA  1 
ATOM 983  C C   . TYR B 2 21  ? 5.420   4.405   19.739  1.00 67.84  ? 132 TYR B C   1 
ATOM 984  O O   . TYR B 2 21  ? 4.242   4.563   20.051  1.00 63.72  ? 132 TYR B O   1 
ATOM 985  C CB  . TYR B 2 21  ? 6.337   2.676   18.134  1.00 75.50  ? 132 TYR B CB  1 
ATOM 986  C CG  . TYR B 2 21  ? 5.384   3.278   17.116  1.00 64.59  ? 132 TYR B CG  1 
ATOM 987  C CD1 . TYR B 2 21  ? 4.133   2.826   16.947  1.00 62.81  ? 132 TYR B CD1 1 
ATOM 988  C CD2 . TYR B 2 21  ? 5.825   4.303   16.371  1.00 58.34  ? 132 TYR B CD2 1 
ATOM 989  C CE1 . TYR B 2 21  ? 3.316   3.425   16.070  1.00 53.99  ? 132 TYR B CE1 1 
ATOM 990  C CE2 . TYR B 2 21  ? 5.006   4.912   15.510  1.00 49.77  ? 132 TYR B CE2 1 
ATOM 991  C CZ  . TYR B 2 21  ? 3.744   4.485   15.370  1.00 47.55  ? 132 TYR B CZ  1 
ATOM 992  O OH  . TYR B 2 21  ? 2.942   5.059   14.417  1.00 40.23  ? 132 TYR B OH  1 
ATOM 993  N N   . THR B 2 22  ? 6.236   5.424   19.504  1.00 67.72  ? 133 THR B N   1 
ATOM 994  C CA  . THR B 2 22  ? 5.754   6.792   19.658  1.00 61.67  ? 133 THR B CA  1 
ATOM 995  C C   . THR B 2 22  ? 5.262   7.330   18.327  1.00 51.10  ? 133 THR B C   1 
ATOM 996  O O   . THR B 2 22  ? 5.999   7.420   17.346  1.00 50.12  ? 133 THR B O   1 
ATOM 997  C CB  . THR B 2 22  ? 6.872   7.679   20.202  1.00 69.45  ? 133 THR B CB  1 
ATOM 998  O OG1 . THR B 2 22  ? 7.378   7.205   21.444  1.00 79.03  ? 133 THR B OG1 1 
ATOM 999  C CG2 . THR B 2 22  ? 6.515   9.166   20.252  1.00 67.05  ? 133 THR B CG2 1 
ATOM 1000 N N   . PHE B 2 23  ? 4.007   7.743   18.367  1.00 46.99  ? 134 PHE B N   1 
ATOM 1001 C CA  . PHE B 2 23  ? 3.248   8.089   17.166  1.00 40.17  ? 134 PHE B CA  1 
ATOM 1002 C C   . PHE B 2 23  ? 3.766   9.318   16.419  1.00 36.45  ? 134 PHE B C   1 
ATOM 1003 O O   . PHE B 2 23  ? 3.367   9.592   15.291  1.00 30.14  ? 134 PHE B O   1 
ATOM 1004 C CB  . PHE B 2 23  ? 1.838   8.342   17.708  1.00 39.79  ? 134 PHE B CB  1 
ATOM 1005 C CG  . PHE B 2 23  ? 0.803   8.631   16.656  1.00 36.99  ? 134 PHE B CG  1 
ATOM 1006 C CD1 . PHE B 2 23  ? 0.486   7.698   15.753  1.00 35.96  ? 134 PHE B CD1 1 
ATOM 1007 C CD2 . PHE B 2 23  ? 0.209   9.830   16.632  1.00 36.17  ? 134 PHE B CD2 1 
ATOM 1008 C CE1 . PHE B 2 23  ? -0.413  7.973   14.808  1.00 32.97  ? 134 PHE B CE1 1 
ATOM 1009 C CE2 . PHE B 2 23  ? -0.682  10.109  15.680  1.00 33.41  ? 134 PHE B CE2 1 
ATOM 1010 C CZ  . PHE B 2 23  ? -0.982  9.181   14.766  1.00 31.29  ? 134 PHE B CZ  1 
ATOM 1011 N N   . THR B 2 24  ? 4.642   10.098  17.012  1.00 39.97  ? 135 THR B N   1 
ATOM 1012 C CA  . THR B 2 24  ? 4.980   11.355  16.359  1.00 37.88  ? 135 THR B CA  1 
ATOM 1013 C C   . THR B 2 24  ? 6.320   11.284  15.651  1.00 41.63  ? 135 THR B C   1 
ATOM 1014 O O   . THR B 2 24  ? 6.816   12.287  15.141  1.00 49.47  ? 135 THR B O   1 
ATOM 1015 C CB  . THR B 2 24  ? 4.908   12.521  17.350  1.00 45.76  ? 135 THR B CB  1 
ATOM 1016 O OG1 . THR B 2 24  ? 4.977   13.797  16.716  1.00 45.77  ? 135 THR B OG1 1 
ATOM 1017 C CG2 . THR B 2 24  ? 5.863   12.395  18.536  1.00 57.51  ? 135 THR B CG2 1 
ATOM 1018 N N   . ASN B 2 25  ? 6.953   10.127  15.602  1.00 42.14  ? 136 ASN B N   1 
ATOM 1019 C CA  . ASN B 2 25  ? 8.301   10.125  15.044  1.00 62.30  ? 136 ASN B CA  1 
ATOM 1020 C C   . ASN B 2 25  ? 8.283   9.508   13.656  1.00 65.95  ? 136 ASN B C   1 
ATOM 1021 O O   . ASN B 2 25  ? 9.307   9.466   12.976  1.00 88.27  ? 136 ASN B O   1 
ATOM 1022 C CB  . ASN B 2 25  ? 9.296   9.368   15.933  1.00 70.88  ? 136 ASN B CB  1 
ATOM 1023 C CG  . ASN B 2 25  ? 9.578   10.057  17.262  1.00 76.01  ? 136 ASN B CG  1 
ATOM 1024 O OD1 . ASN B 2 25  ? 9.697   11.279  17.351  1.00 82.13  ? 136 ASN B OD1 1 
ATOM 1025 N ND2 . ASN B 2 25  ? 9.717   9.270   18.311  1.00 84.25  ? 136 ASN B ND2 1 
ATOM 1026 N N   . TYR B 2 26  ? 7.148   8.991   13.230  1.00 38.68  ? 137 TYR B N   1 
ATOM 1027 C CA  . TYR B 2 26  ? 7.101   8.392   11.893  1.00 28.16  ? 137 TYR B CA  1 
ATOM 1028 C C   . TYR B 2 26  ? 5.789   8.870   11.282  1.00 38.09  ? 137 TYR B C   1 
ATOM 1029 O O   . TYR B 2 26  ? 4.907   9.312   12.017  1.00 37.92  ? 137 TYR B O   1 
ATOM 1030 C CB  . TYR B 2 26  ? 7.154   6.858   11.987  1.00 30.83  ? 137 TYR B CB  1 
ATOM 1031 C CG  . TYR B 2 26  ? 8.562   6.288   12.087  1.00 46.59  ? 137 TYR B CG  1 
ATOM 1032 C CD1 . TYR B 2 26  ? 9.416   6.439   11.063  1.00 38.31  ? 137 TYR B CD1 1 
ATOM 1033 C CD2 . TYR B 2 26  ? 8.949   5.598   13.172  1.00 64.66  ? 137 TYR B CD2 1 
ATOM 1034 C CE1 . TYR B 2 26  ? 10.652  5.925   11.128  1.00 52.92  ? 137 TYR B CE1 1 
ATOM 1035 C CE2 . TYR B 2 26  ? 10.188  5.088   13.239  1.00 72.43  ? 137 TYR B CE2 1 
ATOM 1036 C CZ  . TYR B 2 26  ? 11.045  5.255   12.220  1.00 70.42  ? 137 TYR B CZ  1 
ATOM 1037 O OH  . TYR B 2 26  ? 12.320  4.752   12.310  1.00 90.79  ? 137 TYR B OH  1 
ATOM 1038 N N   . GLY B 2 27  ? 5.665   8.828   9.960   1.00 57.69  ? 138 GLY B N   1 
ATOM 1039 C CA  . GLY B 2 27  ? 4.473   9.391   9.305   1.00 77.86  ? 138 GLY B CA  1 
ATOM 1040 C C   . GLY B 2 27  ? 3.421   8.310   9.053   1.00 39.56  ? 138 GLY B C   1 
ATOM 1041 O O   . GLY B 2 27  ? 3.571   7.201   9.564   1.00 19.43  ? 138 GLY B O   1 
ATOM 1042 N N   . MET B 2 28  ? 2.359   8.607   8.297   1.00 25.95  ? 139 MET B N   1 
ATOM 1043 C CA  . MET B 2 28  ? 1.238   7.659   8.184   1.00 15.59  ? 139 MET B CA  1 
ATOM 1044 C C   . MET B 2 28  ? 0.405   7.923   6.942   1.00 10.97  ? 139 MET B C   1 
ATOM 1045 O O   . MET B 2 28  ? 0.404   9.024   6.390   1.00 9.46   ? 139 MET B O   1 
ATOM 1046 C CB  . MET B 2 28  ? 0.241   7.885   9.308   1.00 20.65  ? 139 MET B CB  1 
ATOM 1047 C CG  . MET B 2 28  ? 0.642   7.302   10.650  1.00 20.91  ? 139 MET B CG  1 
ATOM 1048 S SD  . MET B 2 28  ? -0.724  7.632   11.744  1.00 23.42  ? 139 MET B SD  1 
ATOM 1049 C CE  . MET B 2 28  ? -0.761  9.419   11.513  1.00 25.87  ? 139 MET B CE  1 
ATOM 1050 N N   . ASN B 2 29  ? -0.277  6.887   6.476   1.00 11.84  ? 140 ASN B N   1 
ATOM 1051 C CA  . ASN B 2 29  ? -0.844  6.976   5.131   1.00 10.55  ? 140 ASN B CA  1 
ATOM 1052 C C   . ASN B 2 29  ? -2.136  6.238   5.220   1.00 9.85   ? 140 ASN B C   1 
ATOM 1053 O O   . ASN B 2 29  ? -2.202  5.165   5.822   1.00 11.56  ? 140 ASN B O   1 
ATOM 1054 C CB  . ASN B 2 29  ? -0.106  6.166   4.058   1.00 13.23  ? 140 ASN B CB  1 
ATOM 1055 C CG  . ASN B 2 29  ? 1.347   6.535   3.954   1.00 14.23  ? 140 ASN B CG  1 
ATOM 1056 O OD1 . ASN B 2 29  ? 1.836   7.063   2.959   1.00 14.53  ? 140 ASN B OD1 1 
ATOM 1057 N ND2 . ASN B 2 29  ? 2.064   6.162   4.980   1.00 14.55  ? 140 ASN B ND2 1 
ATOM 1058 N N   . TRP B 2 30  ? -3.124  6.811   4.571   1.00 8.39   ? 141 TRP B N   1 
ATOM 1059 C CA  . TRP B 2 30  ? -4.399  6.129   4.432   1.00 9.90   ? 141 TRP B CA  1 
ATOM 1060 C C   . TRP B 2 30  ? -4.443  5.546   3.038   1.00 11.78  ? 141 TRP B C   1 
ATOM 1061 O O   . TRP B 2 30  ? -4.219  6.272   2.069   1.00 11.64  ? 141 TRP B O   1 
ATOM 1062 C CB  . TRP B 2 30  ? -5.526  7.141   4.622   1.00 9.00   ? 141 TRP B CB  1 
ATOM 1063 C CG  . TRP B 2 30  ? -5.796  7.390   6.095   1.00 8.68   ? 141 TRP B CG  1 
ATOM 1064 C CD1 . TRP B 2 30  ? -5.582  8.616   6.721   1.00 8.83   ? 141 TRP B CD1 1 
ATOM 1065 C CD2 . TRP B 2 30  ? -6.311  6.531   7.085   1.00 9.89   ? 141 TRP B CD2 1 
ATOM 1066 N NE1 . TRP B 2 30  ? -5.934  8.515   8.081   1.00 10.32  ? 141 TRP B NE1 1 
ATOM 1067 C CE2 . TRP B 2 30  ? -6.383  7.216   8.253   1.00 10.62  ? 141 TRP B CE2 1 
ATOM 1068 C CE3 . TRP B 2 30  ? -6.707  5.240   7.030   1.00 11.98  ? 141 TRP B CE3 1 
ATOM 1069 C CZ2 . TRP B 2 30  ? -6.843  6.646   9.390   1.00 13.20  ? 141 TRP B CZ2 1 
ATOM 1070 C CZ3 . TRP B 2 30  ? -7.165  4.664   8.171   1.00 14.42  ? 141 TRP B CZ3 1 
ATOM 1071 C CH2 . TRP B 2 30  ? -7.234  5.356   9.333   1.00 14.91  ? 141 TRP B CH2 1 
ATOM 1072 N N   . VAL B 2 31  ? -4.599  4.229   2.951   1.00 14.06  ? 142 VAL B N   1 
ATOM 1073 C CA  . VAL B 2 31  ? -4.618  3.557   1.654   1.00 16.62  ? 142 VAL B CA  1 
ATOM 1074 C C   . VAL B 2 31  ? -5.853  2.678   1.600   1.00 18.15  ? 142 VAL B C   1 
ATOM 1075 O O   . VAL B 2 31  ? -6.140  1.958   2.553   1.00 18.32  ? 142 VAL B O   1 
ATOM 1076 C CB  . VAL B 2 31  ? -3.420  2.621   1.523   1.00 19.53  ? 142 VAL B CB  1 
ATOM 1077 C CG1 . VAL B 2 31  ? -3.564  1.763   0.266   1.00 21.89  ? 142 VAL B CG1 1 
ATOM 1078 C CG2 . VAL B 2 31  ? -2.120  3.409   1.466   1.00 18.93  ? 142 VAL B CG2 1 
ATOM 1079 N N   . LYS B 2 32  ? -6.595  2.699   0.506   1.00 19.07  ? 143 LYS B N   1 
ATOM 1080 C CA  . LYS B 2 32  ? -7.752  1.812   0.458   1.00 20.71  ? 143 LYS B CA  1 
ATOM 1081 C C   . LYS B 2 32  ? -7.641  0.695   -0.574  1.00 23.97  ? 143 LYS B C   1 
ATOM 1082 O O   . LYS B 2 32  ? -6.801  0.739   -1.472  1.00 25.05  ? 143 LYS B O   1 
ATOM 1083 C CB  . LYS B 2 32  ? -9.015  2.636   0.268   1.00 21.43  ? 143 LYS B CB  1 
ATOM 1084 C CG  . LYS B 2 32  ? -9.048  3.343   -1.074  1.00 25.78  ? 143 LYS B CG  1 
ATOM 1085 C CD  . LYS B 2 32  ? -10.256 4.241   -1.153  1.00 28.29  ? 143 LYS B CD  1 
ATOM 1086 C CE  . LYS B 2 32  ? -10.296 4.863   -2.507  1.00 35.87  ? 143 LYS B CE  1 
ATOM 1087 N NZ  . LYS B 2 32  ? -11.487 5.506   -2.394  1.00 36.64  ? 143 LYS B NZ  1 
ATOM 1088 N N   . GLN B 2 33  ? -8.490  -0.323  -0.417  1.00 24.79  ? 144 GLN B N   1 
ATOM 1089 C CA  . GLN B 2 33  ? -8.526  -1.425  -1.371  1.00 30.61  ? 144 GLN B CA  1 
ATOM 1090 C C   . GLN B 2 33  ? -9.982  -1.675  -1.711  1.00 35.45  ? 144 GLN B C   1 
ATOM 1091 O O   . GLN B 2 33  ? -10.808 -1.986  -0.846  1.00 36.81  ? 144 GLN B O   1 
ATOM 1092 C CB  . GLN B 2 33  ? -7.872  -2.689  -0.805  1.00 34.68  ? 144 GLN B CB  1 
ATOM 1093 C CG  . GLN B 2 33  ? -7.738  -3.783  -1.862  1.00 41.13  ? 144 GLN B CG  1 
ATOM 1094 C CD  . GLN B 2 33  ? -6.969  -4.952  -1.352  1.00 44.00  ? 144 GLN B CD  1 
ATOM 1095 O OE1 . GLN B 2 33  ? -7.027  -5.289  -0.176  1.00 45.17  ? 144 GLN B OE1 1 
ATOM 1096 N NE2 . GLN B 2 33  ? -6.279  -5.574  -2.250  1.00 46.27  ? 144 GLN B NE2 1 
ATOM 1097 N N   . ALA B 2 34  ? -10.286 -1.504  -2.985  1.00 40.03  ? 145 ALA B N   1 
ATOM 1098 C CA  . ALA B 2 34  ? -11.661 -1.645  -3.408  1.00 46.47  ? 145 ALA B CA  1 
ATOM 1099 C C   . ALA B 2 34  ? -12.044 -3.079  -3.616  1.00 56.91  ? 145 ALA B C   1 
ATOM 1100 O O   . ALA B 2 34  ? -11.157 -3.918  -3.677  1.00 57.85  ? 145 ALA B O   1 
ATOM 1101 C CB  . ALA B 2 34  ? -11.952 -0.706  -4.568  1.00 54.27  ? 145 ALA B CB  1 
ATOM 1102 N N   . PRO B 2 35  ? -13.334 -3.391  -3.696  1.00 64.15  ? 146 PRO B N   1 
ATOM 1103 C CA  . PRO B 2 35  ? -13.786 -4.773  -3.773  1.00 73.17  ? 146 PRO B CA  1 
ATOM 1104 C C   . PRO B 2 35  ? -13.204 -5.537  -4.939  1.00 79.96  ? 146 PRO B C   1 
ATOM 1105 O O   . PRO B 2 35  ? -13.016 -6.751  -4.859  1.00 83.60  ? 146 PRO B O   1 
ATOM 1106 C CB  . PRO B 2 35  ? -15.309 -4.676  -3.858  1.00 77.10  ? 146 PRO B CB  1 
ATOM 1107 C CG  . PRO B 2 35  ? -15.644 -3.181  -3.884  1.00 71.04  ? 146 PRO B CG  1 
ATOM 1108 C CD  . PRO B 2 35  ? -14.402 -2.450  -3.358  1.00 61.16  ? 146 PRO B CD  1 
ATOM 1109 N N   . GLY B 2 36  ? -12.828 -4.834  -6.003  1.00 81.59  ? 147 GLY B N   1 
ATOM 1110 C CA  . GLY B 2 36  ? -12.200 -5.525  -7.119  1.00 87.99  ? 147 GLY B CA  1 
ATOM 1111 C C   . GLY B 2 36  ? -10.690 -5.614  -6.888  1.00 81.05  ? 147 GLY B C   1 
ATOM 1112 O O   . GLY B 2 36  ? -9.923  -5.772  -7.838  1.00 84.70  ? 147 GLY B O   1 
ATOM 1113 N N   . GLU B 2 37  ? -10.278 -5.475  -5.629  1.00 71.76  ? 148 GLU B N   1 
ATOM 1114 C CA  . GLU B 2 37  ? -8.899  -5.691  -5.193  1.00 65.48  ? 148 GLU B CA  1 
ATOM 1115 C C   . GLU B 2 37  ? -7.901  -4.592  -5.587  1.00 60.25  ? 148 GLU B C   1 
ATOM 1116 O O   . GLU B 2 37  ? -6.697  -4.744  -5.394  1.00 56.08  ? 148 GLU B O   1 
ATOM 1117 C CB  . GLU B 2 37  ? -8.418  -7.082  -5.615  1.00 71.23  ? 148 GLU B CB  1 
ATOM 1118 C CG  . GLU B 2 37  ? -9.261  -8.261  -5.105  1.00 76.06  ? 148 GLU B CG  1 
ATOM 1119 C CD  . GLU B 2 37  ? -8.615  -9.599  -5.421  1.00 77.27  ? 148 GLU B CD  1 
ATOM 1120 O OE1 . GLU B 2 37  ? -7.530  -9.562  -6.031  1.00 75.66  ? 148 GLU B OE1 1 
ATOM 1121 O OE2 . GLU B 2 37  ? -9.157  -10.677 -5.070  1.00 78.17  ? 148 GLU B OE2 1 
ATOM 1122 N N   . GLY B 2 38  ? -8.355  -3.476  -6.148  1.00 60.70  ? 149 GLY B N   1 
ATOM 1123 C CA  . GLY B 2 38  ? -7.400  -2.445  -6.558  1.00 59.40  ? 149 GLY B CA  1 
ATOM 1124 C C   . GLY B 2 38  ? -6.996  -1.588  -5.360  1.00 48.35  ? 149 GLY B C   1 
ATOM 1125 O O   . GLY B 2 38  ? -7.833  -1.281  -4.510  1.00 43.37  ? 149 GLY B O   1 
ATOM 1126 N N   . LEU B 2 39  ? -5.721  -1.196  -5.288  1.00 44.18  ? 150 LEU B N   1 
ATOM 1127 C CA  . LEU B 2 39  ? -5.259  -0.408  -4.141  1.00 34.86  ? 150 LEU B CA  1 
ATOM 1128 C C   . LEU B 2 39  ? -5.140  1.067   -4.499  1.00 34.47  ? 150 LEU B C   1 
ATOM 1129 O O   . LEU B 2 39  ? -4.601  1.405   -5.556  1.00 39.83  ? 150 LEU B O   1 
ATOM 1130 C CB  . LEU B 2 39  ? -3.874  -0.910  -3.736  1.00 31.87  ? 150 LEU B CB  1 
ATOM 1131 C CG  . LEU B 2 39  ? -3.918  -2.185  -2.909  1.00 31.69  ? 150 LEU B CG  1 
ATOM 1132 C CD1 . LEU B 2 39  ? -2.542  -2.823  -2.801  1.00 29.69  ? 150 LEU B CD1 1 
ATOM 1133 C CD2 . LEU B 2 39  ? -4.459  -1.843  -1.526  1.00 29.87  ? 150 LEU B CD2 1 
ATOM 1134 N N   . LYS B 2 40  ? -5.611  1.969   -3.639  1.00 30.98  ? 151 LYS B N   1 
ATOM 1135 C CA  . LYS B 2 40  ? -5.465  3.393   -3.955  1.00 32.09  ? 151 LYS B CA  1 
ATOM 1136 C C   . LYS B 2 40  ? -4.925  4.202   -2.791  1.00 24.82  ? 151 LYS B C   1 
ATOM 1137 O O   . LYS B 2 40  ? -5.269  3.961   -1.633  1.00 22.25  ? 151 LYS B O   1 
ATOM 1138 C CB  . LYS B 2 40  ? -6.800  4.016   -4.339  1.00 38.32  ? 151 LYS B CB  1 
ATOM 1139 C CG  . LYS B 2 40  ? -7.367  3.504   -5.656  1.00 50.11  ? 151 LYS B CG  1 
ATOM 1140 C CD  . LYS B 2 40  ? -8.846  3.847   -5.803  1.00 56.10  ? 151 LYS B CD  1 
ATOM 1141 C CE  . LYS B 2 40  ? -9.116  5.339   -5.655  1.00 55.23  ? 151 LYS B CE  1 
ATOM 1142 N NZ  . LYS B 2 40  ? -10.552 5.606   -5.817  1.00 59.85  ? 151 LYS B NZ  1 
ATOM 1143 N N   . TRP B 2 41  ? -4.104  5.194   -3.116  1.00 23.43  ? 152 TRP B N   1 
ATOM 1144 C CA  . TRP B 2 41  ? -3.588  6.096   -2.088  1.00 17.92  ? 152 TRP B CA  1 
ATOM 1145 C C   . TRP B 2 41  ? -4.658  7.143   -1.821  1.00 18.87  ? 152 TRP B C   1 
ATOM 1146 O O   . TRP B 2 41  ? -5.158  7.804   -2.736  1.00 23.01  ? 152 TRP B O   1 
ATOM 1147 C CB  . TRP B 2 41  ? -2.274  6.736   -2.578  1.00 16.91  ? 152 TRP B CB  1 
ATOM 1148 C CG  . TRP B 2 41  ? -1.798  7.964   -1.789  1.00 13.27  ? 152 TRP B CG  1 
ATOM 1149 C CD1 . TRP B 2 41  ? -1.356  7.933   -0.452  1.00 11.07  ? 152 TRP B CD1 1 
ATOM 1150 C CD2 . TRP B 2 41  ? -1.705  9.319   -2.198  1.00 15.33  ? 152 TRP B CD2 1 
ATOM 1151 N NE1 . TRP B 2 41  ? -1.011  9.240   -0.048  1.00 10.15  ? 152 TRP B NE1 1 
ATOM 1152 C CE2 . TRP B 2 41  ? -1.268  10.061  -1.145  1.00 12.56  ? 152 TRP B CE2 1 
ATOM 1153 C CE3 . TRP B 2 41  ? -2.021  9.928   -3.364  1.00 20.17  ? 152 TRP B CE3 1 
ATOM 1154 C CZ2 . TRP B 2 41  ? -1.069  11.403  -1.244  1.00 14.63  ? 152 TRP B CZ2 1 
ATOM 1155 C CZ3 . TRP B 2 41  ? -1.852  11.274  -3.441  1.00 23.50  ? 152 TRP B CZ3 1 
ATOM 1156 C CH2 . TRP B 2 41  ? -1.360  12.002  -2.414  1.00 20.82  ? 152 TRP B CH2 1 
ATOM 1157 N N   . MET B 2 42  ? -5.004  7.269   -0.549  1.00 15.96  ? 153 MET B N   1 
ATOM 1158 C CA  . MET B 2 42  ? -6.026  8.227   -0.160  1.00 17.09  ? 153 MET B CA  1 
ATOM 1159 C C   . MET B 2 42  ? -5.404  9.518   0.359   1.00 13.04  ? 153 MET B C   1 
ATOM 1160 O O   . MET B 2 42  ? -5.782  10.598  -0.103  1.00 15.84  ? 153 MET B O   1 
ATOM 1161 C CB  . MET B 2 42  ? -6.906  7.604   0.912   1.00 17.41  ? 153 MET B CB  1 
ATOM 1162 C CG  . MET B 2 42  ? -7.951  8.590   1.406   1.00 18.93  ? 153 MET B CG  1 
ATOM 1163 S SD  . MET B 2 42  ? -8.995  7.637   2.482   1.00 19.80  ? 153 MET B SD  1 
ATOM 1164 C CE  . MET B 2 42  ? -9.966  8.919   3.104   1.00 21.00  ? 153 MET B CE  1 
ATOM 1165 N N   . GLY B 2 43  ? -4.470  9.444   1.308   1.00 8.99   ? 154 GLY B N   1 
ATOM 1166 C CA  . GLY B 2 43  ? -3.902  10.685  1.833   1.00 8.25   ? 154 GLY B CA  1 
ATOM 1167 C C   . GLY B 2 43  ? -2.588  10.436  2.570   1.00 4.99   ? 154 GLY B C   1 
ATOM 1168 O O   . GLY B 2 43  ? -2.337  9.331   3.057   1.00 5.38   ? 154 GLY B O   1 
ATOM 1169 N N   . TRP B 2 44  ? -1.767  11.485  2.551   1.00 6.99   ? 155 TRP B N   1 
ATOM 1170 C CA  . TRP B 2 44  ? -0.440  11.509  3.189   1.00 7.95   ? 155 TRP B CA  1 
ATOM 1171 C C   . TRP B 2 44  ? -0.373  12.816  3.990   1.00 9.03   ? 155 TRP B C   1 
ATOM 1172 O O   . TRP B 2 44  ? -1.104  13.736  3.647   1.00 10.75  ? 155 TRP B O   1 
ATOM 1173 C CB  . TRP B 2 44  ? 0.640   11.636  2.111   1.00 10.97  ? 155 TRP B CB  1 
ATOM 1174 C CG  . TRP B 2 44  ? 1.957   11.229  2.722   1.00 48.33  ? 155 TRP B CG  1 
ATOM 1175 C CD1 . TRP B 2 44  ? 2.236   9.923   3.085   1.00 51.57  ? 155 TRP B CD1 1 
ATOM 1176 C CD2 . TRP B 2 44  ? 3.055   11.974  3.082   1.00 86.05  ? 155 TRP B CD2 1 
ATOM 1177 N NE1 . TRP B 2 44  ? 3.511   9.844   3.637   1.00 83.24  ? 155 TRP B NE1 1 
ATOM 1178 C CE2 . TRP B 2 44  ? 3.971   11.145  3.623   1.00 100.00 ? 155 TRP B CE2 1 
ATOM 1179 C CE3 . TRP B 2 44  ? 3.261   13.283  2.984   1.00 94.21  ? 155 TRP B CE3 1 
ATOM 1180 C CZ2 . TRP B 2 44  ? 5.142   11.594  4.062   1.00 100.00 ? 155 TRP B CZ2 1 
ATOM 1181 C CZ3 . TRP B 2 44  ? 4.443   13.748  3.434   1.00 100.00 ? 155 TRP B CZ3 1 
ATOM 1182 C CH2 . TRP B 2 44  ? 5.369   12.916  3.960   1.00 100.00 ? 155 TRP B CH2 1 
ATOM 1183 N N   . ILE B 2 45  ? 0.354   12.864  5.114   1.00 30.81  ? 156 ILE B N   1 
ATOM 1184 C CA  . ILE B 2 45  ? 0.296   14.014  6.057   1.00 52.01  ? 156 ILE B CA  1 
ATOM 1185 C C   . ILE B 2 45  ? 1.463   13.734  6.902   1.00 86.88  ? 156 ILE B C   1 
ATOM 1186 O O   . ILE B 2 45  ? 1.829   12.619  7.292   1.00 95.47  ? 156 ILE B O   1 
ATOM 1187 C CB  . ILE B 2 45  ? -0.663  14.265  7.285   1.00 61.19  ? 156 ILE B CB  1 
ATOM 1188 C CG1 . ILE B 2 45  ? -1.066  15.658  7.751   1.00 31.09  ? 156 ILE B CG1 1 
ATOM 1189 C CG2 . ILE B 2 45  ? -0.655  13.467  8.605   1.00 77.97  ? 156 ILE B CG2 1 
ATOM 1190 C CD1 . ILE B 2 45  ? -2.106  15.707  8.863   1.00 26.95  ? 156 ILE B CD1 1 
ATOM 1191 N N   . ASN B 2 46  ? 1.914   14.899  7.211   1.00 97.88  ? 157 ASN B N   1 
ATOM 1192 C CA  . ASN B 2 46  ? 2.882   15.065  8.230   1.00 95.96  ? 157 ASN B CA  1 
ATOM 1193 C C   . ASN B 2 46  ? 2.071   15.254  9.471   1.00 82.66  ? 157 ASN B C   1 
ATOM 1194 O O   . ASN B 2 46  ? 1.256   16.155  9.656   1.00 51.62  ? 157 ASN B O   1 
ATOM 1195 C CB  . ASN B 2 46  ? 3.518   16.388  7.871   1.00 95.47  ? 157 ASN B CB  1 
ATOM 1196 C CG  . ASN B 2 46  ? 4.643   16.697  8.821   1.00 98.15  ? 157 ASN B CG  1 
ATOM 1197 O OD1 . ASN B 2 46  ? 4.493   16.858  10.017  1.00 91.73  ? 157 ASN B OD1 1 
ATOM 1198 N ND2 . ASN B 2 46  ? 5.831   16.817  8.312   1.00 97.34  ? 157 ASN B ND2 1 
ATOM 1199 N N   . THR B 2 47  ? 2.465   14.408  10.360  1.00 96.93  ? 158 THR B N   1 
ATOM 1200 C CA  . THR B 2 47  ? 1.828   14.295  11.629  1.00 82.32  ? 158 THR B CA  1 
ATOM 1201 C C   . THR B 2 47  ? 2.124   15.434  12.615  1.00 63.94  ? 158 THR B C   1 
ATOM 1202 O O   . THR B 2 47  ? 1.541   15.621  13.677  1.00 37.65  ? 158 THR B O   1 
ATOM 1203 C CB  . THR B 2 47  ? 2.517   12.955  11.899  1.00 57.35  ? 158 THR B CB  1 
ATOM 1204 O OG1 . THR B 2 47  ? 3.925   13.059  11.760  1.00 68.35  ? 158 THR B OG1 1 
ATOM 1205 C CG2 . THR B 2 47  ? 1.939   11.898  10.948  1.00 68.20  ? 158 THR B CG2 1 
ATOM 1206 N N   . SER B 2 48  ? 3.066   16.232  12.236  1.00 70.00  ? 159 SER B N   1 
ATOM 1207 C CA  . SER B 2 48  ? 3.529   17.287  13.112  1.00 49.75  ? 159 SER B CA  1 
ATOM 1208 C C   . SER B 2 48  ? 2.855   18.597  12.747  1.00 45.91  ? 159 SER B C   1 
ATOM 1209 O O   . SER B 2 48  ? 2.545   19.393  13.624  1.00 60.50  ? 159 SER B O   1 
ATOM 1210 C CB  . SER B 2 48  ? 5.050   17.380  12.989  1.00 50.68  ? 159 SER B CB  1 
ATOM 1211 O OG  . SER B 2 48  ? 5.706   16.187  13.408  1.00 42.27  ? 159 SER B OG  1 
ATOM 1212 N N   . SER B 2 49  ? 2.613   18.884  11.476  1.00 65.25  ? 160 SER B N   1 
ATOM 1213 C CA  . SER B 2 49  ? 2.102   20.224  11.199  1.00 72.03  ? 160 SER B CA  1 
ATOM 1214 C C   . SER B 2 49  ? 0.641   20.070  10.887  1.00 51.16  ? 160 SER B C   1 
ATOM 1215 O O   . SER B 2 49  ? -0.117  21.032  10.825  1.00 55.33  ? 160 SER B O   1 
ATOM 1216 C CB  . SER B 2 49  ? 2.791   20.913  10.017  1.00 92.51  ? 160 SER B CB  1 
ATOM 1217 O OG  . SER B 2 49  ? 4.136   21.311  10.266  1.00 100.00 ? 160 SER B OG  1 
ATOM 1218 N N   . GLY B 2 50  ? 0.250   18.839  10.643  1.00 45.90  ? 161 GLY B N   1 
ATOM 1219 C CA  . GLY B 2 50  ? -1.174  18.599  10.475  1.00 44.09  ? 161 GLY B CA  1 
ATOM 1220 C C   . GLY B 2 50  ? -1.546  18.942  9.044   1.00 44.68  ? 161 GLY B C   1 
ATOM 1221 O O   . GLY B 2 50  ? -2.693  19.238  8.728   1.00 48.23  ? 161 GLY B O   1 
ATOM 1222 N N   . LYS B 2 51  ? -0.573  18.878  8.160   1.00 52.14  ? 162 LYS B N   1 
ATOM 1223 C CA  . LYS B 2 51  ? -0.840  19.300  6.785   1.00 51.27  ? 162 LYS B CA  1 
ATOM 1224 C C   . LYS B 2 51  ? -0.850  18.104  5.861   1.00 33.09  ? 162 LYS B C   1 
ATOM 1225 O O   . LYS B 2 51  ? 0.148   17.387  5.756   1.00 48.50  ? 162 LYS B O   1 
ATOM 1226 C CB  . LYS B 2 51  ? 0.293   20.211  6.330   1.00 82.90  ? 162 LYS B CB  1 
ATOM 1227 C CG  . LYS B 2 51  ? 0.310   21.540  7.069   1.00 92.75  ? 162 LYS B CG  1 
ATOM 1228 C CD  . LYS B 2 51  ? 1.406   22.459  6.542   1.00 100.00 ? 162 LYS B CD  1 
ATOM 1229 C CE  . LYS B 2 51  ? 1.415   23.805  7.261   1.00 100.00 ? 162 LYS B CE  1 
ATOM 1230 N NZ  . LYS B 2 51  ? 2.494   24.640  6.714   1.00 100.00 ? 162 LYS B NZ  1 
ATOM 1231 N N   . ALA B 2 52  ? -1.968  17.841  5.216   1.00 35.15  ? 163 ALA B N   1 
ATOM 1232 C CA  . ALA B 2 52  ? -2.044  16.631  4.412   1.00 28.07  ? 163 ALA B CA  1 
ATOM 1233 C C   . ALA B 2 52  ? -2.088  16.962  2.931   1.00 32.26  ? 163 ALA B C   1 
ATOM 1234 O O   . ALA B 2 52  ? -2.259  18.119  2.552   1.00 42.87  ? 163 ALA B O   1 
ATOM 1235 C CB  . ALA B 2 52  ? -3.279  15.857  4.838   1.00 24.66  ? 163 ALA B CB  1 
ATOM 1236 N N   . THR B 2 53  ? -1.919  15.923  2.118   1.00 25.87  ? 164 THR B N   1 
ATOM 1237 C CA  . THR B 2 53  ? -1.902  16.038  0.667   1.00 30.18  ? 164 THR B CA  1 
ATOM 1238 C C   . THR B 2 53  ? -2.515  14.703  0.233   1.00 23.69  ? 164 THR B C   1 
ATOM 1239 O O   . THR B 2 53  ? -2.560  13.766  1.036   1.00 16.23  ? 164 THR B O   1 
ATOM 1240 C CB  . THR B 2 53  ? -0.462  16.147  0.147   1.00 35.37  ? 164 THR B CB  1 
ATOM 1241 O OG1 . THR B 2 53  ? 0.311   17.162  0.779   1.00 44.16  ? 164 THR B OG1 1 
ATOM 1242 C CG2 . THR B 2 53  ? -0.336  16.218  -1.376  1.00 47.90  ? 164 THR B CG2 1 
ATOM 1243 N N   . TYR B 2 54  ? -3.079  14.706  -0.988  1.00 26.96  ? 165 TYR B N   1 
ATOM 1244 C CA  . TYR B 2 54  ? -4.224  13.875  -1.376  1.00 25.05  ? 165 TYR B CA  1 
ATOM 1245 C C   . TYR B 2 54  ? -4.225  13.787  -2.917  1.00 31.85  ? 165 TYR B C   1 
ATOM 1246 O O   . TYR B 2 54  ? -3.684  14.660  -3.605  1.00 38.82  ? 165 TYR B O   1 
ATOM 1247 C CB  . TYR B 2 54  ? -5.545  14.579  -1.004  1.00 30.09  ? 165 TYR B CB  1 
ATOM 1248 C CG  . TYR B 2 54  ? -5.723  14.959  0.474   1.00 29.55  ? 165 TYR B CG  1 
ATOM 1249 C CD1 . TYR B 2 54  ? -6.243  14.080  1.350   1.00 23.65  ? 165 TYR B CD1 1 
ATOM 1250 C CD2 . TYR B 2 54  ? -5.385  16.188  0.919   1.00 35.49  ? 165 TYR B CD2 1 
ATOM 1251 C CE1 . TYR B 2 54  ? -6.428  14.426  2.644   1.00 24.70  ? 165 TYR B CE1 1 
ATOM 1252 C CE2 . TYR B 2 54  ? -5.560  16.529  2.208   1.00 37.69  ? 165 TYR B CE2 1 
ATOM 1253 C CZ  . TYR B 2 54  ? -6.092  15.661  3.080   1.00 32.05  ? 165 TYR B CZ  1 
ATOM 1254 O OH  . TYR B 2 54  ? -6.279  16.060  4.395   1.00 34.83  ? 165 TYR B OH  1 
ATOM 1255 N N   . ALA B 2 55  ? -4.822  12.755  -3.500  1.00 31.33  ? 166 ALA B N   1 
ATOM 1256 C CA  . ALA B 2 55  ? -4.984  12.827  -4.938  1.00 39.82  ? 166 ALA B CA  1 
ATOM 1257 C C   . ALA B 2 55  ? -6.222  13.616  -5.274  1.00 44.54  ? 166 ALA B C   1 
ATOM 1258 O O   . ALA B 2 55  ? -6.936  13.990  -4.346  1.00 41.79  ? 166 ALA B O   1 
ATOM 1259 C CB  . ALA B 2 55  ? -4.877  11.462  -5.592  1.00 41.24  ? 166 ALA B CB  1 
ATOM 1260 N N   . ASP B 2 56  ? -6.480  13.870  -6.561  1.00 54.78  ? 167 ASP B N   1 
ATOM 1261 C CA  . ASP B 2 56  ? -7.656  14.674  -6.904  1.00 60.16  ? 167 ASP B CA  1 
ATOM 1262 C C   . ASP B 2 56  ? -8.903  13.934  -6.457  1.00 55.48  ? 167 ASP B C   1 
ATOM 1263 O O   . ASP B 2 56  ? -9.858  14.560  -5.991  1.00 57.10  ? 167 ASP B O   1 
ATOM 1264 C CB  . ASP B 2 56  ? -7.759  14.872  -8.424  1.00 71.34  ? 167 ASP B CB  1 
ATOM 1265 C CG  . ASP B 2 56  ? -6.653  15.739  -9.024  1.00 76.49  ? 167 ASP B CG  1 
ATOM 1266 O OD1 . ASP B 2 56  ? -6.302  16.778  -8.425  1.00 75.24  ? 167 ASP B OD1 1 
ATOM 1267 O OD2 . ASP B 2 56  ? -6.139  15.390  -10.111 1.00 81.84  ? 167 ASP B OD2 1 
ATOM 1268 N N   . ASP B 2 57  ? -8.816  12.607  -6.594  1.00 53.91  ? 168 ASP B N   1 
ATOM 1269 C CA  . ASP B 2 57  ? -9.900  11.702  -6.234  1.00 53.57  ? 168 ASP B CA  1 
ATOM 1270 C C   . ASP B 2 57  ? -10.638 12.150  -4.991  1.00 46.48  ? 168 ASP B C   1 
ATOM 1271 O O   . ASP B 2 57  ? -11.864 12.192  -4.994  1.00 48.95  ? 168 ASP B O   1 
ATOM 1272 C CB  . ASP B 2 57  ? -9.285  10.334  -5.991  1.00 51.51  ? 168 ASP B CB  1 
ATOM 1273 C CG  . ASP B 2 57  ? -10.344 9.288   -5.746  1.00 53.18  ? 168 ASP B CG  1 
ATOM 1274 O OD1 . ASP B 2 57  ? -11.562 9.549   -5.697  1.00 54.08  ? 168 ASP B OD1 1 
ATOM 1275 O OD2 . ASP B 2 57  ? -9.919  8.152   -5.541  1.00 53.02  ? 168 ASP B OD2 1 
ATOM 1276 N N   . PHE B 2 58  ? -9.917  12.511  -3.941  1.00 40.20  ? 169 PHE B N   1 
ATOM 1277 C CA  . PHE B 2 58  ? -10.633 12.836  -2.725  1.00 35.72  ? 169 PHE B CA  1 
ATOM 1278 C C   . PHE B 2 58  ? -10.360 14.264  -2.284  1.00 40.11  ? 169 PHE B C   1 
ATOM 1279 O O   . PHE B 2 58  ? -10.839 14.678  -1.225  1.00 41.56  ? 169 PHE B O   1 
ATOM 1280 C CB  . PHE B 2 58  ? -10.211 11.831  -1.656  1.00 29.63  ? 169 PHE B CB  1 
ATOM 1281 C CG  . PHE B 2 58  ? -10.379 10.402  -2.065  1.00 31.48  ? 169 PHE B CG  1 
ATOM 1282 C CD1 . PHE B 2 58  ? -9.293  9.834   -2.612  1.00 32.18  ? 169 PHE B CD1 1 
ATOM 1283 C CD2 . PHE B 2 58  ? -11.496 9.792   -1.719  1.00 31.41  ? 169 PHE B CD2 1 
ATOM 1284 C CE1 . PHE B 2 58  ? -9.354  8.600   -2.950  1.00 34.15  ? 169 PHE B CE1 1 
ATOM 1285 C CE2 . PHE B 2 58  ? -11.608 8.635   -2.103  1.00 33.96  ? 169 PHE B CE2 1 
ATOM 1286 C CZ  . PHE B 2 58  ? -10.527 8.458   -2.901  1.00 36.18  ? 169 PHE B CZ  1 
ATOM 1287 N N   . LYS B 2 59  ? -9.569  14.963  -3.084  1.00 43.06  ? 170 LYS B N   1 
ATOM 1288 C CA  . LYS B 2 59  ? -9.187  16.340  -2.794  1.00 51.94  ? 170 LYS B CA  1 
ATOM 1289 C C   . LYS B 2 59  ? -10.392 17.167  -2.405  1.00 60.11  ? 170 LYS B C   1 
ATOM 1290 O O   . LYS B 2 59  ? -11.433 17.132  -3.065  1.00 64.42  ? 170 LYS B O   1 
ATOM 1291 C CB  . LYS B 2 59  ? -8.554  16.943  -4.051  1.00 57.31  ? 170 LYS B CB  1 
ATOM 1292 C CG  . LYS B 2 59  ? -7.618  18.123  -3.785  1.00 62.95  ? 170 LYS B CG  1 
ATOM 1293 C CD  . LYS B 2 59  ? -6.193  17.681  -3.428  1.00 57.09  ? 170 LYS B CD  1 
ATOM 1294 C CE  . LYS B 2 59  ? -5.693  18.346  -2.140  1.00 58.47  ? 170 LYS B CE  1 
ATOM 1295 N NZ  . LYS B 2 59  ? -4.286  18.067  -1.811  1.00 52.87  ? 170 LYS B NZ  1 
ATOM 1296 N N   . GLY B 2 60  ? -10.285 17.854  -1.277  1.00 63.75  ? 171 GLY B N   1 
ATOM 1297 C CA  . GLY B 2 60  ? -11.405 18.683  -0.860  1.00 74.15  ? 171 GLY B CA  1 
ATOM 1298 C C   . GLY B 2 60  ? -12.533 17.926  -0.159  1.00 69.67  ? 171 GLY B C   1 
ATOM 1299 O O   . GLY B 2 60  ? -13.478 18.578  0.285   1.00 77.53  ? 171 GLY B O   1 
ATOM 1300 N N   . ARG B 2 61  ? -12.458 16.598  -0.027  1.00 57.37  ? 172 ARG B N   1 
ATOM 1301 C CA  . ARG B 2 61  ? -13.549 15.863  0.621   1.00 53.25  ? 172 ARG B CA  1 
ATOM 1302 C C   . ARG B 2 61  ? -13.031 15.113  1.837   1.00 44.67  ? 172 ARG B C   1 
ATOM 1303 O O   . ARG B 2 61  ? -13.705 15.030  2.866   1.00 45.23  ? 172 ARG B O   1 
ATOM 1304 C CB  . ARG B 2 61  ? -14.128 14.834  -0.338  1.00 48.07  ? 172 ARG B CB  1 
ATOM 1305 C CG  . ARG B 2 61  ? -14.687 15.492  -1.589  1.00 56.89  ? 172 ARG B CG  1 
ATOM 1306 C CD  . ARG B 2 61  ? -14.834 14.399  -2.636  1.00 53.51  ? 172 ARG B CD  1 
ATOM 1307 N NE  . ARG B 2 61  ? -15.492 13.270  -2.006  1.00 45.60  ? 172 ARG B NE  1 
ATOM 1308 C CZ  . ARG B 2 61  ? -15.228 12.062  -2.437  1.00 41.04  ? 172 ARG B CZ  1 
ATOM 1309 N NH1 . ARG B 2 61  ? -14.384 11.817  -3.392  1.00 42.09  ? 172 ARG B NH1 1 
ATOM 1310 N NH2 . ARG B 2 61  ? -15.839 11.086  -1.910  1.00 38.05  ? 172 ARG B NH2 1 
ATOM 1311 N N   . PHE B 2 62  ? -11.831 14.555  1.695   1.00 38.92  ? 173 PHE B N   1 
ATOM 1312 C CA  . PHE B 2 62  ? -11.234 13.775  2.772   1.00 32.91  ? 173 PHE B CA  1 
ATOM 1313 C C   . PHE B 2 62  ? -10.289 14.702  3.520   1.00 35.67  ? 173 PHE B C   1 
ATOM 1314 O O   . PHE B 2 62  ? -9.711  15.618  2.923   1.00 41.60  ? 173 PHE B O   1 
ATOM 1315 C CB  . PHE B 2 62  ? -10.479 12.599  2.126   1.00 27.84  ? 173 PHE B CB  1 
ATOM 1316 C CG  . PHE B 2 62  ? -11.461 11.529  1.619   1.00 26.77  ? 173 PHE B CG  1 
ATOM 1317 C CD1 . PHE B 2 62  ? -12.762 11.702  1.456   1.00 28.52  ? 173 PHE B CD1 1 
ATOM 1318 C CD2 . PHE B 2 62  ? -11.040 10.364  1.190   1.00 25.39  ? 173 PHE B CD2 1 
ATOM 1319 C CE1 . PHE B 2 62  ? -13.566 10.682  1.111   1.00 26.59  ? 173 PHE B CE1 1 
ATOM 1320 C CE2 . PHE B 2 62  ? -11.844 9.272   1.073   1.00 26.27  ? 173 PHE B CE2 1 
ATOM 1321 C CZ  . PHE B 2 62  ? -13.141 9.427   1.032   1.00 27.08  ? 173 PHE B CZ  1 
ATOM 1322 N N   . ALA B 2 63  ? -10.117 14.477  4.818   1.00 34.99  ? 174 ALA B N   1 
ATOM 1323 C CA  . ALA B 2 63  ? -9.216  15.336  5.556   1.00 38.99  ? 174 ALA B CA  1 
ATOM 1324 C C   . ALA B 2 63  ? -8.466  14.519  6.598   1.00 31.48  ? 174 ALA B C   1 
ATOM 1325 O O   . ALA B 2 63  ? -9.017  14.053  7.595   1.00 28.91  ? 174 ALA B O   1 
ATOM 1326 C CB  . ALA B 2 63  ? -9.947  16.595  6.025   1.00 51.35  ? 174 ALA B CB  1 
ATOM 1327 N N   . PHE B 2 64  ? -7.207  14.288  6.330   1.00 26.76  ? 175 PHE B N   1 
ATOM 1328 C CA  . PHE B 2 64  ? -6.418  13.509  7.246   1.00 20.66  ? 175 PHE B CA  1 
ATOM 1329 C C   . PHE B 2 64  ? -5.853  14.341  8.373   1.00 25.64  ? 175 PHE B C   1 
ATOM 1330 O O   . PHE B 2 64  ? -5.564  15.528  8.191   1.00 32.67  ? 175 PHE B O   1 
ATOM 1331 C CB  . PHE B 2 64  ? -5.268  13.605  6.314   1.00 18.09  ? 175 PHE B CB  1 
ATOM 1332 C CG  . PHE B 2 64  ? -4.237  12.621  6.690   1.00 11.63  ? 175 PHE B CG  1 
ATOM 1333 C CD1 . PHE B 2 64  ? -4.427  11.571  7.501   1.00 11.46  ? 175 PHE B CD1 1 
ATOM 1334 C CD2 . PHE B 2 64  ? -3.077  12.793  6.107   1.00 18.86  ? 175 PHE B CD2 1 
ATOM 1335 C CE1 . PHE B 2 64  ? -3.425  10.716  7.748   1.00 12.47  ? 175 PHE B CE1 1 
ATOM 1336 C CE2 . PHE B 2 64  ? -2.120  11.899  6.333   1.00 28.97  ? 175 PHE B CE2 1 
ATOM 1337 C CZ  . PHE B 2 64  ? -2.253  10.876  7.153   1.00 20.68  ? 175 PHE B CZ  1 
ATOM 1338 N N   . SER B 2 65  ? -5.688  13.709  9.524   1.00 24.21  ? 176 SER B N   1 
ATOM 1339 C CA  . SER B 2 65  ? -5.238  14.457  10.683  1.00 29.78  ? 176 SER B CA  1 
ATOM 1340 C C   . SER B 2 65  ? -4.724  13.479  11.712  1.00 27.18  ? 176 SER B C   1 
ATOM 1341 O O   . SER B 2 65  ? -4.923  12.269  11.581  1.00 22.16  ? 176 SER B O   1 
ATOM 1342 C CB  . SER B 2 65  ? -6.418  15.211  11.304  1.00 37.07  ? 176 SER B CB  1 
ATOM 1343 O OG  . SER B 2 65  ? -7.455  14.341  11.768  1.00 34.25  ? 176 SER B OG  1 
ATOM 1344 N N   . LEU B 2 66  ? -4.085  14.014  12.743  1.00 31.33  ? 177 LEU B N   1 
ATOM 1345 C CA  . LEU B 2 66  ? -3.562  13.137  13.780  1.00 30.29  ? 177 LEU B CA  1 
ATOM 1346 C C   . LEU B 2 66  ? -3.486  13.786  15.166  1.00 35.22  ? 177 LEU B C   1 
ATOM 1347 O O   . LEU B 2 66  ? -3.558  15.014  15.294  1.00 40.66  ? 177 LEU B O   1 
ATOM 1348 C CB  . LEU B 2 66  ? -2.200  12.617  13.343  1.00 28.28  ? 177 LEU B CB  1 
ATOM 1349 C CG  . LEU B 2 66  ? -1.120  13.672  13.154  1.00 32.75  ? 177 LEU B CG  1 
ATOM 1350 C CD1 . LEU B 2 66  ? -1.209  14.975  13.933  1.00 35.65  ? 177 LEU B CD1 1 
ATOM 1351 C CD2 . LEU B 2 66  ? 0.152   13.002  13.607  1.00 30.17  ? 177 LEU B CD2 1 
ATOM 1352 N N   . LYS B 2 67  ? -3.157  12.951  16.144  1.00 36.08  ? 178 LYS B N   1 
ATOM 1353 C CA  . LYS B 2 67  ? -2.989  13.405  17.510  1.00 41.65  ? 178 LYS B CA  1 
ATOM 1354 C C   . LYS B 2 67  ? -1.726  12.690  17.981  1.00 41.94  ? 178 LYS B C   1 
ATOM 1355 O O   . LYS B 2 67  ? -1.787  11.548  18.426  1.00 41.26  ? 178 LYS B O   1 
ATOM 1356 C CB  . LYS B 2 67  ? -4.208  12.943  18.325  1.00 42.23  ? 178 LYS B CB  1 
ATOM 1357 C CG  . LYS B 2 67  ? -4.363  13.641  19.683  1.00 49.58  ? 178 LYS B CG  1 
ATOM 1358 C CD  . LYS B 2 67  ? -3.037  13.869  20.454  1.00 55.43  ? 178 LYS B CD  1 
ATOM 1359 C CE  . LYS B 2 67  ? -2.533  15.215  21.191  1.00 66.37  ? 178 LYS B CE  1 
ATOM 1360 N NZ  . LYS B 2 67  ? -1.699  15.333  22.278  1.00 73.42  ? 178 LYS B NZ  1 
ATOM 1361 N N   . PRO B 2 68  ? -0.599  13.395  17.965  1.00 45.18  ? 179 PRO B N   1 
ATOM 1362 C CA  . PRO B 2 68  ? 0.696   12.873  18.397  1.00 46.62  ? 179 PRO B CA  1 
ATOM 1363 C C   . PRO B 2 68  ? 0.630   12.472  19.863  1.00 52.18  ? 179 PRO B C   1 
ATOM 1364 O O   . PRO B 2 68  ? 1.381   11.611  20.318  1.00 53.54  ? 179 PRO B O   1 
ATOM 1365 C CB  . PRO B 2 68  ? 1.618   14.083  18.169  1.00 51.04  ? 179 PRO B CB  1 
ATOM 1366 C CG  . PRO B 2 68  ? 0.714   15.308  18.335  1.00 57.25  ? 179 PRO B CG  1 
ATOM 1367 C CD  . PRO B 2 68  ? -0.624  14.837  17.753  1.00 49.72  ? 179 PRO B CD  1 
ATOM 1368 N N   . SER B 2 69  ? -0.277  13.074  20.642  1.00 56.79  ? 180 SER B N   1 
ATOM 1369 C CA  . SER B 2 69  ? -0.404  12.602  22.101  1.00 62.57  ? 180 SER B CA  1 
ATOM 1370 C C   . SER B 2 69  ? -1.183  11.420  22.249  1.00 59.16  ? 180 SER B C   1 
ATOM 1371 O O   . SER B 2 69  ? -0.729  10.638  23.056  1.00 62.14  ? 180 SER B O   1 
ATOM 1372 C CB  . SER B 2 69  ? -1.630  12.400  23.390  1.00 66.28  ? 180 SER B CB  1 
ATOM 1373 O OG  . SER B 2 69  ? -3.179  12.955  23.450  1.00 67.40  ? 180 SER B OG  1 
ATOM 1374 N N   . ALA B 2 70  ? -2.348  11.298  21.629  1.00 55.00  ? 181 ALA B N   1 
ATOM 1375 C CA  . ALA B 2 70  ? -3.251  10.212  21.949  1.00 55.79  ? 181 ALA B CA  1 
ATOM 1376 C C   . ALA B 2 70  ? -2.850  9.096   20.993  1.00 52.40  ? 181 ALA B C   1 
ATOM 1377 O O   . ALA B 2 70  ? -3.440  8.022   21.060  1.00 54.65  ? 181 ALA B O   1 
ATOM 1378 C CB  . ALA B 2 70  ? -4.709  10.680  21.742  1.00 54.45  ? 181 ALA B CB  1 
ATOM 1379 N N   . SER B 2 71  ? -1.881  9.317   20.100  1.00 47.47  ? 182 SER B N   1 
ATOM 1380 C CA  . SER B 2 71  ? -1.519  8.261   19.158  1.00 45.70  ? 182 SER B CA  1 
ATOM 1381 C C   . SER B 2 71  ? -2.727  7.831   18.334  1.00 42.97  ? 182 SER B C   1 
ATOM 1382 O O   . SER B 2 71  ? -3.180  6.685   18.431  1.00 46.18  ? 182 SER B O   1 
ATOM 1383 C CB  . SER B 2 71  ? -0.847  7.078   19.876  1.00 51.18  ? 182 SER B CB  1 
ATOM 1384 O OG  . SER B 2 71  ? 0.462   7.364   20.383  1.00 52.61  ? 182 SER B OG  1 
ATOM 1385 N N   . THR B 2 72  ? -3.231  8.780   17.548  1.00 37.49  ? 183 THR B N   1 
ATOM 1386 C CA  . THR B 2 72  ? -4.412  8.523   16.752  1.00 34.15  ? 183 THR B CA  1 
ATOM 1387 C C   . THR B 2 72  ? -4.216  9.111   15.348  1.00 29.66  ? 183 THR B C   1 
ATOM 1388 O O   . THR B 2 72  ? -3.674  10.219  15.158  1.00 29.49  ? 183 THR B O   1 
ATOM 1389 C CB  . THR B 2 72  ? -5.574  9.201   17.451  1.00 35.32  ? 183 THR B CB  1 
ATOM 1390 O OG1 . THR B 2 72  ? -6.509  8.288   18.035  1.00 40.24  ? 183 THR B OG1 1 
ATOM 1391 C CG2 . THR B 2 72  ? -6.051  9.823   16.187  1.00 30.11  ? 183 THR B CG2 1 
ATOM 1392 N N   . ALA B 2 73  ? -4.603  8.321   14.350  1.00 26.45  ? 184 ALA B N   1 
ATOM 1393 C CA  . ALA B 2 73  ? -4.700  8.917   13.045  1.00 21.85  ? 184 ALA B CA  1 
ATOM 1394 C C   . ALA B 2 73  ? -6.129  8.950   12.576  1.00 19.28  ? 184 ALA B C   1 
ATOM 1395 O O   . ALA B 2 73  ? -6.901  8.058   12.921  1.00 21.29  ? 184 ALA B O   1 
ATOM 1396 C CB  . ALA B 2 73  ? -3.681  8.248   12.159  1.00 21.16  ? 184 ALA B CB  1 
ATOM 1397 N N   . TYR B 2 74  ? -6.502  10.038  11.911  1.00 18.34  ? 185 TYR B N   1 
ATOM 1398 C CA  . TYR B 2 74  ? -7.901  10.220  11.518  1.00 17.54  ? 185 TYR B CA  1 
ATOM 1399 C C   . TYR B 2 74  ? -8.064  10.431  10.011  1.00 15.22  ? 185 TYR B C   1 
ATOM 1400 O O   . TYR B 2 74  ? -7.180  10.974  9.338   1.00 13.83  ? 185 TYR B O   1 
ATOM 1401 C CB  . TYR B 2 74  ? -8.560  11.399  12.256  1.00 21.85  ? 185 TYR B CB  1 
ATOM 1402 C CG  . TYR B 2 74  ? -8.624  11.228  13.771  1.00 25.58  ? 185 TYR B CG  1 
ATOM 1403 C CD1 . TYR B 2 74  ? -9.217  10.143  14.308  1.00 27.31  ? 185 TYR B CD1 1 
ATOM 1404 C CD2 . TYR B 2 74  ? -7.980  12.084  14.587  1.00 29.87  ? 185 TYR B CD2 1 
ATOM 1405 C CE1 . TYR B 2 74  ? -9.213  9.946   15.648  1.00 33.52  ? 185 TYR B CE1 1 
ATOM 1406 C CE2 . TYR B 2 74  ? -8.055  11.924  15.924  1.00 32.20  ? 185 TYR B CE2 1 
ATOM 1407 C CZ  . TYR B 2 74  ? -8.703  10.878  16.483  1.00 35.61  ? 185 TYR B CZ  1 
ATOM 1408 O OH  . TYR B 2 74  ? -8.336  10.524  17.788  1.00 42.29  ? 185 TYR B OH  1 
ATOM 1409 N N   . LEU B 2 75  ? -9.230  10.000  9.518   1.00 16.51  ? 186 LEU B N   1 
ATOM 1410 C CA  . LEU B 2 75  ? -9.620  10.255  8.139   1.00 16.31  ? 186 LEU B CA  1 
ATOM 1411 C C   . LEU B 2 75  ? -11.064 10.738  8.207   1.00 19.58  ? 186 LEU B C   1 
ATOM 1412 O O   . LEU B 2 75  ? -11.952 10.034  8.687   1.00 23.57  ? 186 LEU B O   1 
ATOM 1413 C CB  . LEU B 2 75  ? -9.499  8.986   7.310   1.00 16.54  ? 186 LEU B CB  1 
ATOM 1414 C CG  . LEU B 2 75  ? -9.535  9.239   5.841   1.00 17.03  ? 186 LEU B CG  1 
ATOM 1415 C CD1 . LEU B 2 75  ? -8.530  10.266  5.322   1.00 16.20  ? 186 LEU B CD1 1 
ATOM 1416 C CD2 . LEU B 2 75  ? -9.341  7.766   5.416   1.00 17.58  ? 186 LEU B CD2 1 
ATOM 1417 N N   . GLN B 2 76  ? -11.305 11.965  7.769   1.00 23.75  ? 187 GLN B N   1 
ATOM 1418 C CA  . GLN B 2 76  ? -12.657 12.511  7.847   1.00 30.91  ? 187 GLN B CA  1 
ATOM 1419 C C   . GLN B 2 76  ? -13.222 12.653  6.435   1.00 30.88  ? 187 GLN B C   1 
ATOM 1420 O O   . GLN B 2 76  ? -12.941 13.627  5.741   1.00 34.69  ? 187 GLN B O   1 
ATOM 1421 C CB  . GLN B 2 76  ? -12.629 13.884  8.523   1.00 39.69  ? 187 GLN B CB  1 
ATOM 1422 C CG  . GLN B 2 76  ? -13.994 14.579  8.571   1.00 49.65  ? 187 GLN B CG  1 
ATOM 1423 C CD  . GLN B 2 76  ? -15.004 13.788  9.377   1.00 53.12  ? 187 GLN B CD  1 
ATOM 1424 O OE1 . GLN B 2 76  ? -14.755 13.384  10.507  1.00 53.70  ? 187 GLN B OE1 1 
ATOM 1425 N NE2 . GLN B 2 76  ? -16.160 13.572  8.809   1.00 55.87  ? 187 GLN B NE2 1 
ATOM 1426 N N   . ILE B 2 77  ? -13.988 11.635  6.050   1.00 30.44  ? 188 ILE B N   1 
ATOM 1427 C CA  . ILE B 2 77  ? -14.561 11.406  4.732   1.00 30.16  ? 188 ILE B CA  1 
ATOM 1428 C C   . ILE B 2 77  ? -15.873 12.308  4.678   1.00 35.59  ? 188 ILE B C   1 
ATOM 1429 O O   . ILE B 2 77  ? -16.724 12.257  5.580   1.00 39.84  ? 188 ILE B O   1 
ATOM 1430 C CB  . ILE B 2 77  ? -14.351 9.805   4.839   1.00 27.48  ? 188 ILE B CB  1 
ATOM 1431 C CG1 . ILE B 2 77  ? -12.843 9.683   4.621   1.00 24.90  ? 188 ILE B CG1 1 
ATOM 1432 C CG2 . ILE B 2 77  ? -14.883 8.432   4.280   1.00 28.75  ? 188 ILE B CG2 1 
ATOM 1433 C CD1 . ILE B 2 77  ? -12.209 8.451   5.227   1.00 24.53  ? 188 ILE B CD1 1 
ATOM 1434 N N   . ASN B 2 78  ? -16.023 13.197  3.657   1.00 39.99  ? 189 ASN B N   1 
ATOM 1435 C CA  . ASN B 2 78  ? -17.212 14.066  3.544   1.00 49.89  ? 189 ASN B CA  1 
ATOM 1436 C C   . ASN B 2 78  ? -17.719 13.996  2.113   1.00 49.65  ? 189 ASN B C   1 
ATOM 1437 O O   . ASN B 2 78  ? -16.921 13.921  1.175   1.00 45.14  ? 189 ASN B O   1 
ATOM 1438 C CB  . ASN B 2 78  ? -16.856 15.528  3.827   1.00 59.95  ? 189 ASN B CB  1 
ATOM 1439 C CG  . ASN B 2 78  ? -16.203 15.713  5.184   1.00 62.95  ? 189 ASN B CG  1 
ATOM 1440 O OD1 . ASN B 2 78  ? -15.930 14.800  5.946   1.00 55.34  ? 189 ASN B OD1 1 
ATOM 1441 N ND2 . ASN B 2 78  ? -15.937 16.936  5.529   1.00 74.85  ? 189 ASN B ND2 1 
ATOM 1442 N N   . ASN B 2 79  ? -19.041 13.999  1.952   1.00 55.25  ? 190 ASN B N   1 
ATOM 1443 C CA  . ASN B 2 79  ? -19.617 14.029  0.610   1.00 57.37  ? 190 ASN B CA  1 
ATOM 1444 C C   . ASN B 2 79  ? -19.294 12.715  -0.056  1.00 49.09  ? 190 ASN B C   1 
ATOM 1445 O O   . ASN B 2 79  ? -18.956 12.687  -1.242  1.00 50.69  ? 190 ASN B O   1 
ATOM 1446 C CB  . ASN B 2 79  ? -19.054 15.164  -0.246  1.00 66.35  ? 190 ASN B CB  1 
ATOM 1447 C CG  . ASN B 2 79  ? -19.141 16.503  0.457   1.00 78.01  ? 190 ASN B CG  1 
ATOM 1448 O OD1 . ASN B 2 79  ? -19.574 16.647  1.599   1.00 80.24  ? 190 ASN B OD1 1 
ATOM 1449 N ND2 . ASN B 2 79  ? -18.718 17.523  -0.234  1.00 85.44  ? 190 ASN B ND2 1 
ATOM 1450 N N   . LEU B 2 80  ? -19.382 11.653  0.731   1.00 40.99  ? 191 LEU B N   1 
ATOM 1451 C CA  . LEU B 2 80  ? -19.036 10.336  0.222   1.00 34.94  ? 191 LEU B CA  1 
ATOM 1452 C C   . LEU B 2 80  ? -19.669 9.987   -1.111  1.00 38.45  ? 191 LEU B C   1 
ATOM 1453 O O   . LEU B 2 80  ? -20.818 10.317  -1.377  1.00 44.89  ? 191 LEU B O   1 
ATOM 1454 C CB  . LEU B 2 80  ? -19.474 9.302   1.245   1.00 32.17  ? 191 LEU B CB  1 
ATOM 1455 C CG  . LEU B 2 80  ? -18.427 9.158   2.334   1.00 30.47  ? 191 LEU B CG  1 
ATOM 1456 C CD1 . LEU B 2 80  ? -18.813 7.979   3.204   1.00 29.88  ? 191 LEU B CD1 1 
ATOM 1457 C CD2 . LEU B 2 80  ? -17.088 8.769   1.744   1.00 28.62  ? 191 LEU B CD2 1 
ATOM 1458 N N   . LYS B 2 81  ? -18.905 9.318   -1.956  1.00 39.62  ? 192 LYS B N   1 
ATOM 1459 C CA  . LYS B 2 81  ? -19.425 8.910   -3.252  1.00 47.07  ? 192 LYS B CA  1 
ATOM 1460 C C   . LYS B 2 81  ? -19.450 7.387   -3.245  1.00 46.42  ? 192 LYS B C   1 
ATOM 1461 O O   . LYS B 2 81  ? -18.827 6.784   -2.368  1.00 39.25  ? 192 LYS B O   1 
ATOM 1462 C CB  . LYS B 2 81  ? -18.448 9.377   -4.329  1.00 54.60  ? 192 LYS B CB  1 
ATOM 1463 C CG  . LYS B 2 81  ? -18.367 10.879  -4.559  1.00 58.88  ? 192 LYS B CG  1 
ATOM 1464 C CD  . LYS B 2 81  ? -17.320 11.083  -5.649  1.00 66.56  ? 192 LYS B CD  1 
ATOM 1465 C CE  . LYS B 2 81  ? -17.708 12.247  -6.549  1.00 79.52  ? 192 LYS B CE  1 
ATOM 1466 N NZ  . LYS B 2 81  ? -18.317 13.273  -5.701  1.00 77.69  ? 192 LYS B NZ  1 
ATOM 1467 N N   . ASN B 2 82  ? -20.110 6.769   -4.236  1.00 55.02  ? 193 ASN B N   1 
ATOM 1468 C CA  . ASN B 2 82  ? -20.224 5.304   -4.287  1.00 55.24  ? 193 ASN B CA  1 
ATOM 1469 C C   . ASN B 2 82  ? -18.843 4.690   -4.457  1.00 55.34  ? 193 ASN B C   1 
ATOM 1470 O O   . ASN B 2 82  ? -18.558 3.600   -3.973  1.00 53.04  ? 193 ASN B O   1 
ATOM 1471 C CB  . ASN B 2 82  ? -21.089 4.968   -5.513  1.00 66.93  ? 193 ASN B CB  1 
ATOM 1472 C CG  . ASN B 2 82  ? -21.227 3.486   -5.761  1.00 72.37  ? 193 ASN B CG  1 
ATOM 1473 O OD1 . ASN B 2 82  ? -20.497 2.684   -5.250  1.00 68.01  ? 193 ASN B OD1 1 
ATOM 1474 N ND2 . ASN B 2 82  ? -21.905 3.022   -6.739  1.00 83.46  ? 193 ASN B ND2 1 
ATOM 1475 N N   . GLU B 2 83  ? -17.981 5.390   -5.165  1.00 60.62  ? 194 GLU B N   1 
ATOM 1476 C CA  . GLU B 2 83  ? -16.639 4.887   -5.438  1.00 63.77  ? 194 GLU B CA  1 
ATOM 1477 C C   . GLU B 2 83  ? -15.697 4.937   -4.235  1.00 52.97  ? 194 GLU B C   1 
ATOM 1478 O O   . GLU B 2 83  ? -14.526 4.580   -4.372  1.00 54.38  ? 194 GLU B O   1 
ATOM 1479 C CB  . GLU B 2 83  ? -16.039 5.743   -6.554  1.00 73.34  ? 194 GLU B CB  1 
ATOM 1480 C CG  . GLU B 2 83  ? -15.486 7.056   -6.003  1.00 66.07  ? 194 GLU B CG  1 
ATOM 1481 C CD  . GLU B 2 83  ? -15.095 7.990   -7.119  1.00 75.35  ? 194 GLU B CD  1 
ATOM 1482 O OE1 . GLU B 2 83  ? -16.000 8.455   -7.841  1.00 82.80  ? 194 GLU B OE1 1 
ATOM 1483 O OE2 . GLU B 2 83  ? -13.887 8.271   -7.275  1.00 74.97  ? 194 GLU B OE2 1 
ATOM 1484 N N   . ASP B 2 84  ? -16.167 5.360   -3.064  1.00 44.25  ? 195 ASP B N   1 
ATOM 1485 C CA  . ASP B 2 84  ? -15.277 5.377   -1.911  1.00 37.58  ? 195 ASP B CA  1 
ATOM 1486 C C   . ASP B 2 84  ? -15.419 4.061   -1.179  1.00 34.56  ? 195 ASP B C   1 
ATOM 1487 O O   . ASP B 2 84  ? -14.674 3.788   -0.241  1.00 30.47  ? 195 ASP B O   1 
ATOM 1488 C CB  . ASP B 2 84  ? -15.624 6.517   -0.969  1.00 31.73  ? 195 ASP B CB  1 
ATOM 1489 C CG  . ASP B 2 84  ? -15.477 7.807   -1.688  1.00 33.92  ? 195 ASP B CG  1 
ATOM 1490 O OD1 . ASP B 2 84  ? -14.647 7.958   -2.611  1.00 38.96  ? 195 ASP B OD1 1 
ATOM 1491 O OD2 . ASP B 2 84  ? -16.247 8.676   -1.296  1.00 33.32  ? 195 ASP B OD2 1 
ATOM 1492 N N   . MET B 2 85  ? -16.393 3.260   -1.591  1.00 37.17  ? 196 MET B N   1 
ATOM 1493 C CA  . MET B 2 85  ? -16.558 1.942   -0.986  1.00 36.60  ? 196 MET B CA  1 
ATOM 1494 C C   . MET B 2 85  ? -15.260 1.170   -1.073  1.00 36.30  ? 196 MET B C   1 
ATOM 1495 O O   . MET B 2 85  ? -14.727 1.029   -2.178  1.00 42.18  ? 196 MET B O   1 
ATOM 1496 C CB  . MET B 2 85  ? -17.550 1.158   -1.830  1.00 43.30  ? 196 MET B CB  1 
ATOM 1497 C CG  . MET B 2 85  ? -18.881 1.871   -1.954  1.00 43.66  ? 196 MET B CG  1 
ATOM 1498 S SD  . MET B 2 85  ? -19.782 0.891   -3.140  1.00 54.80  ? 196 MET B SD  1 
ATOM 1499 C CE  . MET B 2 85  ? -21.402 1.538   -3.038  1.00 54.29  ? 196 MET B CE  1 
ATOM 1500 N N   . ALA B 2 86  ? -14.770 0.671   0.057   1.00 31.36  ? 197 ALA B N   1 
ATOM 1501 C CA  . ALA B 2 86  ? -13.513 -0.064  0.019   1.00 30.60  ? 197 ALA B CA  1 
ATOM 1502 C C   . ALA B 2 86  ? -13.043 -0.299  1.443   1.00 28.14  ? 197 ALA B C   1 
ATOM 1503 O O   . ALA B 2 86  ? -13.644 0.224   2.383   1.00 25.77  ? 197 ALA B O   1 
ATOM 1504 C CB  . ALA B 2 86  ? -12.433 0.744   -0.701  1.00 29.60  ? 197 ALA B CB  1 
ATOM 1505 N N   . THR B 2 87  ? -11.980 -1.099  1.570   1.00 29.64  ? 198 THR B N   1 
ATOM 1506 C CA  . THR B 2 87  ? -11.367 -1.383  2.868   1.00 28.66  ? 198 THR B CA  1 
ATOM 1507 C C   . THR B 2 87  ? -10.367 -0.263  3.095   1.00 24.16  ? 198 THR B C   1 
ATOM 1508 O O   . THR B 2 87  ? -9.645  0.118   2.175   1.00 22.58  ? 198 THR B O   1 
ATOM 1509 C CB  . THR B 2 87  ? -10.651 -2.756  2.843   1.00 36.84  ? 198 THR B CB  1 
ATOM 1510 O OG1 . THR B 2 87  ? -11.425 -3.808  3.435   1.00 46.35  ? 198 THR B OG1 1 
ATOM 1511 C CG2 . THR B 2 87  ? -9.302  -2.675  3.499   1.00 36.00  ? 198 THR B CG2 1 
ATOM 1512 N N   . TYR B 2 88  ? -10.311 0.277   4.303   1.00 22.69  ? 199 TYR B N   1 
ATOM 1513 C CA  . TYR B 2 88  ? -9.373  1.367   4.533   1.00 20.16  ? 199 TYR B CA  1 
ATOM 1514 C C   . TYR B 2 88  ? -8.313  0.938   5.538   1.00 22.03  ? 199 TYR B C   1 
ATOM 1515 O O   . TYR B 2 88  ? -8.626  0.388   6.601   1.00 25.76  ? 199 TYR B O   1 
ATOM 1516 C CB  . TYR B 2 88  ? -10.122 2.622   4.999   1.00 19.39  ? 199 TYR B CB  1 
ATOM 1517 C CG  . TYR B 2 88  ? -10.836 3.342   3.848   1.00 20.65  ? 199 TYR B CG  1 
ATOM 1518 C CD1 . TYR B 2 88  ? -11.894 2.788   3.228   1.00 21.36  ? 199 TYR B CD1 1 
ATOM 1519 C CD2 . TYR B 2 88  ? -10.415 4.555   3.440   1.00 20.84  ? 199 TYR B CD2 1 
ATOM 1520 C CE1 . TYR B 2 88  ? -12.511 3.413   2.211   1.00 23.23  ? 199 TYR B CE1 1 
ATOM 1521 C CE2 . TYR B 2 88  ? -11.042 5.188   2.422   1.00 22.98  ? 199 TYR B CE2 1 
ATOM 1522 C CZ  . TYR B 2 88  ? -12.094 4.618   1.800   1.00 24.33  ? 199 TYR B CZ  1 
ATOM 1523 O OH  . TYR B 2 88  ? -12.753 5.246   0.752   1.00 26.77  ? 199 TYR B OH  1 
ATOM 1524 N N   . PHE B 2 89  ? -7.067  1.214   5.150   1.00 19.55  ? 200 PHE B N   1 
ATOM 1525 C CA  . PHE B 2 89  ? -5.900  0.880   5.961   1.00 20.77  ? 200 PHE B CA  1 
ATOM 1526 C C   . PHE B 2 89  ? -5.084  2.142   6.212   1.00 16.55  ? 200 PHE B C   1 
ATOM 1527 O O   . PHE B 2 89  ? -5.179  3.131   5.481   1.00 13.76  ? 200 PHE B O   1 
ATOM 1528 C CB  . PHE B 2 89  ? -4.954  -0.071  5.206   1.00 24.04  ? 200 PHE B CB  1 
ATOM 1529 C CG  . PHE B 2 89  ? -5.556  -1.398  4.751   1.00 28.97  ? 200 PHE B CG  1 
ATOM 1530 C CD1 . PHE B 2 89  ? -5.750  -2.402  5.626   1.00 36.34  ? 200 PHE B CD1 1 
ATOM 1531 C CD2 . PHE B 2 89  ? -5.866  -1.581  3.455   1.00 28.55  ? 200 PHE B CD2 1 
ATOM 1532 C CE1 . PHE B 2 89  ? -6.269  -3.574  5.215   1.00 41.84  ? 200 PHE B CE1 1 
ATOM 1533 C CE2 . PHE B 2 89  ? -6.360  -2.758  3.037   1.00 33.70  ? 200 PHE B CE2 1 
ATOM 1534 C CZ  . PHE B 2 89  ? -6.565  -3.751  3.921   1.00 40.17  ? 200 PHE B CZ  1 
ATOM 1535 N N   . CYS B 2 90  ? -4.282  2.049   7.259   1.00 17.97  ? 201 CYS B N   1 
ATOM 1536 C CA  . CYS B 2 90  ? -3.363  3.104   7.582   1.00 13.88  ? 201 CYS B CA  1 
ATOM 1537 C C   . CYS B 2 90  ? -2.136  2.271   7.694   1.00 19.31  ? 201 CYS B C   1 
ATOM 1538 O O   . CYS B 2 90  ? -2.022  1.114   8.028   1.00 24.54  ? 201 CYS B O   1 
ATOM 1539 C CB  . CYS B 2 90  ? -3.728  3.726   8.932   1.00 14.01  ? 201 CYS B CB  1 
ATOM 1540 S SG  . CYS B 2 90  ? -4.905  2.652   9.795   1.00 21.60  ? 201 CYS B SG  1 
ATOM 1541 N N   . ALA B 2 91  ? -1.151  2.872   8.084   1.00 19.26  ? 202 ALA B N   1 
ATOM 1542 C CA  . ALA B 2 91  ? 0.079   2.124   7.874   1.00 23.71  ? 202 ALA B CA  1 
ATOM 1543 C C   . ALA B 2 91  ? 1.297   3.042   8.239   1.00 22.82  ? 202 ALA B C   1 
ATOM 1544 O O   . ALA B 2 91  ? 1.143   4.176   7.980   1.00 19.37  ? 202 ALA B O   1 
ATOM 1545 C CB  . ALA B 2 91  ? 0.347   1.309   6.691   1.00 25.39  ? 202 ALA B CB  1 
ATOM 1546 N N   . ARG B 2 92  ? 2.347   2.570   9.055   1.00 29.36  ? 203 ARG B N   1 
ATOM 1547 C CA  . ARG B 2 92  ? 3.080   3.453   9.914   1.00 29.96  ? 203 ARG B CA  1 
ATOM 1548 C C   . ARG B 2 92  ? 4.071   3.546   8.838   1.00 26.71  ? 203 ARG B C   1 
ATOM 1549 O O   . ARG B 2 92  ? 4.255   2.592   8.113   1.00 28.59  ? 203 ARG B O   1 
ATOM 1550 C CB  . ARG B 2 92  ? 3.679   2.732   11.147  1.00 40.43  ? 203 ARG B CB  1 
ATOM 1551 C CG  . ARG B 2 92  ? 4.609   3.668   11.909  1.00 40.85  ? 203 ARG B CG  1 
ATOM 1552 C CD  . ARG B 2 92  ? 5.258   2.958   13.097  1.00 52.67  ? 203 ARG B CD  1 
ATOM 1553 N NE  . ARG B 2 92  ? 6.451   2.241   12.710  1.00 60.60  ? 203 ARG B NE  1 
ATOM 1554 C CZ  . ARG B 2 92  ? 7.185   1.553   13.555  1.00 71.53  ? 203 ARG B CZ  1 
ATOM 1555 N NH1 . ARG B 2 92  ? 6.872   1.502   14.807  1.00 74.66  ? 203 ARG B NH1 1 
ATOM 1556 N NH2 . ARG B 2 92  ? 8.244   0.915   13.140  1.00 78.43  ? 203 ARG B NH2 1 
ATOM 1557 N N   . LEU B 2 93  ? 4.707   4.658   8.701   1.00 23.06  ? 204 LEU B N   1 
ATOM 1558 C CA  . LEU B 2 93  ? 5.647   4.836   7.608   1.00 19.00  ? 204 LEU B CA  1 
ATOM 1559 C C   . LEU B 2 93  ? 7.033   4.536   8.128   1.00 24.50  ? 204 LEU B C   1 
ATOM 1560 O O   . LEU B 2 93  ? 7.351   4.858   9.270   1.00 28.34  ? 204 LEU B O   1 
ATOM 1561 C CB  . LEU B 2 93  ? 5.570   6.306   7.215   1.00 31.23  ? 204 LEU B CB  1 
ATOM 1562 C CG  . LEU B 2 93  ? 6.108   6.694   5.842   1.00 49.45  ? 204 LEU B CG  1 
ATOM 1563 C CD1 . LEU B 2 93  ? 5.378   7.929   5.350   1.00 70.18  ? 204 LEU B CD1 1 
ATOM 1564 C CD2 . LEU B 2 93  ? 7.621   6.844   5.686   1.00 58.95  ? 204 LEU B CD2 1 
ATOM 1565 N N   . GLY B 2 94  ? 7.850   3.883   7.333   1.00 34.64  ? 205 GLY B N   1 
ATOM 1566 C CA  . GLY B 2 94  ? 9.181   3.547   7.800   1.00 56.40  ? 205 GLY B CA  1 
ATOM 1567 C C   . GLY B 2 94  ? 10.166  4.134   6.829   1.00 57.00  ? 205 GLY B C   1 
ATOM 1568 O O   . GLY B 2 94  ? 10.051  3.928   5.620   1.00 42.49  ? 205 GLY B O   1 
ATOM 1569 N N   . TYR B 2 95  ? 11.123  4.834   7.411   1.00 65.40  ? 206 TYR B N   1 
ATOM 1570 C CA  . TYR B 2 95  ? 12.191  5.459   6.640   1.00 92.00  ? 206 TYR B CA  1 
ATOM 1571 C C   . TYR B 2 95  ? 11.568  6.453   5.687   1.00 92.15  ? 206 TYR B C   1 
ATOM 1572 O O   . TYR B 2 95  ? 10.933  7.419   6.101   1.00 93.60  ? 206 TYR B O   1 
ATOM 1573 C CB  . TYR B 2 95  ? 13.130  4.451   5.966   1.00 100.00 ? 206 TYR B CB  1 
ATOM 1574 C CG  . TYR B 2 95  ? 14.235  3.956   6.883   1.00 100.00 ? 206 TYR B CG  1 
ATOM 1575 C CD1 . TYR B 2 95  ? 15.365  4.670   6.994   1.00 100.00 ? 206 TYR B CD1 1 
ATOM 1576 C CD2 . TYR B 2 95  ? 14.121  2.796   7.543   1.00 100.00 ? 206 TYR B CD2 1 
ATOM 1577 C CE1 . TYR B 2 95  ? 16.368  4.239   7.774   1.00 100.00 ? 206 TYR B CE1 1 
ATOM 1578 C CE2 . TYR B 2 95  ? 15.121  2.364   8.325   1.00 100.00 ? 206 TYR B CE2 1 
ATOM 1579 C CZ  . TYR B 2 95  ? 16.245  3.085   8.448   1.00 100.00 ? 206 TYR B CZ  1 
ATOM 1580 O OH  . TYR B 2 95  ? 17.256  2.643   9.264   1.00 100.00 ? 206 TYR B OH  1 
ATOM 1581 N N   . ARG B 2 96  ? 11.723  6.215   4.406   1.00 94.84  ? 207 ARG B N   1 
ATOM 1582 C CA  . ARG B 2 96  ? 11.160  7.153   3.461   1.00 100.00 ? 207 ARG B CA  1 
ATOM 1583 C C   . ARG B 2 96  ? 10.865  6.304   2.255   1.00 100.00 ? 207 ARG B C   1 
ATOM 1584 O O   . ARG B 2 96  ? 11.535  6.456   1.249   1.00 92.50  ? 207 ARG B O   1 
ATOM 1585 C CB  . ARG B 2 96  ? 12.252  8.175   3.114   1.00 100.00 ? 207 ARG B CB  1 
ATOM 1586 C CG  . ARG B 2 96  ? 11.872  9.265   2.108   1.00 100.00 ? 207 ARG B CG  1 
ATOM 1587 C CD  . ARG B 2 96  ? 10.688  10.127  2.535   1.00 100.00 ? 207 ARG B CD  1 
ATOM 1588 N NE  . ARG B 2 96  ? 10.405  11.084  1.473   1.00 100.00 ? 207 ARG B NE  1 
ATOM 1589 C CZ  . ARG B 2 96  ? 9.472   11.999  1.667   1.00 100.00 ? 207 ARG B CZ  1 
ATOM 1590 N NH1 . ARG B 2 96  ? 8.749   11.992  2.774   1.00 100.00 ? 207 ARG B NH1 1 
ATOM 1591 N NH2 . ARG B 2 96  ? 9.265   12.927  0.752   1.00 100.00 ? 207 ARG B NH2 1 
ATOM 1592 N N   . SER B 2 97  ? 9.926   5.383   2.307   1.00 74.77  ? 208 SER B N   1 
ATOM 1593 C CA  . SER B 2 97  ? 9.583   4.727   1.049   1.00 37.60  ? 208 SER B CA  1 
ATOM 1594 C C   . SER B 2 97  ? 8.414   3.833   1.308   1.00 13.53  ? 208 SER B C   1 
ATOM 1595 O O   . SER B 2 97  ? 7.731   3.388   0.392   1.00 4.65   ? 208 SER B O   1 
ATOM 1596 C CB  . SER B 2 97  ? 10.699  3.861   0.447   1.00 19.20  ? 208 SER B CB  1 
ATOM 1597 O OG  . SER B 2 97  ? 10.402  3.357   -0.853  1.00 3.04   ? 208 SER B OG  1 
ATOM 1598 N N   . TYR B 2 98  ? 8.216   3.477   2.550   1.00 12.85  ? 209 TYR B N   1 
ATOM 1599 C CA  . TYR B 2 98  ? 7.304   2.374   2.783   1.00 11.38  ? 209 TYR B CA  1 
ATOM 1600 C C   . TYR B 2 98  ? 6.752   2.610   4.133   1.00 15.61  ? 209 TYR B C   1 
ATOM 1601 O O   . TYR B 2 98  ? 6.956   3.683   4.701   1.00 15.17  ? 209 TYR B O   1 
ATOM 1602 C CB  . TYR B 2 98  ? 7.979   0.997   2.829   1.00 14.38  ? 209 TYR B CB  1 
ATOM 1603 C CG  . TYR B 2 98  ? 9.023   0.846   3.927   1.00 20.46  ? 209 TYR B CG  1 
ATOM 1604 C CD1 . TYR B 2 98  ? 10.278  1.212   3.677   1.00 20.83  ? 209 TYR B CD1 1 
ATOM 1605 C CD2 . TYR B 2 98  ? 8.716   0.356   5.143   1.00 39.53  ? 209 TYR B CD2 1 
ATOM 1606 C CE1 . TYR B 2 98  ? 11.195  1.125   4.646   1.00 55.75  ? 209 TYR B CE1 1 
ATOM 1607 C CE2 . TYR B 2 98  ? 9.620   0.287   6.117   1.00 63.72  ? 209 TYR B CE2 1 
ATOM 1608 C CZ  . TYR B 2 98  ? 10.870  0.671   5.861   1.00 72.03  ? 209 TYR B CZ  1 
ATOM 1609 O OH  . TYR B 2 98  ? 11.819  0.579   6.837   1.00 94.87  ? 209 TYR B OH  1 
ATOM 1610 N N   . PHE B 2 99  ? 6.031   1.582   4.568   1.00 20.69  ? 210 PHE B N   1 
ATOM 1611 C CA  . PHE B 2 99  ? 5.300   1.609   5.819   1.00 25.18  ? 210 PHE B CA  1 
ATOM 1612 C C   . PHE B 2 99  ? 5.711   0.398   6.682   1.00 35.46  ? 210 PHE B C   1 
ATOM 1613 O O   . PHE B 2 99  ? 5.697   -0.738  6.236   1.00 38.25  ? 210 PHE B O   1 
ATOM 1614 C CB  . PHE B 2 99  ? 3.788   1.600   5.494   1.00 23.69  ? 210 PHE B CB  1 
ATOM 1615 C CG  . PHE B 2 99  ? 3.438   2.742   4.560   1.00 20.70  ? 210 PHE B CG  1 
ATOM 1616 C CD1 . PHE B 2 99  ? 4.074   3.908   4.714   1.00 17.80  ? 210 PHE B CD1 1 
ATOM 1617 C CD2 . PHE B 2 99  ? 2.810   2.488   3.407   1.00 20.65  ? 210 PHE B CD2 1 
ATOM 1618 C CE1 . PHE B 2 99  ? 4.224   4.740   3.673   1.00 16.23  ? 210 PHE B CE1 1 
ATOM 1619 C CE2 . PHE B 2 99  ? 2.866   3.374   2.402   1.00 18.45  ? 210 PHE B CE2 1 
ATOM 1620 C CZ  . PHE B 2 99  ? 3.610   4.478   2.516   1.00 16.49  ? 210 PHE B CZ  1 
ATOM 1621 N N   . ASP B 2 100 ? 6.116   0.646   7.906   1.00 43.65  ? 211 ASP B N   1 
ATOM 1622 C CA  . ASP B 2 100 ? 6.088   -0.349  8.977   1.00 56.04  ? 211 ASP B CA  1 
ATOM 1623 C C   . ASP B 2 100 ? 4.632   -0.628  9.519   1.00 55.59  ? 211 ASP B C   1 
ATOM 1624 O O   . ASP B 2 100 ? 3.924   0.244   9.988   1.00 50.30  ? 211 ASP B O   1 
ATOM 1625 C CB  . ASP B 2 100 ? 7.173   0.159   9.959   1.00 64.76  ? 211 ASP B CB  1 
ATOM 1626 C CG  . ASP B 2 100 ? 7.319   1.686   10.013  1.00 51.28  ? 211 ASP B CG  1 
ATOM 1627 O OD1 . ASP B 2 100 ? 6.285   2.353   9.959   1.00 43.61  ? 211 ASP B OD1 1 
ATOM 1628 O OD2 . ASP B 2 100 ? 8.399   2.239   10.314  1.00 56.96  ? 211 ASP B OD2 1 
ATOM 1629 N N   . PHE B 2 101 ? 4.211   -1.892  9.445   1.00 63.48  ? 212 PHE B N   1 
ATOM 1630 C CA  . PHE B 2 101 ? 2.819   -2.432  9.618   1.00 66.33  ? 212 PHE B CA  1 
ATOM 1631 C C   . PHE B 2 101 ? 1.592   -1.802  8.886   1.00 54.20  ? 212 PHE B C   1 
ATOM 1632 O O   . PHE B 2 101 ? 1.814   -1.036  7.968   1.00 43.99  ? 212 PHE B O   1 
ATOM 1633 C CB  . PHE B 2 101 ? 2.995   -3.842  9.020   1.00 74.66  ? 212 PHE B CB  1 
ATOM 1634 C CG  . PHE B 2 101 ? 3.296   -3.767  7.525   1.00 63.66  ? 212 PHE B CG  1 
ATOM 1635 C CD1 . PHE B 2 101 ? 2.285   -3.667  6.646   1.00 54.83  ? 212 PHE B CD1 1 
ATOM 1636 C CD2 . PHE B 2 101 ? 4.556   -3.721  7.070   1.00 60.43  ? 212 PHE B CD2 1 
ATOM 1637 C CE1 . PHE B 2 101 ? 2.510   -3.395  5.362   1.00 45.88  ? 212 PHE B CE1 1 
ATOM 1638 C CE2 . PHE B 2 101 ? 4.780   -3.469  5.783   1.00 50.16  ? 212 PHE B CE2 1 
ATOM 1639 C CZ  . PHE B 2 101 ? 3.766   -3.277  4.935   1.00 43.65  ? 212 PHE B CZ  1 
ATOM 1640 N N   . TRP B 2 102 ? 0.307   -2.020  9.135   1.00 53.87  ? 213 TRP B N   1 
ATOM 1641 C CA  . TRP B 2 102 ? -0.056  -2.445  10.501  1.00 65.02  ? 213 TRP B CA  1 
ATOM 1642 C C   . TRP B 2 102 ? -1.531  -2.342  10.795  1.00 63.07  ? 213 TRP B C   1 
ATOM 1643 O O   . TRP B 2 102 ? -1.967  -2.524  11.935  1.00 72.00  ? 213 TRP B O   1 
ATOM 1644 C CB  . TRP B 2 102 ? 0.725   -1.564  11.509  1.00 65.15  ? 213 TRP B CB  1 
ATOM 1645 C CG  . TRP B 2 102 ? 0.460   -0.070  11.426  1.00 52.09  ? 213 TRP B CG  1 
ATOM 1646 C CD1 . TRP B 2 102 ? 0.747   0.684   10.419  1.00 41.36  ? 213 TRP B CD1 1 
ATOM 1647 C CD2 . TRP B 2 102 ? -0.147  0.850   12.309  1.00 48.62  ? 213 TRP B CD2 1 
ATOM 1648 N NE1 . TRP B 2 102 ? 0.073   1.841   10.736  1.00 33.73  ? 213 TRP B NE1 1 
ATOM 1649 C CE2 . TRP B 2 102 ? -0.113  2.075   11.795  1.00 37.01  ? 213 TRP B CE2 1 
ATOM 1650 C CE3 . TRP B 2 102 ? -0.757  0.698   13.409  1.00 54.41  ? 213 TRP B CE3 1 
ATOM 1651 C CZ2 . TRP B 2 102 ? -0.665  3.192   12.243  1.00 33.95  ? 213 TRP B CZ2 1 
ATOM 1652 C CZ3 . TRP B 2 102 ? -1.295  1.813   13.963  1.00 48.89  ? 213 TRP B CZ3 1 
ATOM 1653 C CH2 . TRP B 2 102 ? -1.248  3.054   13.400  1.00 38.08  ? 213 TRP B CH2 1 
ATOM 1654 N N   . GLY B 2 103 ? -2.291  -2.029  9.763   1.00 52.14  ? 214 GLY B N   1 
ATOM 1655 C CA  . GLY B 2 103 ? -3.724  -1.897  9.972   1.00 50.36  ? 214 GLY B CA  1 
ATOM 1656 C C   . GLY B 2 103 ? -4.377  -3.190  9.527   1.00 59.41  ? 214 GLY B C   1 
ATOM 1657 O O   . GLY B 2 103 ? -3.870  -3.840  8.612   1.00 58.87  ? 214 GLY B O   1 
ATOM 1658 N N   . GLN B 2 104 ? -5.503  -3.562  10.136  1.00 67.03  ? 215 GLN B N   1 
ATOM 1659 C CA  . GLN B 2 104 ? -6.153  -4.795  9.701   1.00 74.25  ? 215 GLN B CA  1 
ATOM 1660 C C   . GLN B 2 104 ? -7.356  -4.468  8.819   1.00 67.51  ? 215 GLN B C   1 
ATOM 1661 O O   . GLN B 2 104 ? -8.073  -5.361  8.362   1.00 72.97  ? 215 GLN B O   1 
ATOM 1662 C CB  . GLN B 2 104 ? -6.554  -5.688  10.881  1.00 90.43  ? 215 GLN B CB  1 
ATOM 1663 C CG  . GLN B 2 104 ? -6.882  -7.101  10.391  1.00 98.16  ? 215 GLN B CG  1 
ATOM 1664 C CD  . GLN B 2 104 ? -7.163  -8.088  11.505  1.00 112.99 ? 215 GLN B CD  1 
ATOM 1665 O OE1 . GLN B 2 104 ? -8.263  -8.614  11.623  1.00 118.08 ? 215 GLN B OE1 1 
ATOM 1666 N NE2 . GLN B 2 104 ? -6.191  -8.382  12.324  1.00 119.50 ? 215 GLN B NE2 1 
ATOM 1667 N N   . GLY B 2 105 ? -7.587  -3.179  8.580   1.00 55.77  ? 216 GLY B N   1 
ATOM 1668 C CA  . GLY B 2 105 ? -8.679  -2.794  7.690   1.00 48.93  ? 216 GLY B CA  1 
ATOM 1669 C C   . GLY B 2 105 ? -9.816  -2.150  8.475   1.00 48.75  ? 216 GLY B C   1 
ATOM 1670 O O   . GLY B 2 105 ? -9.663  -1.849  9.667   1.00 53.71  ? 216 GLY B O   1 
ATOM 1671 N N   . THR B 2 106 ? -10.933 -1.976  7.747   1.00 44.22  ? 217 THR B N   1 
ATOM 1672 C CA  . THR B 2 106 ? -12.140 -1.357  8.256   1.00 42.56  ? 217 THR B CA  1 
ATOM 1673 C C   . THR B 2 106 ? -12.983 -0.954  7.034   1.00 35.57  ? 217 THR B C   1 
ATOM 1674 O O   . THR B 2 106 ? -12.683 0.012   6.328   1.00 28.52  ? 217 THR B O   1 
ATOM 1675 C CB  . THR B 2 106 ? -11.742 -0.153  9.103   1.00 41.54  ? 217 THR B CB  1 
ATOM 1676 O OG1 . THR B 2 106 ? -12.883 0.348   9.700   1.00 43.18  ? 217 THR B OG1 1 
ATOM 1677 C CG2 . THR B 2 106 ? -11.142 0.999   8.358   1.00 32.24  ? 217 THR B CG2 1 
ATOM 1678 N N   . THR B 2 107 ? -13.998 -1.771  6.761   1.00 38.29  ? 218 THR B N   1 
ATOM 1679 C CA  . THR B 2 107 ? -14.780 -1.669  5.518   1.00 34.78  ? 218 THR B CA  1 
ATOM 1680 C C   . THR B 2 107 ? -15.823 -0.551  5.542   1.00 28.73  ? 218 THR B C   1 
ATOM 1681 O O   . THR B 2 107 ? -16.760 -0.561  6.348   1.00 29.98  ? 218 THR B O   1 
ATOM 1682 C CB  . THR B 2 107 ? -15.514 -3.003  5.219   1.00 41.45  ? 218 THR B CB  1 
ATOM 1683 O OG1 . THR B 2 107 ? -15.956 -3.064  3.854   1.00 41.55  ? 218 THR B OG1 1 
ATOM 1684 C CG2 . THR B 2 107 ? -16.661 -3.318  6.194   1.00 43.97  ? 218 THR B CG2 1 
ATOM 1685 N N   . LEU B 2 108 ? -15.675 0.390   4.616   1.00 25.46  ? 219 LEU B N   1 
ATOM 1686 C CA  . LEU B 2 108 ? -16.703 1.407   4.417   1.00 24.39  ? 219 LEU B CA  1 
ATOM 1687 C C   . LEU B 2 108 ? -17.481 1.056   3.176   1.00 26.39  ? 219 LEU B C   1 
ATOM 1688 O O   . LEU B 2 108 ? -16.916 0.674   2.147   1.00 27.85  ? 219 LEU B O   1 
ATOM 1689 C CB  . LEU B 2 108 ? -16.069 2.760   4.115   1.00 24.00  ? 219 LEU B CB  1 
ATOM 1690 C CG  . LEU B 2 108 ? -17.039 3.889   3.758   1.00 25.97  ? 219 LEU B CG  1 
ATOM 1691 C CD1 . LEU B 2 108 ? -17.987 4.202   4.911   1.00 28.75  ? 219 LEU B CD1 1 
ATOM 1692 C CD2 . LEU B 2 108 ? -16.215 5.116   3.395   1.00 27.64  ? 219 LEU B CD2 1 
ATOM 1693 N N   . THR B 2 109 ? -18.790 1.198   3.275   1.00 26.61  ? 220 THR B N   1 
ATOM 1694 C CA  . THR B 2 109 ? -19.645 0.841   2.155   1.00 30.12  ? 220 THR B CA  1 
ATOM 1695 C C   . THR B 2 109 ? -20.622 1.975   1.841   1.00 28.69  ? 220 THR B C   1 
ATOM 1696 O O   . THR B 2 109 ? -21.522 2.228   2.641   1.00 26.57  ? 220 THR B O   1 
ATOM 1697 C CB  . THR B 2 109 ? -20.400 -0.451  2.511   1.00 33.48  ? 220 THR B CB  1 
ATOM 1698 O OG1 . THR B 2 109 ? -19.556 -1.429  3.120   1.00 35.36  ? 220 THR B OG1 1 
ATOM 1699 C CG2 . THR B 2 109 ? -21.064 -1.056  1.281   1.00 39.14  ? 220 THR B CG2 1 
ATOM 1700 N N   . VAL B 2 110 ? -20.465 2.648   0.701   1.00 31.36  ? 221 VAL B N   1 
ATOM 1701 C CA  . VAL B 2 110 ? -21.376 3.748   0.376   1.00 32.00  ? 221 VAL B CA  1 
ATOM 1702 C C   . VAL B 2 110 ? -22.566 3.313   -0.455  1.00 38.47  ? 221 VAL B C   1 
ATOM 1703 O O   . VAL B 2 110 ? -22.484 3.345   -1.654  1.00 43.60  ? 221 VAL B O   1 
ATOM 1704 C CB  . VAL B 2 110 ? -20.687 4.878   -0.408  1.00 33.60  ? 221 VAL B CB  1 
ATOM 1705 C CG1 . VAL B 2 110 ? -21.667 6.011   -0.732  1.00 36.30  ? 221 VAL B CG1 1 
ATOM 1706 C CG2 . VAL B 2 110 ? -19.529 5.447   0.404   1.00 29.32  ? 221 VAL B CG2 1 
ATOM 1707 N N   . SER B 2 111 ? -23.771 3.154   -0.025  1.00 41.15  ? 222 SER B N   1 
ATOM 1708 C CA  . SER B 2 111 ? -24.831 2.769   -0.955  1.00 49.81  ? 222 SER B CA  1 
ATOM 1709 C C   . SER B 2 111 ? -26.182 3.364   -0.545  1.00 55.36  ? 222 SER B C   1 
ATOM 1710 O O   . SER B 2 111 ? -26.440 3.488   0.671   1.00 51.16  ? 222 SER B O   1 
ATOM 1711 C CB  . SER B 2 111 ? -24.973 1.238   -0.980  1.00 50.81  ? 222 SER B CB  1 
ATOM 1712 O OG  . SER B 2 111 ? -26.029 0.806   -1.841  1.00 60.25  ? 222 SER B OG  1 
ATOM 1713 O OXT . SER B 2 111 ? -26.997 3.711   -1.428  1.00 65.39  ? 222 SER B OXT 1 
# 
